data_7SC2
# 
_entry.id   7SC2 
# 
_audit_conform.dict_name       mmcif_pdbx.dic 
_audit_conform.dict_version    5.392 
_audit_conform.dict_location   http://mmcif.pdb.org/dictionaries/ascii/mmcif_pdbx.dic 
# 
loop_
_database_2.database_id 
_database_2.database_code 
_database_2.pdbx_database_accession 
_database_2.pdbx_DOI 
PDB   7SC2         pdb_00007sc2 10.2210/pdb7sc2/pdb 
WWPDB D_1000259430 ?            ?                   
# 
loop_
_pdbx_audit_revision_history.ordinal 
_pdbx_audit_revision_history.data_content_type 
_pdbx_audit_revision_history.major_revision 
_pdbx_audit_revision_history.minor_revision 
_pdbx_audit_revision_history.revision_date 
1 'Structure model' 1 0 2021-12-01 
2 'Structure model' 1 1 2022-01-05 
3 'Structure model' 1 2 2022-01-12 
4 'Structure model' 1 3 2024-05-22 
# 
_pdbx_audit_revision_details.ordinal             1 
_pdbx_audit_revision_details.revision_ordinal    1 
_pdbx_audit_revision_details.data_content_type   'Structure model' 
_pdbx_audit_revision_details.provider            repository 
_pdbx_audit_revision_details.type                'Initial release' 
_pdbx_audit_revision_details.description         ? 
_pdbx_audit_revision_details.details             ? 
# 
loop_
_pdbx_audit_revision_group.ordinal 
_pdbx_audit_revision_group.revision_ordinal 
_pdbx_audit_revision_group.data_content_type 
_pdbx_audit_revision_group.group 
1 2 'Structure model' 'Database references' 
2 3 'Structure model' 'Database references' 
3 4 'Structure model' 'Data collection'     
# 
loop_
_pdbx_audit_revision_category.ordinal 
_pdbx_audit_revision_category.revision_ordinal 
_pdbx_audit_revision_category.data_content_type 
_pdbx_audit_revision_category.category 
1 2 'Structure model' citation       
2 3 'Structure model' citation       
3 4 'Structure model' chem_comp_atom 
4 4 'Structure model' chem_comp_bond 
# 
loop_
_pdbx_audit_revision_item.ordinal 
_pdbx_audit_revision_item.revision_ordinal 
_pdbx_audit_revision_item.data_content_type 
_pdbx_audit_revision_item.item 
1 2 'Structure model' '_citation.journal_volume'          
2 2 'Structure model' '_citation.page_first'              
3 2 'Structure model' '_citation.page_last'               
4 2 'Structure model' '_citation.pdbx_database_id_DOI'    
5 2 'Structure model' '_citation.title'                   
6 2 'Structure model' '_citation.year'                    
7 3 'Structure model' '_citation.pdbx_database_id_PubMed' 
8 3 'Structure model' '_citation.title'                   
# 
_pdbx_database_status.status_code                     REL 
_pdbx_database_status.status_code_sf                  REL 
_pdbx_database_status.status_code_mr                  ? 
_pdbx_database_status.entry_id                        7SC2 
_pdbx_database_status.recvd_initial_deposition_date   2021-09-27 
_pdbx_database_status.SG_entry                        N 
_pdbx_database_status.deposit_site                    RCSB 
_pdbx_database_status.process_site                    RCSB 
_pdbx_database_status.status_code_cs                  ? 
_pdbx_database_status.status_code_nmr_data            ? 
_pdbx_database_status.methods_development_category    ? 
_pdbx_database_status.pdb_format_compatible           Y 
# 
_pdbx_contact_author.id                 2 
_pdbx_contact_author.email              sackjs@gmail.com 
_pdbx_contact_author.name_first         John 
_pdbx_contact_author.name_last          Sack 
_pdbx_contact_author.name_mi            ? 
_pdbx_contact_author.role               'principal investigator/group leader' 
_pdbx_contact_author.identifier_ORCID   0000-0003-1542-9515 
# 
_audit_author.name               'Sack, J.S.' 
_audit_author.pdbx_ordinal       1 
_audit_author.identifier_ORCID   0000-0003-1542-9515 
# 
_citation.abstract                  ? 
_citation.abstract_id_CAS           ? 
_citation.book_id_ISBN              ? 
_citation.book_publisher            ? 
_citation.book_publisher_city       ? 
_citation.book_title                ? 
_citation.coordinate_linkage        ? 
_citation.country                   US 
_citation.database_id_Medline       ? 
_citation.details                   ? 
_citation.id                        primary 
_citation.journal_abbrev            'Acta Crystallogr.,Sect.F' 
_citation.journal_id_ASTM           ACSFEN 
_citation.journal_id_CSD            ? 
_citation.journal_id_ISSN           2053-230X 
_citation.journal_full              ? 
_citation.journal_issue             ? 
_citation.journal_volume            78 
_citation.language                  ? 
_citation.page_first                17 
_citation.page_last                 24 
_citation.title                     'X-ray structure of a human cardiac muscle troponin C/troponin I chimera in two crystal forms.' 
_citation.year                      2022 
_citation.database_id_CSD           ? 
_citation.pdbx_database_id_DOI      10.1107/S2053230X21012395 
_citation.pdbx_database_id_PubMed   34981771 
_citation.pdbx_database_id_patent   ? 
_citation.unpublished_flag          ? 
# 
loop_
_citation_author.citation_id 
_citation_author.name 
_citation_author.ordinal 
_citation_author.identifier_ORCID 
primary 'Yan, C.'    1 ? 
primary 'Sack, J.S.' 2 ? 
# 
loop_
_entity.id 
_entity.type 
_entity.src_method 
_entity.pdbx_description 
_entity.formula_weight 
_entity.pdbx_number_of_molecules 
_entity.pdbx_ec 
_entity.pdbx_mutation 
_entity.pdbx_fragment 
_entity.details 
1 polymer     man 'Troponin C, slow skeletal and cardiac muscles,Troponin I, cardiac muscle chimera' 13300.194 1  ? 'C35S, C84S' ? 
? 
2 non-polymer syn 'CALCIUM ION'                                                                      40.078    1  ? ?            ? 
? 
3 water       nat water                                                                              18.015    28 ? ?            ? 
? 
# 
_entity_name_com.entity_id   1 
_entity_name_com.name        'TN-C,Cardiac troponin I' 
# 
_entity_poly.entity_id                      1 
_entity_poly.type                           'polypeptide(L)' 
_entity_poly.nstd_linkage                   no 
_entity_poly.nstd_monomer                   no 
_entity_poly.pdbx_seq_one_letter_code       
;MDDIYKAAVEQLTEEQKNEFKAAFDIFVLGAEDGSISTKELGKVMRMLGQNPTPEELQEMIDEVDEDGSGTVDFDEFLVM
MVRSMKDDSKGKFKRPTLRRVRISADAMMQALLGARAK
;
_entity_poly.pdbx_seq_one_letter_code_can   
;MDDIYKAAVEQLTEEQKNEFKAAFDIFVLGAEDGSISTKELGKVMRMLGQNPTPEELQEMIDEVDEDGSGTVDFDEFLVM
MVRSMKDDSKGKFKRPTLRRVRISADAMMQALLGARAK
;
_entity_poly.pdbx_strand_id                 A 
_entity_poly.pdbx_target_identifier         ? 
# 
loop_
_pdbx_entity_nonpoly.entity_id 
_pdbx_entity_nonpoly.name 
_pdbx_entity_nonpoly.comp_id 
2 'CALCIUM ION' CA  
3 water         HOH 
# 
loop_
_entity_poly_seq.entity_id 
_entity_poly_seq.num 
_entity_poly_seq.mon_id 
_entity_poly_seq.hetero 
1 1   MET n 
1 2   ASP n 
1 3   ASP n 
1 4   ILE n 
1 5   TYR n 
1 6   LYS n 
1 7   ALA n 
1 8   ALA n 
1 9   VAL n 
1 10  GLU n 
1 11  GLN n 
1 12  LEU n 
1 13  THR n 
1 14  GLU n 
1 15  GLU n 
1 16  GLN n 
1 17  LYS n 
1 18  ASN n 
1 19  GLU n 
1 20  PHE n 
1 21  LYS n 
1 22  ALA n 
1 23  ALA n 
1 24  PHE n 
1 25  ASP n 
1 26  ILE n 
1 27  PHE n 
1 28  VAL n 
1 29  LEU n 
1 30  GLY n 
1 31  ALA n 
1 32  GLU n 
1 33  ASP n 
1 34  GLY n 
1 35  SER n 
1 36  ILE n 
1 37  SER n 
1 38  THR n 
1 39  LYS n 
1 40  GLU n 
1 41  LEU n 
1 42  GLY n 
1 43  LYS n 
1 44  VAL n 
1 45  MET n 
1 46  ARG n 
1 47  MET n 
1 48  LEU n 
1 49  GLY n 
1 50  GLN n 
1 51  ASN n 
1 52  PRO n 
1 53  THR n 
1 54  PRO n 
1 55  GLU n 
1 56  GLU n 
1 57  LEU n 
1 58  GLN n 
1 59  GLU n 
1 60  MET n 
1 61  ILE n 
1 62  ASP n 
1 63  GLU n 
1 64  VAL n 
1 65  ASP n 
1 66  GLU n 
1 67  ASP n 
1 68  GLY n 
1 69  SER n 
1 70  GLY n 
1 71  THR n 
1 72  VAL n 
1 73  ASP n 
1 74  PHE n 
1 75  ASP n 
1 76  GLU n 
1 77  PHE n 
1 78  LEU n 
1 79  VAL n 
1 80  MET n 
1 81  MET n 
1 82  VAL n 
1 83  ARG n 
1 84  SER n 
1 85  MET n 
1 86  LYS n 
1 87  ASP n 
1 88  ASP n 
1 89  SER n 
1 90  LYS n 
1 91  GLY n 
1 92  LYS n 
1 93  PHE n 
1 94  LYS n 
1 95  ARG n 
1 96  PRO n 
1 97  THR n 
1 98  LEU n 
1 99  ARG n 
1 100 ARG n 
1 101 VAL n 
1 102 ARG n 
1 103 ILE n 
1 104 SER n 
1 105 ALA n 
1 106 ASP n 
1 107 ALA n 
1 108 MET n 
1 109 MET n 
1 110 GLN n 
1 111 ALA n 
1 112 LEU n 
1 113 LEU n 
1 114 GLY n 
1 115 ALA n 
1 116 ARG n 
1 117 ALA n 
1 118 LYS n 
# 
loop_
_entity_src_gen.entity_id 
_entity_src_gen.pdbx_src_id 
_entity_src_gen.pdbx_alt_source_flag 
_entity_src_gen.pdbx_seq_type 
_entity_src_gen.pdbx_beg_seq_num 
_entity_src_gen.pdbx_end_seq_num 
_entity_src_gen.gene_src_common_name 
_entity_src_gen.gene_src_genus 
_entity_src_gen.pdbx_gene_src_gene 
_entity_src_gen.gene_src_species 
_entity_src_gen.gene_src_strain 
_entity_src_gen.gene_src_tissue 
_entity_src_gen.gene_src_tissue_fraction 
_entity_src_gen.gene_src_details 
_entity_src_gen.pdbx_gene_src_fragment 
_entity_src_gen.pdbx_gene_src_scientific_name 
_entity_src_gen.pdbx_gene_src_ncbi_taxonomy_id 
_entity_src_gen.pdbx_gene_src_variant 
_entity_src_gen.pdbx_gene_src_cell_line 
_entity_src_gen.pdbx_gene_src_atcc 
_entity_src_gen.pdbx_gene_src_organ 
_entity_src_gen.pdbx_gene_src_organelle 
_entity_src_gen.pdbx_gene_src_cell 
_entity_src_gen.pdbx_gene_src_cellular_location 
_entity_src_gen.host_org_common_name 
_entity_src_gen.pdbx_host_org_scientific_name 
_entity_src_gen.pdbx_host_org_ncbi_taxonomy_id 
_entity_src_gen.host_org_genus 
_entity_src_gen.pdbx_host_org_gene 
_entity_src_gen.pdbx_host_org_organ 
_entity_src_gen.host_org_species 
_entity_src_gen.pdbx_host_org_tissue 
_entity_src_gen.pdbx_host_org_tissue_fraction 
_entity_src_gen.pdbx_host_org_strain 
_entity_src_gen.pdbx_host_org_variant 
_entity_src_gen.pdbx_host_org_cell_line 
_entity_src_gen.pdbx_host_org_atcc 
_entity_src_gen.pdbx_host_org_culture_collection 
_entity_src_gen.pdbx_host_org_cell 
_entity_src_gen.pdbx_host_org_organelle 
_entity_src_gen.pdbx_host_org_cellular_location 
_entity_src_gen.pdbx_host_org_vector_type 
_entity_src_gen.pdbx_host_org_vector 
_entity_src_gen.host_org_details 
_entity_src_gen.expression_system_id 
_entity_src_gen.plasmid_name 
_entity_src_gen.plasmid_details 
_entity_src_gen.pdbx_description 
1 1 sample 'Biological sequence' 1  92  Human ? 'TNNC1, TNNC'  ? ? ? ? ? ? 'Homo sapiens' 9606 ? ? ? ? ? ? ? ? 
'Escherichia coli BL21(DE3)' 469008 ? ? ? ? ? ? 'BL21(DE3)' ? ? ? ? ? ? ? ? ? ? ? ? ? ? 
1 2 sample 'Biological sequence' 93 118 Human ? 'TNNI3, TNNC1' ? ? ? ? ? ? 'Homo sapiens' 9606 ? ? ? ? ? ? ? ? 
'Escherichia coli BL21(DE3)' 469008 ? ? ? ? ? ? 'BL21(DE3)' ? ? ? ? ? ? ? ? ? ? ? ? ? ? 
# 
loop_
_chem_comp.id 
_chem_comp.type 
_chem_comp.mon_nstd_flag 
_chem_comp.name 
_chem_comp.pdbx_synonyms 
_chem_comp.formula 
_chem_comp.formula_weight 
ALA 'L-peptide linking' y ALANINE         ? 'C3 H7 N O2'     89.093  
ARG 'L-peptide linking' y ARGININE        ? 'C6 H15 N4 O2 1' 175.209 
ASN 'L-peptide linking' y ASPARAGINE      ? 'C4 H8 N2 O3'    132.118 
ASP 'L-peptide linking' y 'ASPARTIC ACID' ? 'C4 H7 N O4'     133.103 
CA  non-polymer         . 'CALCIUM ION'   ? 'Ca 2'           40.078  
CYS 'L-peptide linking' y CYSTEINE        ? 'C3 H7 N O2 S'   121.158 
GLN 'L-peptide linking' y GLUTAMINE       ? 'C5 H10 N2 O3'   146.144 
GLU 'L-peptide linking' y 'GLUTAMIC ACID' ? 'C5 H9 N O4'     147.129 
GLY 'peptide linking'   y GLYCINE         ? 'C2 H5 N O2'     75.067  
HOH non-polymer         . WATER           ? 'H2 O'           18.015  
ILE 'L-peptide linking' y ISOLEUCINE      ? 'C6 H13 N O2'    131.173 
LEU 'L-peptide linking' y LEUCINE         ? 'C6 H13 N O2'    131.173 
LYS 'L-peptide linking' y LYSINE          ? 'C6 H15 N2 O2 1' 147.195 
MET 'L-peptide linking' y METHIONINE      ? 'C5 H11 N O2 S'  149.211 
PHE 'L-peptide linking' y PHENYLALANINE   ? 'C9 H11 N O2'    165.189 
PRO 'L-peptide linking' y PROLINE         ? 'C5 H9 N O2'     115.130 
SER 'L-peptide linking' y SERINE          ? 'C3 H7 N O3'     105.093 
THR 'L-peptide linking' y THREONINE       ? 'C4 H9 N O3'     119.119 
TYR 'L-peptide linking' y TYROSINE        ? 'C9 H11 N O3'    181.189 
VAL 'L-peptide linking' y VALINE          ? 'C5 H11 N O2'    117.146 
# 
loop_
_pdbx_poly_seq_scheme.asym_id 
_pdbx_poly_seq_scheme.entity_id 
_pdbx_poly_seq_scheme.seq_id 
_pdbx_poly_seq_scheme.mon_id 
_pdbx_poly_seq_scheme.ndb_seq_num 
_pdbx_poly_seq_scheme.pdb_seq_num 
_pdbx_poly_seq_scheme.auth_seq_num 
_pdbx_poly_seq_scheme.pdb_mon_id 
_pdbx_poly_seq_scheme.auth_mon_id 
_pdbx_poly_seq_scheme.pdb_strand_id 
_pdbx_poly_seq_scheme.pdb_ins_code 
_pdbx_poly_seq_scheme.hetero 
A 1 1   MET 1   1   ?   ?   ?   A . n 
A 1 2   ASP 2   2   ?   ?   ?   A . n 
A 1 3   ASP 3   3   3   ASP ASP A . n 
A 1 4   ILE 4   4   4   ILE ILE A . n 
A 1 5   TYR 5   5   5   TYR TYR A . n 
A 1 6   LYS 6   6   6   LYS LYS A . n 
A 1 7   ALA 7   7   7   ALA ALA A . n 
A 1 8   ALA 8   8   8   ALA ALA A . n 
A 1 9   VAL 9   9   9   VAL VAL A . n 
A 1 10  GLU 10  10  10  GLU GLU A . n 
A 1 11  GLN 11  11  11  GLN GLN A . n 
A 1 12  LEU 12  12  12  LEU LEU A . n 
A 1 13  THR 13  13  13  THR THR A . n 
A 1 14  GLU 14  14  14  GLU GLU A . n 
A 1 15  GLU 15  15  15  GLU GLU A . n 
A 1 16  GLN 16  16  16  GLN GLN A . n 
A 1 17  LYS 17  17  17  LYS LYS A . n 
A 1 18  ASN 18  18  18  ASN ASN A . n 
A 1 19  GLU 19  19  19  GLU GLU A . n 
A 1 20  PHE 20  20  20  PHE PHE A . n 
A 1 21  LYS 21  21  21  LYS LYS A . n 
A 1 22  ALA 22  22  22  ALA ALA A . n 
A 1 23  ALA 23  23  23  ALA ALA A . n 
A 1 24  PHE 24  24  24  PHE PHE A . n 
A 1 25  ASP 25  25  25  ASP ASP A . n 
A 1 26  ILE 26  26  26  ILE ILE A . n 
A 1 27  PHE 27  27  27  PHE PHE A . n 
A 1 28  VAL 28  28  28  VAL VAL A . n 
A 1 29  LEU 29  29  29  LEU LEU A . n 
A 1 30  GLY 30  30  30  GLY GLY A . n 
A 1 31  ALA 31  31  31  ALA ALA A . n 
A 1 32  GLU 32  32  32  GLU GLU A . n 
A 1 33  ASP 33  33  33  ASP ASP A . n 
A 1 34  GLY 34  34  34  GLY GLY A . n 
A 1 35  SER 35  35  35  SER SER A . n 
A 1 36  ILE 36  36  36  ILE ILE A . n 
A 1 37  SER 37  37  37  SER SER A . n 
A 1 38  THR 38  38  38  THR THR A . n 
A 1 39  LYS 39  39  39  LYS LYS A . n 
A 1 40  GLU 40  40  40  GLU GLU A . n 
A 1 41  LEU 41  41  41  LEU LEU A . n 
A 1 42  GLY 42  42  42  GLY GLY A . n 
A 1 43  LYS 43  43  43  LYS LYS A . n 
A 1 44  VAL 44  44  44  VAL VAL A . n 
A 1 45  MET 45  45  45  MET MET A . n 
A 1 46  ARG 46  46  46  ARG ARG A . n 
A 1 47  MET 47  47  47  MET MET A . n 
A 1 48  LEU 48  48  48  LEU LEU A . n 
A 1 49  GLY 49  49  49  GLY GLY A . n 
A 1 50  GLN 50  50  50  GLN GLN A . n 
A 1 51  ASN 51  51  51  ASN ASN A . n 
A 1 52  PRO 52  52  52  PRO PRO A . n 
A 1 53  THR 53  53  53  THR THR A . n 
A 1 54  PRO 54  54  54  PRO PRO A . n 
A 1 55  GLU 55  55  55  GLU GLU A . n 
A 1 56  GLU 56  56  56  GLU GLU A . n 
A 1 57  LEU 57  57  57  LEU LEU A . n 
A 1 58  GLN 58  58  58  GLN GLN A . n 
A 1 59  GLU 59  59  59  GLU GLU A . n 
A 1 60  MET 60  60  60  MET MET A . n 
A 1 61  ILE 61  61  61  ILE ILE A . n 
A 1 62  ASP 62  62  62  ASP ASP A . n 
A 1 63  GLU 63  63  63  GLU GLU A . n 
A 1 64  VAL 64  64  64  VAL VAL A . n 
A 1 65  ASP 65  65  65  ASP ASP A . n 
A 1 66  GLU 66  66  66  GLU GLU A . n 
A 1 67  ASP 67  67  67  ASP ASP A . n 
A 1 68  GLY 68  68  68  GLY GLY A . n 
A 1 69  SER 69  69  69  SER SER A . n 
A 1 70  GLY 70  70  70  GLY GLY A . n 
A 1 71  THR 71  71  71  THR THR A . n 
A 1 72  VAL 72  72  72  VAL VAL A . n 
A 1 73  ASP 73  73  73  ASP ASP A . n 
A 1 74  PHE 74  74  74  PHE PHE A . n 
A 1 75  ASP 75  75  75  ASP ASP A . n 
A 1 76  GLU 76  76  76  GLU GLU A . n 
A 1 77  PHE 77  77  77  PHE PHE A . n 
A 1 78  LEU 78  78  78  LEU LEU A . n 
A 1 79  VAL 79  79  79  VAL VAL A . n 
A 1 80  MET 80  80  80  MET MET A . n 
A 1 81  MET 81  81  81  MET MET A . n 
A 1 82  VAL 82  82  82  VAL VAL A . n 
A 1 83  ARG 83  83  83  ARG ARG A . n 
A 1 84  SER 84  84  84  SER SER A . n 
A 1 85  MET 85  85  85  MET MET A . n 
A 1 86  LYS 86  86  86  LYS LYS A . n 
A 1 87  ASP 87  132 ?   ?   ?   A . n 
A 1 88  ASP 88  133 ?   ?   ?   A . n 
A 1 89  SER 89  134 ?   ?   ?   A . n 
A 1 90  LYS 90  135 ?   ?   ?   A . n 
A 1 91  GLY 91  136 136 GLY GLY A . n 
A 1 92  LYS 92  137 137 LYS LYS A . n 
A 1 93  PHE 93  138 138 PHE PHE A . n 
A 1 94  LYS 94  139 139 LYS LYS A . n 
A 1 95  ARG 95  140 140 ARG ARG A . n 
A 1 96  PRO 96  141 141 PRO PRO A . n 
A 1 97  THR 97  142 142 THR THR A . n 
A 1 98  LEU 98  143 143 LEU LEU A . n 
A 1 99  ARG 99  144 144 ARG ARG A . n 
A 1 100 ARG 100 145 145 ARG ARG A . n 
A 1 101 VAL 101 146 146 VAL VAL A . n 
A 1 102 ARG 102 147 147 ARG ARG A . n 
A 1 103 ILE 103 148 148 ILE ILE A . n 
A 1 104 SER 104 149 149 SER SER A . n 
A 1 105 ALA 105 150 150 ALA ALA A . n 
A 1 106 ASP 106 151 151 ASP ASP A . n 
A 1 107 ALA 107 152 152 ALA ALA A . n 
A 1 108 MET 108 153 153 MET MET A . n 
A 1 109 MET 109 154 154 MET MET A . n 
A 1 110 GLN 110 155 155 GLN GLN A . n 
A 1 111 ALA 111 156 156 ALA ALA A . n 
A 1 112 LEU 112 157 157 LEU LEU A . n 
A 1 113 LEU 113 158 158 LEU LEU A . n 
A 1 114 GLY 114 159 159 GLY GLY A . n 
A 1 115 ALA 115 160 160 ALA ALA A . n 
A 1 116 ARG 116 161 161 ARG ARG A . n 
A 1 117 ALA 117 162 ?   ?   ?   A . n 
A 1 118 LYS 118 163 ?   ?   ?   A . n 
# 
loop_
_pdbx_nonpoly_scheme.asym_id 
_pdbx_nonpoly_scheme.entity_id 
_pdbx_nonpoly_scheme.mon_id 
_pdbx_nonpoly_scheme.ndb_seq_num 
_pdbx_nonpoly_scheme.pdb_seq_num 
_pdbx_nonpoly_scheme.auth_seq_num 
_pdbx_nonpoly_scheme.pdb_mon_id 
_pdbx_nonpoly_scheme.auth_mon_id 
_pdbx_nonpoly_scheme.pdb_strand_id 
_pdbx_nonpoly_scheme.pdb_ins_code 
B 2 CA  1  201 1  CA  CA  A . 
C 3 HOH 1  301 12 HOH HOH A . 
C 3 HOH 2  302 10 HOH HOH A . 
C 3 HOH 3  303 22 HOH HOH A . 
C 3 HOH 4  304 26 HOH HOH A . 
C 3 HOH 5  305 11 HOH HOH A . 
C 3 HOH 6  306 4  HOH HOH A . 
C 3 HOH 7  307 19 HOH HOH A . 
C 3 HOH 8  308 7  HOH HOH A . 
C 3 HOH 9  309 24 HOH HOH A . 
C 3 HOH 10 310 20 HOH HOH A . 
C 3 HOH 11 311 29 HOH HOH A . 
C 3 HOH 12 312 14 HOH HOH A . 
C 3 HOH 13 313 25 HOH HOH A . 
C 3 HOH 14 314 8  HOH HOH A . 
C 3 HOH 15 315 15 HOH HOH A . 
C 3 HOH 16 316 18 HOH HOH A . 
C 3 HOH 17 317 16 HOH HOH A . 
C 3 HOH 18 318 21 HOH HOH A . 
C 3 HOH 19 319 28 HOH HOH A . 
C 3 HOH 20 320 2  HOH HOH A . 
C 3 HOH 21 321 6  HOH HOH A . 
C 3 HOH 22 322 3  HOH HOH A . 
C 3 HOH 23 323 23 HOH HOH A . 
C 3 HOH 24 324 17 HOH HOH A . 
C 3 HOH 25 325 5  HOH HOH A . 
C 3 HOH 26 326 27 HOH HOH A . 
C 3 HOH 27 327 13 HOH HOH A . 
C 3 HOH 28 328 9  HOH HOH A . 
# 
loop_
_pdbx_unobs_or_zero_occ_atoms.id 
_pdbx_unobs_or_zero_occ_atoms.PDB_model_num 
_pdbx_unobs_or_zero_occ_atoms.polymer_flag 
_pdbx_unobs_or_zero_occ_atoms.occupancy_flag 
_pdbx_unobs_or_zero_occ_atoms.auth_asym_id 
_pdbx_unobs_or_zero_occ_atoms.auth_comp_id 
_pdbx_unobs_or_zero_occ_atoms.auth_seq_id 
_pdbx_unobs_or_zero_occ_atoms.PDB_ins_code 
_pdbx_unobs_or_zero_occ_atoms.auth_atom_id 
_pdbx_unobs_or_zero_occ_atoms.label_alt_id 
_pdbx_unobs_or_zero_occ_atoms.label_asym_id 
_pdbx_unobs_or_zero_occ_atoms.label_comp_id 
_pdbx_unobs_or_zero_occ_atoms.label_seq_id 
_pdbx_unobs_or_zero_occ_atoms.label_atom_id 
1  1 Y 1 A ASP 3   ? CG  ? A ASP 3   CG  
2  1 Y 1 A ASP 3   ? OD1 ? A ASP 3   OD1 
3  1 Y 1 A ASP 3   ? OD2 ? A ASP 3   OD2 
4  1 Y 1 A TYR 5   ? CE1 ? A TYR 5   CE1 
5  1 Y 1 A TYR 5   ? CE2 ? A TYR 5   CE2 
6  1 Y 1 A TYR 5   ? CZ  ? A TYR 5   CZ  
7  1 Y 1 A TYR 5   ? OH  ? A TYR 5   OH  
8  1 Y 1 A LYS 6   ? CG  ? A LYS 6   CG  
9  1 Y 1 A LYS 6   ? CD  ? A LYS 6   CD  
10 1 Y 1 A LYS 6   ? CE  ? A LYS 6   CE  
11 1 Y 1 A LYS 6   ? NZ  ? A LYS 6   NZ  
12 1 Y 1 A ALA 7   ? CB  ? A ALA 7   CB  
13 1 Y 1 A GLU 10  ? CD  ? A GLU 10  CD  
14 1 Y 1 A GLU 10  ? OE1 ? A GLU 10  OE1 
15 1 Y 1 A GLU 10  ? OE2 ? A GLU 10  OE2 
16 1 Y 1 A GLN 11  ? CG  ? A GLN 11  CG  
17 1 Y 1 A GLN 11  ? CD  ? A GLN 11  CD  
18 1 Y 1 A GLN 11  ? OE1 ? A GLN 11  OE1 
19 1 Y 1 A GLN 11  ? NE2 ? A GLN 11  NE2 
20 1 Y 1 A GLU 14  ? CG  ? A GLU 14  CG  
21 1 Y 1 A GLU 14  ? CD  ? A GLU 14  CD  
22 1 Y 1 A GLU 14  ? OE1 ? A GLU 14  OE1 
23 1 Y 1 A GLU 14  ? OE2 ? A GLU 14  OE2 
24 1 Y 1 A GLU 15  ? CG  ? A GLU 15  CG  
25 1 Y 1 A GLU 15  ? CD  ? A GLU 15  CD  
26 1 Y 1 A GLU 15  ? OE1 ? A GLU 15  OE1 
27 1 Y 1 A GLU 15  ? OE2 ? A GLU 15  OE2 
28 1 Y 1 A LYS 17  ? CD  ? A LYS 17  CD  
29 1 Y 1 A LYS 17  ? CE  ? A LYS 17  CE  
30 1 Y 1 A LYS 17  ? NZ  ? A LYS 17  NZ  
31 1 Y 1 A ASN 18  ? CG  ? A ASN 18  CG  
32 1 Y 1 A ASN 18  ? OD1 ? A ASN 18  OD1 
33 1 Y 1 A ASN 18  ? ND2 ? A ASN 18  ND2 
34 1 Y 1 A GLU 19  ? CG  ? A GLU 19  CG  
35 1 Y 1 A GLU 19  ? CD  ? A GLU 19  CD  
36 1 Y 1 A GLU 19  ? OE1 ? A GLU 19  OE1 
37 1 Y 1 A GLU 19  ? OE2 ? A GLU 19  OE2 
38 1 Y 1 A GLU 32  ? CG  ? A GLU 32  CG  
39 1 Y 1 A GLU 32  ? CD  ? A GLU 32  CD  
40 1 Y 1 A GLU 32  ? OE1 ? A GLU 32  OE1 
41 1 Y 1 A GLU 32  ? OE2 ? A GLU 32  OE2 
42 1 Y 1 A LYS 39  ? CD  ? A LYS 39  CD  
43 1 Y 1 A LYS 39  ? CE  ? A LYS 39  CE  
44 1 Y 1 A LYS 39  ? NZ  ? A LYS 39  NZ  
45 1 Y 1 A LYS 43  ? NZ  ? A LYS 43  NZ  
46 1 Y 1 A GLU 66  ? CD  ? A GLU 66  CD  
47 1 Y 1 A GLU 66  ? OE1 ? A GLU 66  OE1 
48 1 Y 1 A GLU 66  ? OE2 ? A GLU 66  OE2 
49 1 Y 1 A ASP 75  ? OD1 ? A ASP 75  OD1 
50 1 Y 1 A ASP 75  ? OD2 ? A ASP 75  OD2 
51 1 Y 1 A MET 85  ? CE  ? A MET 85  CE  
52 1 Y 1 A LYS 86  ? CG  ? A LYS 86  CG  
53 1 Y 1 A LYS 86  ? CD  ? A LYS 86  CD  
54 1 Y 1 A LYS 86  ? CE  ? A LYS 86  CE  
55 1 Y 1 A LYS 86  ? NZ  ? A LYS 86  NZ  
56 1 Y 1 A LYS 137 ? CD  ? A LYS 92  CD  
57 1 Y 1 A LYS 137 ? CE  ? A LYS 92  CE  
58 1 Y 1 A LYS 137 ? NZ  ? A LYS 92  NZ  
59 1 Y 1 A ARG 140 ? CG  ? A ARG 95  CG  
60 1 Y 1 A ARG 140 ? CD  ? A ARG 95  CD  
61 1 Y 1 A ARG 140 ? NE  ? A ARG 95  NE  
62 1 Y 1 A ARG 140 ? CZ  ? A ARG 95  CZ  
63 1 Y 1 A ARG 140 ? NH1 ? A ARG 95  NH1 
64 1 Y 1 A ARG 140 ? NH2 ? A ARG 95  NH2 
65 1 Y 1 A ARG 161 ? CG  ? A ARG 116 CG  
66 1 Y 1 A ARG 161 ? CD  ? A ARG 116 CD  
67 1 Y 1 A ARG 161 ? NE  ? A ARG 116 NE  
68 1 Y 1 A ARG 161 ? CZ  ? A ARG 116 CZ  
69 1 Y 1 A ARG 161 ? NH1 ? A ARG 116 NH1 
70 1 Y 1 A ARG 161 ? NH2 ? A ARG 116 NH2 
# 
loop_
_software.citation_id 
_software.classification 
_software.compiler_name 
_software.compiler_version 
_software.contact_author 
_software.contact_author_email 
_software.date 
_software.description 
_software.dependencies 
_software.hardware 
_software.language 
_software.location 
_software.mods 
_software.name 
_software.os 
_software.os_version 
_software.type 
_software.version 
_software.pdbx_ordinal 
? 'data reduction' ? ? ? ? ? ? ? ? ? ? ? XDS     ? ? ? .                     1 
? 'data scaling'   ? ? ? ? ? ? ? ? ? ? ? Aimless ? ? ? .                     2 
? refinement       ? ? ? ? ? ? ? ? ? ? ? BUSTER  ? ? ? '2.11.7 (6-FEB-2020)' 3 
# 
_cell.angle_alpha                  90.00 
_cell.angle_alpha_esd              ? 
_cell.angle_beta                   90.00 
_cell.angle_beta_esd               ? 
_cell.angle_gamma                  90.00 
_cell.angle_gamma_esd              ? 
_cell.entry_id                     7SC2 
_cell.details                      ? 
_cell.formula_units_Z              ? 
_cell.length_a                     40.935 
_cell.length_a_esd                 ? 
_cell.length_b                     40.935 
_cell.length_b_esd                 ? 
_cell.length_c                     128.932 
_cell.length_c_esd                 ? 
_cell.volume                       ? 
_cell.volume_esd                   ? 
_cell.Z_PDB                        8 
_cell.reciprocal_angle_alpha       ? 
_cell.reciprocal_angle_beta        ? 
_cell.reciprocal_angle_gamma       ? 
_cell.reciprocal_angle_alpha_esd   ? 
_cell.reciprocal_angle_beta_esd    ? 
_cell.reciprocal_angle_gamma_esd   ? 
_cell.reciprocal_length_a          ? 
_cell.reciprocal_length_b          ? 
_cell.reciprocal_length_c          ? 
_cell.reciprocal_length_a_esd      ? 
_cell.reciprocal_length_b_esd      ? 
_cell.reciprocal_length_c_esd      ? 
_cell.pdbx_unique_axis             ? 
# 
_symmetry.entry_id                         7SC2 
_symmetry.cell_setting                     ? 
_symmetry.Int_Tables_number                96 
_symmetry.space_group_name_Hall            ? 
_symmetry.space_group_name_H-M             'P 43 21 2' 
_symmetry.pdbx_full_space_group_name_H-M   ? 
# 
_exptl.absorpt_coefficient_mu     ? 
_exptl.absorpt_correction_T_max   ? 
_exptl.absorpt_correction_T_min   ? 
_exptl.absorpt_correction_type    ? 
_exptl.absorpt_process_details    ? 
_exptl.entry_id                   7SC2 
_exptl.crystals_number            1 
_exptl.details                    ? 
_exptl.method                     'X-RAY DIFFRACTION' 
_exptl.method_details             ? 
# 
_exptl_crystal.colour                      ? 
_exptl_crystal.density_diffrn              ? 
_exptl_crystal.density_Matthews            2.03 
_exptl_crystal.density_method              ? 
_exptl_crystal.density_percent_sol         39.42 
_exptl_crystal.description                 ? 
_exptl_crystal.F_000                       ? 
_exptl_crystal.id                          1 
_exptl_crystal.preparation                 ? 
_exptl_crystal.size_max                    ? 
_exptl_crystal.size_mid                    ? 
_exptl_crystal.size_min                    ? 
_exptl_crystal.size_rad                    ? 
_exptl_crystal.colour_lustre               ? 
_exptl_crystal.colour_modifier             ? 
_exptl_crystal.colour_primary              ? 
_exptl_crystal.density_meas                ? 
_exptl_crystal.density_meas_esd            ? 
_exptl_crystal.density_meas_gt             ? 
_exptl_crystal.density_meas_lt             ? 
_exptl_crystal.density_meas_temp           ? 
_exptl_crystal.density_meas_temp_esd       ? 
_exptl_crystal.density_meas_temp_gt        ? 
_exptl_crystal.density_meas_temp_lt        ? 
_exptl_crystal.pdbx_crystal_image_url      ? 
_exptl_crystal.pdbx_crystal_image_format   ? 
_exptl_crystal.pdbx_mosaicity              ? 
_exptl_crystal.pdbx_mosaicity_esd          ? 
# 
_exptl_crystal_grow.apparatus       ? 
_exptl_crystal_grow.atmosphere      ? 
_exptl_crystal_grow.crystal_id      1 
_exptl_crystal_grow.details         ? 
_exptl_crystal_grow.method          'VAPOR DIFFUSION, HANGING DROP' 
_exptl_crystal_grow.method_ref      ? 
_exptl_crystal_grow.pH              4.5 
_exptl_crystal_grow.pressure        ? 
_exptl_crystal_grow.pressure_esd    ? 
_exptl_crystal_grow.seeding         ? 
_exptl_crystal_grow.seeding_ref     ? 
_exptl_crystal_grow.temp            293 
_exptl_crystal_grow.temp_details    ? 
_exptl_crystal_grow.temp_esd        ? 
_exptl_crystal_grow.time            ? 
_exptl_crystal_grow.pdbx_details    
;22% PEG 4000,                            
0.1M NA ACETATE PH 4.5, 0.2M NAH4-ACETATE
;
_exptl_crystal_grow.pdbx_pH_range   ? 
# 
_diffrn.ambient_environment              ? 
_diffrn.ambient_temp                     100 
_diffrn.ambient_temp_details             ? 
_diffrn.ambient_temp_esd                 ? 
_diffrn.crystal_id                       1 
_diffrn.crystal_support                  ? 
_diffrn.crystal_treatment                ? 
_diffrn.details                          ? 
_diffrn.id                               1 
_diffrn.ambient_pressure                 ? 
_diffrn.ambient_pressure_esd             ? 
_diffrn.ambient_pressure_gt              ? 
_diffrn.ambient_pressure_lt              ? 
_diffrn.ambient_temp_gt                  ? 
_diffrn.ambient_temp_lt                  ? 
_diffrn.pdbx_serial_crystal_experiment   N 
# 
_diffrn_detector.details                      ? 
_diffrn_detector.detector                     PIXEL 
_diffrn_detector.diffrn_id                    1 
_diffrn_detector.type                         'DECTRIS PILATUS 6M' 
_diffrn_detector.area_resol_mean              ? 
_diffrn_detector.dtime                        ? 
_diffrn_detector.pdbx_frames_total            ? 
_diffrn_detector.pdbx_collection_time_total   ? 
_diffrn_detector.pdbx_collection_date         2019-10-22 
_diffrn_detector.pdbx_frequency               ? 
# 
_diffrn_radiation.collimation                      ? 
_diffrn_radiation.diffrn_id                        1 
_diffrn_radiation.filter_edge                      ? 
_diffrn_radiation.inhomogeneity                    ? 
_diffrn_radiation.monochromator                    ? 
_diffrn_radiation.polarisn_norm                    ? 
_diffrn_radiation.polarisn_ratio                   ? 
_diffrn_radiation.probe                            ? 
_diffrn_radiation.type                             ? 
_diffrn_radiation.xray_symbol                      ? 
_diffrn_radiation.wavelength_id                    1 
_diffrn_radiation.pdbx_monochromatic_or_laue_m_l   M 
_diffrn_radiation.pdbx_wavelength_list             ? 
_diffrn_radiation.pdbx_wavelength                  ? 
_diffrn_radiation.pdbx_diffrn_protocol             'SINGLE WAVELENGTH' 
_diffrn_radiation.pdbx_analyzer                    ? 
_diffrn_radiation.pdbx_scattering_type             x-ray 
# 
_diffrn_radiation_wavelength.id           1 
_diffrn_radiation_wavelength.wavelength   1.0 
_diffrn_radiation_wavelength.wt           1.0 
# 
_diffrn_source.current                     ? 
_diffrn_source.details                     ? 
_diffrn_source.diffrn_id                   1 
_diffrn_source.power                       ? 
_diffrn_source.size                        ? 
_diffrn_source.source                      SYNCHROTRON 
_diffrn_source.target                      ? 
_diffrn_source.type                        'APS BEAMLINE 17-ID' 
_diffrn_source.voltage                     ? 
_diffrn_source.take-off_angle              ? 
_diffrn_source.pdbx_wavelength_list        1.0 
_diffrn_source.pdbx_wavelength             ? 
_diffrn_source.pdbx_synchrotron_beamline   17-ID 
_diffrn_source.pdbx_synchrotron_site       APS 
# 
_reflns.B_iso_Wilson_estimate                          48.41 
_reflns.entry_id                                       7SC2 
_reflns.data_reduction_details                         ? 
_reflns.data_reduction_method                          ? 
_reflns.d_resolution_high                              1.81 
_reflns.d_resolution_low                               39.02 
_reflns.details                                        ? 
_reflns.limit_h_max                                    ? 
_reflns.limit_h_min                                    ? 
_reflns.limit_k_max                                    ? 
_reflns.limit_k_min                                    ? 
_reflns.limit_l_max                                    ? 
_reflns.limit_l_min                                    ? 
_reflns.number_all                                     ? 
_reflns.number_obs                                     8344 
_reflns.observed_criterion                             ? 
_reflns.observed_criterion_F_max                       ? 
_reflns.observed_criterion_F_min                       ? 
_reflns.observed_criterion_I_max                       ? 
_reflns.observed_criterion_I_min                       ? 
_reflns.observed_criterion_sigma_F                     ? 
_reflns.observed_criterion_sigma_I                     0. 
_reflns.percent_possible_obs                           78.5 
_reflns.R_free_details                                 ? 
_reflns.Rmerge_F_all                                   ? 
_reflns.Rmerge_F_obs                                   ? 
_reflns.Friedel_coverage                               ? 
_reflns.number_gt                                      ? 
_reflns.threshold_expression                           ? 
_reflns.pdbx_redundancy                                12.3 
_reflns.pdbx_Rmerge_I_obs                              0.070 
_reflns.pdbx_Rmerge_I_all                              ? 
_reflns.pdbx_Rsym_value                                ? 
_reflns.pdbx_netI_over_av_sigmaI                       ? 
_reflns.pdbx_netI_over_sigmaI                          16.4 
_reflns.pdbx_res_netI_over_av_sigmaI_2                 ? 
_reflns.pdbx_res_netI_over_sigmaI_2                    ? 
_reflns.pdbx_chi_squared                               ? 
_reflns.pdbx_scaling_rejects                           ? 
_reflns.pdbx_d_res_high_opt                            ? 
_reflns.pdbx_d_res_low_opt                             ? 
_reflns.pdbx_d_res_opt_method                          ? 
_reflns.phase_calculation_details                      ? 
_reflns.pdbx_Rrim_I_all                                ? 
_reflns.pdbx_Rpim_I_all                                ? 
_reflns.pdbx_d_opt                                     ? 
_reflns.pdbx_number_measured_all                       ? 
_reflns.pdbx_diffrn_id                                 1 
_reflns.pdbx_ordinal                                   1 
_reflns.pdbx_CC_half                                   ? 
_reflns.pdbx_CC_star                                   ? 
_reflns.pdbx_R_split                                   ? 
_reflns.pdbx_aniso_diffraction_limit_axis_1_ortho[1]   ? 
_reflns.pdbx_aniso_diffraction_limit_axis_1_ortho[2]   ? 
_reflns.pdbx_aniso_diffraction_limit_axis_1_ortho[3]   ? 
_reflns.pdbx_aniso_diffraction_limit_axis_2_ortho[1]   ? 
_reflns.pdbx_aniso_diffraction_limit_axis_2_ortho[2]   ? 
_reflns.pdbx_aniso_diffraction_limit_axis_2_ortho[3]   ? 
_reflns.pdbx_aniso_diffraction_limit_axis_3_ortho[1]   ? 
_reflns.pdbx_aniso_diffraction_limit_axis_3_ortho[2]   ? 
_reflns.pdbx_aniso_diffraction_limit_axis_3_ortho[3]   ? 
_reflns.pdbx_aniso_diffraction_limit_1                 ? 
_reflns.pdbx_aniso_diffraction_limit_2                 ? 
_reflns.pdbx_aniso_diffraction_limit_3                 ? 
_reflns.pdbx_aniso_B_tensor_eigenvector_1_ortho[1]     ? 
_reflns.pdbx_aniso_B_tensor_eigenvector_1_ortho[2]     ? 
_reflns.pdbx_aniso_B_tensor_eigenvector_1_ortho[3]     ? 
_reflns.pdbx_aniso_B_tensor_eigenvector_2_ortho[1]     ? 
_reflns.pdbx_aniso_B_tensor_eigenvector_2_ortho[2]     ? 
_reflns.pdbx_aniso_B_tensor_eigenvector_2_ortho[3]     ? 
_reflns.pdbx_aniso_B_tensor_eigenvector_3_ortho[1]     ? 
_reflns.pdbx_aniso_B_tensor_eigenvector_3_ortho[2]     ? 
_reflns.pdbx_aniso_B_tensor_eigenvector_3_ortho[3]     ? 
_reflns.pdbx_aniso_B_tensor_eigenvalue_1               ? 
_reflns.pdbx_aniso_B_tensor_eigenvalue_2               ? 
_reflns.pdbx_aniso_B_tensor_eigenvalue_3               ? 
_reflns.pdbx_orthogonalization_convention              ? 
_reflns.pdbx_percent_possible_ellipsoidal              ? 
_reflns.pdbx_percent_possible_spherical                ? 
_reflns.pdbx_percent_possible_ellipsoidal_anomalous    ? 
_reflns.pdbx_percent_possible_spherical_anomalous      ? 
_reflns.pdbx_redundancy_anomalous                      ? 
_reflns.pdbx_CC_half_anomalous                         ? 
_reflns.pdbx_absDiff_over_sigma_anomalous              ? 
_reflns.pdbx_percent_possible_anomalous                ? 
_reflns.pdbx_observed_signal_threshold                 ? 
_reflns.pdbx_signal_type                               ? 
_reflns.pdbx_signal_details                            ? 
_reflns.pdbx_signal_software_id                        ? 
# 
_reflns_shell.d_res_high                                    1.81 
_reflns_shell.d_res_low                                     1.95 
_reflns_shell.meanI_over_sigI_all                           ? 
_reflns_shell.meanI_over_sigI_obs                           1.2 
_reflns_shell.number_measured_all                           ? 
_reflns_shell.number_measured_obs                           ? 
_reflns_shell.number_possible                               ? 
_reflns_shell.number_unique_all                             ? 
_reflns_shell.number_unique_obs                             384 
_reflns_shell.percent_possible_all                          21.2 
_reflns_shell.percent_possible_obs                          ? 
_reflns_shell.Rmerge_F_all                                  ? 
_reflns_shell.Rmerge_F_obs                                  ? 
_reflns_shell.Rmerge_I_all                                  ? 
_reflns_shell.Rmerge_I_obs                                  2.347 
_reflns_shell.meanI_over_sigI_gt                            ? 
_reflns_shell.meanI_over_uI_all                             ? 
_reflns_shell.meanI_over_uI_gt                              ? 
_reflns_shell.number_measured_gt                            ? 
_reflns_shell.number_unique_gt                              ? 
_reflns_shell.percent_possible_gt                           ? 
_reflns_shell.Rmerge_F_gt                                   ? 
_reflns_shell.Rmerge_I_gt                                   ? 
_reflns_shell.pdbx_redundancy                               12.5 
_reflns_shell.pdbx_Rsym_value                               ? 
_reflns_shell.pdbx_chi_squared                              ? 
_reflns_shell.pdbx_netI_over_sigmaI_all                     ? 
_reflns_shell.pdbx_netI_over_sigmaI_obs                     ? 
_reflns_shell.pdbx_Rrim_I_all                               ? 
_reflns_shell.pdbx_Rpim_I_all                               ? 
_reflns_shell.pdbx_rejects                                  ? 
_reflns_shell.pdbx_ordinal                                  1 
_reflns_shell.pdbx_diffrn_id                                1 
_reflns_shell.pdbx_CC_half                                  ? 
_reflns_shell.pdbx_CC_star                                  ? 
_reflns_shell.pdbx_R_split                                  ? 
_reflns_shell.pdbx_percent_possible_ellipsoidal             ? 
_reflns_shell.pdbx_percent_possible_spherical               ? 
_reflns_shell.pdbx_percent_possible_ellipsoidal_anomalous   ? 
_reflns_shell.pdbx_percent_possible_spherical_anomalous     ? 
_reflns_shell.pdbx_redundancy_anomalous                     ? 
_reflns_shell.pdbx_CC_half_anomalous                        ? 
_reflns_shell.pdbx_absDiff_over_sigma_anomalous             ? 
_reflns_shell.pdbx_percent_possible_anomalous               ? 
# 
_refine.aniso_B[1][1]                            -0.31380 
_refine.aniso_B[1][2]                            0.00000 
_refine.aniso_B[1][3]                            0.00000 
_refine.aniso_B[2][2]                            -0.31380 
_refine.aniso_B[2][3]                            0.00000 
_refine.aniso_B[3][3]                            0.62760 
_refine.B_iso_max                                ? 
_refine.B_iso_mean                               50.56 
_refine.B_iso_min                                ? 
_refine.correlation_coeff_Fo_to_Fc               0.942 
_refine.correlation_coeff_Fo_to_Fc_free          0.944 
_refine.details                                  ? 
_refine.diff_density_max                         ? 
_refine.diff_density_max_esd                     ? 
_refine.diff_density_min                         ? 
_refine.diff_density_min_esd                     ? 
_refine.diff_density_rms                         ? 
_refine.diff_density_rms_esd                     ? 
_refine.entry_id                                 7SC2 
_refine.pdbx_refine_id                           'X-RAY DIFFRACTION' 
_refine.ls_abs_structure_details                 ? 
_refine.ls_abs_structure_Flack                   ? 
_refine.ls_abs_structure_Flack_esd               ? 
_refine.ls_abs_structure_Rogers                  ? 
_refine.ls_abs_structure_Rogers_esd              ? 
_refine.ls_d_res_high                            1.814 
_refine.ls_d_res_low                             39.02 
_refine.ls_extinction_coef                       ? 
_refine.ls_extinction_coef_esd                   ? 
_refine.ls_extinction_expression                 ? 
_refine.ls_extinction_method                     ? 
_refine.ls_goodness_of_fit_all                   ? 
_refine.ls_goodness_of_fit_all_esd               ? 
_refine.ls_goodness_of_fit_obs                   ? 
_refine.ls_goodness_of_fit_obs_esd               ? 
_refine.ls_hydrogen_treatment                    ? 
_refine.ls_matrix_type                           ? 
_refine.ls_number_constraints                    ? 
_refine.ls_number_parameters                     ? 
_refine.ls_number_reflns_all                     ? 
_refine.ls_number_reflns_obs                     8344 
_refine.ls_number_reflns_R_free                  422 
_refine.ls_number_reflns_R_work                  ? 
_refine.ls_number_restraints                     ? 
_refine.ls_percent_reflns_obs                    78.5 
_refine.ls_percent_reflns_R_free                 5.060 
_refine.ls_R_factor_all                          ? 
_refine.ls_R_factor_obs                          0.2230 
_refine.ls_R_factor_R_free                       0.2391 
_refine.ls_R_factor_R_free_error                 ? 
_refine.ls_R_factor_R_free_error_details         ? 
_refine.ls_R_factor_R_work                       0.2222 
_refine.ls_R_Fsqd_factor_obs                     ? 
_refine.ls_R_I_factor_obs                        ? 
_refine.ls_redundancy_reflns_all                 ? 
_refine.ls_redundancy_reflns_obs                 ? 
_refine.ls_restrained_S_all                      ? 
_refine.ls_restrained_S_obs                      ? 
_refine.ls_shift_over_esd_max                    ? 
_refine.ls_shift_over_esd_mean                   ? 
_refine.ls_structure_factor_coef                 ? 
_refine.ls_weighting_details                     ? 
_refine.ls_weighting_scheme                      ? 
_refine.ls_wR_factor_all                         ? 
_refine.ls_wR_factor_obs                         ? 
_refine.ls_wR_factor_R_free                      ? 
_refine.ls_wR_factor_R_work                      ? 
_refine.occupancy_max                            ? 
_refine.occupancy_min                            ? 
_refine.solvent_model_details                    ? 
_refine.solvent_model_param_bsol                 ? 
_refine.solvent_model_param_ksol                 ? 
_refine.pdbx_R_complete                          ? 
_refine.ls_R_factor_gt                           ? 
_refine.ls_goodness_of_fit_gt                    ? 
_refine.ls_goodness_of_fit_ref                   ? 
_refine.ls_shift_over_su_max                     ? 
_refine.ls_shift_over_su_max_lt                  ? 
_refine.ls_shift_over_su_mean                    ? 
_refine.ls_shift_over_su_mean_lt                 ? 
_refine.pdbx_ls_sigma_I                          ? 
_refine.pdbx_ls_sigma_F                          0.000 
_refine.pdbx_ls_sigma_Fsqd                       ? 
_refine.pdbx_data_cutoff_high_absF               ? 
_refine.pdbx_data_cutoff_high_rms_absF           ? 
_refine.pdbx_data_cutoff_low_absF                ? 
_refine.pdbx_isotropic_thermal_model             ? 
_refine.pdbx_ls_cross_valid_method               THROUGHOUT 
_refine.pdbx_method_to_determine_struct          'MOLECULAR REPLACEMENT' 
_refine.pdbx_starting_model                      ? 
_refine.pdbx_stereochemistry_target_values       ? 
_refine.pdbx_R_Free_selection_details            RANDOM 
_refine.pdbx_stereochem_target_val_spec_case     ? 
_refine.pdbx_overall_ESU_R                       ? 
_refine.pdbx_overall_ESU_R_Free                  ? 
_refine.pdbx_solvent_vdw_probe_radii             ? 
_refine.pdbx_solvent_ion_probe_radii             ? 
_refine.pdbx_solvent_shrinkage_radii             ? 
_refine.pdbx_real_space_R                        ? 
_refine.pdbx_density_correlation                 ? 
_refine.pdbx_pd_number_of_powder_patterns        ? 
_refine.pdbx_pd_number_of_points                 ? 
_refine.pdbx_pd_meas_number_of_points            ? 
_refine.pdbx_pd_proc_ls_prof_R_factor            ? 
_refine.pdbx_pd_proc_ls_prof_wR_factor           ? 
_refine.pdbx_pd_Marquardt_correlation_coeff      ? 
_refine.pdbx_pd_Fsqrd_R_factor                   ? 
_refine.pdbx_pd_ls_matrix_band_width             ? 
_refine.pdbx_overall_phase_error                 ? 
_refine.pdbx_overall_SU_R_free_Cruickshank_DPI   0.148 
_refine.pdbx_overall_SU_R_free_Blow_DPI          0.153 
_refine.pdbx_overall_SU_R_Blow_DPI               0.189 
_refine.pdbx_TLS_residual_ADP_flag               ? 
_refine.pdbx_diffrn_id                           1 
_refine.overall_SU_B                             ? 
_refine.overall_SU_ML                            ? 
_refine.overall_SU_R_Cruickshank_DPI             0.177 
_refine.overall_SU_R_free                        ? 
_refine.overall_FOM_free_R_set                   ? 
_refine.overall_FOM_work_R_set                   ? 
_refine.pdbx_average_fsc_overall                 ? 
_refine.pdbx_average_fsc_work                    ? 
_refine.pdbx_average_fsc_free                    ? 
# 
_refine_analyze.entry_id                        7SC2 
_refine_analyze.pdbx_refine_id                  'X-RAY DIFFRACTION' 
_refine_analyze.Luzzati_coordinate_error_free   ? 
_refine_analyze.Luzzati_coordinate_error_obs    0.33 
_refine_analyze.Luzzati_d_res_low_free          ? 
_refine_analyze.Luzzati_d_res_low_obs           ? 
_refine_analyze.Luzzati_sigma_a_free            ? 
_refine_analyze.Luzzati_sigma_a_free_details    ? 
_refine_analyze.Luzzati_sigma_a_obs             ? 
_refine_analyze.Luzzati_sigma_a_obs_details     ? 
_refine_analyze.number_disordered_residues      ? 
_refine_analyze.occupancy_sum_hydrogen          ? 
_refine_analyze.occupancy_sum_non_hydrogen      ? 
_refine_analyze.RG_d_res_high                   ? 
_refine_analyze.RG_d_res_low                    ? 
_refine_analyze.RG_free                         ? 
_refine_analyze.RG_work                         ? 
_refine_analyze.RG_free_work_ratio              ? 
_refine_analyze.pdbx_Luzzati_d_res_high_obs     ? 
# 
_refine_hist.pdbx_refine_id                   'X-RAY DIFFRACTION' 
_refine_hist.cycle_id                         LAST 
_refine_hist.details                          ? 
_refine_hist.d_res_high                       1.814 
_refine_hist.d_res_low                        39.02 
_refine_hist.number_atoms_solvent             29 
_refine_hist.number_atoms_total               833 
_refine_hist.number_reflns_all                ? 
_refine_hist.number_reflns_obs                ? 
_refine_hist.number_reflns_R_free             ? 
_refine_hist.number_reflns_R_work             ? 
_refine_hist.R_factor_all                     ? 
_refine_hist.R_factor_obs                     ? 
_refine_hist.R_factor_R_free                  ? 
_refine_hist.R_factor_R_work                  ? 
_refine_hist.pdbx_number_residues_total       ? 
_refine_hist.pdbx_B_iso_mean_ligand           ? 
_refine_hist.pdbx_B_iso_mean_solvent          ? 
_refine_hist.pdbx_number_atoms_protein        803 
_refine_hist.pdbx_number_atoms_nucleic_acid   0 
_refine_hist.pdbx_number_atoms_ligand         1 
_refine_hist.pdbx_number_atoms_lipid          ? 
_refine_hist.pdbx_number_atoms_carb           ? 
_refine_hist.pdbx_pseudo_atom_details         ? 
# 
loop_
_refine_ls_restr.pdbx_refine_id 
_refine_ls_restr.criterion 
_refine_ls_restr.dev_ideal 
_refine_ls_restr.dev_ideal_target 
_refine_ls_restr.number 
_refine_ls_restr.rejects 
_refine_ls_restr.type 
_refine_ls_restr.weight 
_refine_ls_restr.pdbx_restraint_function 
'X-RAY DIFFRACTION' ? 0.008 ? 810  ? t_bond_d                  2.00  HARMONIC     
'X-RAY DIFFRACTION' ? 0.83  ? 1090 ? t_angle_deg               2.00  HARMONIC     
'X-RAY DIFFRACTION' ? ?     ? 281  ? t_dihedral_angle_d        2.00  SINUSOIDAL   
'X-RAY DIFFRACTION' ? ?     ? ?    ? t_incorr_chiral_ct        ?     ?            
'X-RAY DIFFRACTION' ? ?     ? ?    ? t_pseud_angle             ?     ?            
'X-RAY DIFFRACTION' ? ?     ? ?    ? t_trig_c_planes           ?     ?            
'X-RAY DIFFRACTION' ? ?     ? 139  ? t_gen_planes              5.00  HARMONIC     
'X-RAY DIFFRACTION' ? ?     ? 810  ? t_it                      10.00 HARMONIC     
'X-RAY DIFFRACTION' ? ?     ? ?    ? t_nbd                     ?     ?            
'X-RAY DIFFRACTION' ? 2.32  ? ?    ? t_omega_torsion           ?     ?            
'X-RAY DIFFRACTION' ? 15.00 ? ?    ? t_other_torsion           ?     ?            
'X-RAY DIFFRACTION' ? ?     ? ?    ? t_improper_torsion        ?     ?            
'X-RAY DIFFRACTION' ? ?     ? 113  ? t_chiral_improper_torsion 5.00  SEMIHARMONIC 
'X-RAY DIFFRACTION' ? ?     ? ?    ? t_sum_occupancies         ?     ?            
'X-RAY DIFFRACTION' ? ?     ? ?    ? t_utility_distance        ?     ?            
'X-RAY DIFFRACTION' ? ?     ? ?    ? t_utility_angle           ?     ?            
'X-RAY DIFFRACTION' ? ?     ? ?    ? t_utility_torsion         ?     ?            
'X-RAY DIFFRACTION' ? ?     ? 712  ? t_ideal_dist_contact      4.00  SEMIHARMONIC 
# 
_refine_ls_shell.pdbx_refine_id                   'X-RAY DIFFRACTION' 
_refine_ls_shell.d_res_high                       1.814 
_refine_ls_shell.d_res_low                        1.94 
_refine_ls_shell.number_reflns_all                ? 
_refine_ls_shell.number_reflns_obs                ? 
_refine_ls_shell.number_reflns_R_free             ? 
_refine_ls_shell.number_reflns_R_work             384 
_refine_ls_shell.percent_reflns_obs               20.92 
_refine_ls_shell.percent_reflns_R_free            3.52 
_refine_ls_shell.R_factor_all                     ? 
_refine_ls_shell.R_factor_obs                     ? 
_refine_ls_shell.R_factor_R_free                  0.2069 
_refine_ls_shell.R_factor_R_free_error            ? 
_refine_ls_shell.R_factor_R_work                  0.2337 
_refine_ls_shell.redundancy_reflns_all            ? 
_refine_ls_shell.redundancy_reflns_obs            ? 
_refine_ls_shell.wR_factor_all                    ? 
_refine_ls_shell.wR_factor_obs                    ? 
_refine_ls_shell.wR_factor_R_free                 ? 
_refine_ls_shell.wR_factor_R_work                 ? 
_refine_ls_shell.pdbx_R_complete                  ? 
_refine_ls_shell.pdbx_total_number_of_bins_used   ? 
_refine_ls_shell.pdbx_phase_error                 ? 
_refine_ls_shell.pdbx_fsc_work                    ? 
_refine_ls_shell.pdbx_fsc_free                    ? 
# 
_struct.entry_id                     7SC2 
_struct.title                        
;CRYSTAL STRUCTURE OF THE N-DOMAIN OF CARDIAC MUSCLE TROPONIN C TETHERED TO THE SWITCH REGION OF CARDIAC MUSCLE TROPONIN I (TETRAGONAL FORM)
;
_struct.pdbx_model_details           ? 
_struct.pdbx_formula_weight          ? 
_struct.pdbx_formula_weight_method   ? 
_struct.pdbx_model_type_details      ? 
_struct.pdbx_CASP_flag               N 
# 
_struct_keywords.entry_id        7SC2 
_struct_keywords.text            
'CALCIUM SENSITIZER, CONTRACTION REGULATION, CONTRACTILE PROTEIN, CARDIAC TROPONIN, MUSCLE REGULATION, CALCIUM-BINDING, EF-HAND' 
_struct_keywords.pdbx_keywords   'CONTRACTILE PROTEIN' 
# 
loop_
_struct_asym.id 
_struct_asym.pdbx_blank_PDB_chainid_flag 
_struct_asym.pdbx_modified 
_struct_asym.entity_id 
_struct_asym.details 
A N N 1 ? 
B N N 2 ? 
C N N 3 ? 
# 
loop_
_struct_ref.id 
_struct_ref.db_name 
_struct_ref.db_code 
_struct_ref.pdbx_db_accession 
_struct_ref.pdbx_db_isoform 
_struct_ref.entity_id 
_struct_ref.pdbx_seq_one_letter_code 
_struct_ref.pdbx_align_begin 
1 UNP TNNC1_HUMAN P63316 ? 1 
;MDDIYKAAVEQLTEEQKNEFKAAFDIFVLGAEDGCISTKELGKVMRMLGQNPTPEELQEMIDEVDEDGSGTVDFDEFLVM
MVRCMKDDSKGK
;
1   
2 UNP TNNI3_HUMAN P19429 ? 1 FKRPTLRRVRISADAMMQALLGARAK                                                                      139 
# 
loop_
_struct_ref_seq.align_id 
_struct_ref_seq.ref_id 
_struct_ref_seq.pdbx_PDB_id_code 
_struct_ref_seq.pdbx_strand_id 
_struct_ref_seq.seq_align_beg 
_struct_ref_seq.pdbx_seq_align_beg_ins_code 
_struct_ref_seq.seq_align_end 
_struct_ref_seq.pdbx_seq_align_end_ins_code 
_struct_ref_seq.pdbx_db_accession 
_struct_ref_seq.db_align_beg 
_struct_ref_seq.pdbx_db_align_beg_ins_code 
_struct_ref_seq.db_align_end 
_struct_ref_seq.pdbx_db_align_end_ins_code 
_struct_ref_seq.pdbx_auth_seq_align_beg 
_struct_ref_seq.pdbx_auth_seq_align_end 
1 1 7SC2 A 1  ? 92  ? P63316 1   ? 92  ? 1   137 
2 2 7SC2 A 93 ? 118 ? P19429 139 ? 164 ? 138 163 
# 
loop_
_struct_ref_seq_dif.align_id 
_struct_ref_seq_dif.pdbx_pdb_id_code 
_struct_ref_seq_dif.mon_id 
_struct_ref_seq_dif.pdbx_pdb_strand_id 
_struct_ref_seq_dif.seq_num 
_struct_ref_seq_dif.pdbx_pdb_ins_code 
_struct_ref_seq_dif.pdbx_seq_db_name 
_struct_ref_seq_dif.pdbx_seq_db_accession_code 
_struct_ref_seq_dif.db_mon_id 
_struct_ref_seq_dif.pdbx_seq_db_seq_num 
_struct_ref_seq_dif.details 
_struct_ref_seq_dif.pdbx_auth_seq_num 
_struct_ref_seq_dif.pdbx_ordinal 
1 7SC2 SER A 35 ? UNP P63316 CYS 35 'engineered mutation' 35 1 
1 7SC2 SER A 84 ? UNP P63316 CYS 84 'engineered mutation' 84 2 
# 
_pdbx_struct_assembly.id                   1 
_pdbx_struct_assembly.details              author_and_software_defined_assembly 
_pdbx_struct_assembly.method_details       PISA 
_pdbx_struct_assembly.oligomeric_details   monomeric 
_pdbx_struct_assembly.oligomeric_count     1 
# 
_pdbx_struct_assembly_gen.assembly_id       1 
_pdbx_struct_assembly_gen.oper_expression   1 
_pdbx_struct_assembly_gen.asym_id_list      A,B,C 
# 
_pdbx_struct_assembly_auth_evidence.id                     1 
_pdbx_struct_assembly_auth_evidence.assembly_id            1 
_pdbx_struct_assembly_auth_evidence.experimental_support   none 
_pdbx_struct_assembly_auth_evidence.details                ? 
# 
_pdbx_struct_oper_list.id                   1 
_pdbx_struct_oper_list.type                 'identity operation' 
_pdbx_struct_oper_list.name                 1_555 
_pdbx_struct_oper_list.symmetry_operation   x,y,z 
_pdbx_struct_oper_list.matrix[1][1]         1.0000000000 
_pdbx_struct_oper_list.matrix[1][2]         0.0000000000 
_pdbx_struct_oper_list.matrix[1][3]         0.0000000000 
_pdbx_struct_oper_list.vector[1]            0.0000000000 
_pdbx_struct_oper_list.matrix[2][1]         0.0000000000 
_pdbx_struct_oper_list.matrix[2][2]         1.0000000000 
_pdbx_struct_oper_list.matrix[2][3]         0.0000000000 
_pdbx_struct_oper_list.vector[2]            0.0000000000 
_pdbx_struct_oper_list.matrix[3][1]         0.0000000000 
_pdbx_struct_oper_list.matrix[3][2]         0.0000000000 
_pdbx_struct_oper_list.matrix[3][3]         1.0000000000 
_pdbx_struct_oper_list.vector[3]            0.0000000000 
# 
loop_
_struct_conf.conf_type_id 
_struct_conf.id 
_struct_conf.pdbx_PDB_helix_id 
_struct_conf.beg_label_comp_id 
_struct_conf.beg_label_asym_id 
_struct_conf.beg_label_seq_id 
_struct_conf.pdbx_beg_PDB_ins_code 
_struct_conf.end_label_comp_id 
_struct_conf.end_label_asym_id 
_struct_conf.end_label_seq_id 
_struct_conf.pdbx_end_PDB_ins_code 
_struct_conf.beg_auth_comp_id 
_struct_conf.beg_auth_asym_id 
_struct_conf.beg_auth_seq_id 
_struct_conf.end_auth_comp_id 
_struct_conf.end_auth_asym_id 
_struct_conf.end_auth_seq_id 
_struct_conf.pdbx_PDB_helix_class 
_struct_conf.details 
_struct_conf.pdbx_PDB_helix_length 
HELX_P HELX_P1 AA1 ASP A 3  ? GLN A 11  ? ASP A 3   GLN A 11  1 ? 9  
HELX_P HELX_P2 AA2 THR A 13 ? VAL A 28  ? THR A 13  VAL A 28  1 ? 16 
HELX_P HELX_P3 AA3 SER A 37 ? LEU A 48  ? SER A 37  LEU A 48  1 ? 12 
HELX_P HELX_P4 AA4 THR A 53 ? ASP A 65  ? THR A 53  ASP A 65  1 ? 13 
HELX_P HELX_P5 AA5 ASP A 73 ? MET A 85  ? ASP A 73  MET A 85  1 ? 13 
HELX_P HELX_P6 AA6 PHE A 93 ? GLY A 114 ? PHE A 138 GLY A 159 1 ? 22 
# 
_struct_conf_type.id          HELX_P 
_struct_conf_type.criteria    ? 
_struct_conf_type.reference   ? 
# 
loop_
_struct_conn.id 
_struct_conn.conn_type_id 
_struct_conn.pdbx_leaving_atom_flag 
_struct_conn.pdbx_PDB_id 
_struct_conn.ptnr1_label_asym_id 
_struct_conn.ptnr1_label_comp_id 
_struct_conn.ptnr1_label_seq_id 
_struct_conn.ptnr1_label_atom_id 
_struct_conn.pdbx_ptnr1_label_alt_id 
_struct_conn.pdbx_ptnr1_PDB_ins_code 
_struct_conn.pdbx_ptnr1_standard_comp_id 
_struct_conn.ptnr1_symmetry 
_struct_conn.ptnr2_label_asym_id 
_struct_conn.ptnr2_label_comp_id 
_struct_conn.ptnr2_label_seq_id 
_struct_conn.ptnr2_label_atom_id 
_struct_conn.pdbx_ptnr2_label_alt_id 
_struct_conn.pdbx_ptnr2_PDB_ins_code 
_struct_conn.ptnr1_auth_asym_id 
_struct_conn.ptnr1_auth_comp_id 
_struct_conn.ptnr1_auth_seq_id 
_struct_conn.ptnr2_auth_asym_id 
_struct_conn.ptnr2_auth_comp_id 
_struct_conn.ptnr2_auth_seq_id 
_struct_conn.ptnr2_symmetry 
_struct_conn.pdbx_ptnr3_label_atom_id 
_struct_conn.pdbx_ptnr3_label_seq_id 
_struct_conn.pdbx_ptnr3_label_comp_id 
_struct_conn.pdbx_ptnr3_label_asym_id 
_struct_conn.pdbx_ptnr3_label_alt_id 
_struct_conn.pdbx_ptnr3_PDB_ins_code 
_struct_conn.details 
_struct_conn.pdbx_dist_value 
_struct_conn.pdbx_value_order 
_struct_conn.pdbx_role 
metalc1 metalc ? ? A ASP 65 OD1 ? ? ? 1_555 B CA  . CA ? ? A ASP 65  A CA  201 1_555 ? ? ? ? ? ? ? 2.246 ? ? 
metalc2 metalc ? ? A ASP 67 OD1 ? ? ? 1_555 B CA  . CA ? ? A ASP 67  A CA  201 1_555 ? ? ? ? ? ? ? 2.513 ? ? 
metalc3 metalc ? ? A SER 69 OG  ? ? ? 1_555 B CA  . CA ? ? A SER 69  A CA  201 1_555 ? ? ? ? ? ? ? 2.528 ? ? 
metalc4 metalc ? ? A THR 71 O   ? ? ? 1_555 B CA  . CA ? ? A THR 71  A CA  201 1_555 ? ? ? ? ? ? ? 2.386 ? ? 
metalc5 metalc ? ? A GLU 76 OE1 ? ? ? 1_555 B CA  . CA ? ? A GLU 76  A CA  201 1_555 ? ? ? ? ? ? ? 2.504 ? ? 
metalc6 metalc ? ? A GLU 76 OE2 ? ? ? 1_555 B CA  . CA ? ? A GLU 76  A CA  201 1_555 ? ? ? ? ? ? ? 2.662 ? ? 
metalc7 metalc ? ? B CA  .  CA  ? ? ? 1_555 C HOH . O  ? ? A CA  201 A HOH 317 1_555 ? ? ? ? ? ? ? 2.360 ? ? 
# 
_struct_conn_type.id          metalc 
_struct_conn_type.criteria    ? 
_struct_conn_type.reference   ? 
# 
loop_
_pdbx_struct_conn_angle.id 
_pdbx_struct_conn_angle.ptnr1_label_atom_id 
_pdbx_struct_conn_angle.ptnr1_label_alt_id 
_pdbx_struct_conn_angle.ptnr1_label_asym_id 
_pdbx_struct_conn_angle.ptnr1_label_comp_id 
_pdbx_struct_conn_angle.ptnr1_label_seq_id 
_pdbx_struct_conn_angle.ptnr1_auth_atom_id 
_pdbx_struct_conn_angle.ptnr1_auth_asym_id 
_pdbx_struct_conn_angle.ptnr1_auth_comp_id 
_pdbx_struct_conn_angle.ptnr1_auth_seq_id 
_pdbx_struct_conn_angle.ptnr1_PDB_ins_code 
_pdbx_struct_conn_angle.ptnr1_symmetry 
_pdbx_struct_conn_angle.ptnr2_label_atom_id 
_pdbx_struct_conn_angle.ptnr2_label_alt_id 
_pdbx_struct_conn_angle.ptnr2_label_asym_id 
_pdbx_struct_conn_angle.ptnr2_label_comp_id 
_pdbx_struct_conn_angle.ptnr2_label_seq_id 
_pdbx_struct_conn_angle.ptnr2_auth_atom_id 
_pdbx_struct_conn_angle.ptnr2_auth_asym_id 
_pdbx_struct_conn_angle.ptnr2_auth_comp_id 
_pdbx_struct_conn_angle.ptnr2_auth_seq_id 
_pdbx_struct_conn_angle.ptnr2_PDB_ins_code 
_pdbx_struct_conn_angle.ptnr2_symmetry 
_pdbx_struct_conn_angle.ptnr3_label_atom_id 
_pdbx_struct_conn_angle.ptnr3_label_alt_id 
_pdbx_struct_conn_angle.ptnr3_label_asym_id 
_pdbx_struct_conn_angle.ptnr3_label_comp_id 
_pdbx_struct_conn_angle.ptnr3_label_seq_id 
_pdbx_struct_conn_angle.ptnr3_auth_atom_id 
_pdbx_struct_conn_angle.ptnr3_auth_asym_id 
_pdbx_struct_conn_angle.ptnr3_auth_comp_id 
_pdbx_struct_conn_angle.ptnr3_auth_seq_id 
_pdbx_struct_conn_angle.ptnr3_PDB_ins_code 
_pdbx_struct_conn_angle.ptnr3_symmetry 
_pdbx_struct_conn_angle.value 
_pdbx_struct_conn_angle.value_esd 
1  OD1 ? A ASP 65 ? A ASP 65 ? 1_555 CA ? B CA . ? A CA 201 ? 1_555 OD1 ? A ASP 67 ? A ASP 67  ? 1_555 75.3  ? 
2  OD1 ? A ASP 65 ? A ASP 65 ? 1_555 CA ? B CA . ? A CA 201 ? 1_555 OG  ? A SER 69 ? A SER 69  ? 1_555 90.4  ? 
3  OD1 ? A ASP 67 ? A ASP 67 ? 1_555 CA ? B CA . ? A CA 201 ? 1_555 OG  ? A SER 69 ? A SER 69  ? 1_555 80.2  ? 
4  OD1 ? A ASP 65 ? A ASP 65 ? 1_555 CA ? B CA . ? A CA 201 ? 1_555 O   ? A THR 71 ? A THR 71  ? 1_555 83.2  ? 
5  OD1 ? A ASP 67 ? A ASP 67 ? 1_555 CA ? B CA . ? A CA 201 ? 1_555 O   ? A THR 71 ? A THR 71  ? 1_555 148.5 ? 
6  OG  ? A SER 69 ? A SER 69 ? 1_555 CA ? B CA . ? A CA 201 ? 1_555 O   ? A THR 71 ? A THR 71  ? 1_555 77.2  ? 
7  OD1 ? A ASP 65 ? A ASP 65 ? 1_555 CA ? B CA . ? A CA 201 ? 1_555 OE1 ? A GLU 76 ? A GLU 76  ? 1_555 104.8 ? 
8  OD1 ? A ASP 67 ? A ASP 67 ? 1_555 CA ? B CA . ? A CA 201 ? 1_555 OE1 ? A GLU 76 ? A GLU 76  ? 1_555 124.2 ? 
9  OG  ? A SER 69 ? A SER 69 ? 1_555 CA ? B CA . ? A CA 201 ? 1_555 OE1 ? A GLU 76 ? A GLU 76  ? 1_555 153.5 ? 
10 O   ? A THR 71 ? A THR 71 ? 1_555 CA ? B CA . ? A CA 201 ? 1_555 OE1 ? A GLU 76 ? A GLU 76  ? 1_555 83.2  ? 
11 OD1 ? A ASP 65 ? A ASP 65 ? 1_555 CA ? B CA . ? A CA 201 ? 1_555 OE2 ? A GLU 76 ? A GLU 76  ? 1_555 85.4  ? 
12 OD1 ? A ASP 67 ? A ASP 67 ? 1_555 CA ? B CA . ? A CA 201 ? 1_555 OE2 ? A GLU 76 ? A GLU 76  ? 1_555 74.7  ? 
13 OG  ? A SER 69 ? A SER 69 ? 1_555 CA ? B CA . ? A CA 201 ? 1_555 OE2 ? A GLU 76 ? A GLU 76  ? 1_555 154.8 ? 
14 O   ? A THR 71 ? A THR 71 ? 1_555 CA ? B CA . ? A CA 201 ? 1_555 OE2 ? A GLU 76 ? A GLU 76  ? 1_555 126.7 ? 
15 OE1 ? A GLU 76 ? A GLU 76 ? 1_555 CA ? B CA . ? A CA 201 ? 1_555 OE2 ? A GLU 76 ? A GLU 76  ? 1_555 50.3  ? 
16 OD1 ? A ASP 65 ? A ASP 65 ? 1_555 CA ? B CA . ? A CA 201 ? 1_555 O   ? C HOH .  ? A HOH 317 ? 1_555 163.6 ? 
17 OD1 ? A ASP 67 ? A ASP 67 ? 1_555 CA ? B CA . ? A CA 201 ? 1_555 O   ? C HOH .  ? A HOH 317 ? 1_555 88.8  ? 
18 OG  ? A SER 69 ? A SER 69 ? 1_555 CA ? B CA . ? A CA 201 ? 1_555 O   ? C HOH .  ? A HOH 317 ? 1_555 82.4  ? 
19 O   ? A THR 71 ? A THR 71 ? 1_555 CA ? B CA . ? A CA 201 ? 1_555 O   ? C HOH .  ? A HOH 317 ? 1_555 109.4 ? 
20 OE1 ? A GLU 76 ? A GLU 76 ? 1_555 CA ? B CA . ? A CA 201 ? 1_555 O   ? C HOH .  ? A HOH 317 ? 1_555 87.6  ? 
21 OE2 ? A GLU 76 ? A GLU 76 ? 1_555 CA ? B CA . ? A CA 201 ? 1_555 O   ? C HOH .  ? A HOH 317 ? 1_555 94.7  ? 
# 
_pdbx_entry_details.entry_id                 7SC2 
_pdbx_entry_details.has_ligand_of_interest   N 
_pdbx_entry_details.compound_details         ? 
_pdbx_entry_details.source_details           ? 
_pdbx_entry_details.nonpolymer_details       ? 
_pdbx_entry_details.sequence_details         ? 
# 
loop_
_pdbx_unobs_or_zero_occ_residues.id 
_pdbx_unobs_or_zero_occ_residues.PDB_model_num 
_pdbx_unobs_or_zero_occ_residues.polymer_flag 
_pdbx_unobs_or_zero_occ_residues.occupancy_flag 
_pdbx_unobs_or_zero_occ_residues.auth_asym_id 
_pdbx_unobs_or_zero_occ_residues.auth_comp_id 
_pdbx_unobs_or_zero_occ_residues.auth_seq_id 
_pdbx_unobs_or_zero_occ_residues.PDB_ins_code 
_pdbx_unobs_or_zero_occ_residues.label_asym_id 
_pdbx_unobs_or_zero_occ_residues.label_comp_id 
_pdbx_unobs_or_zero_occ_residues.label_seq_id 
1 1 Y 1 A MET 1   ? A MET 1   
2 1 Y 1 A ASP 2   ? A ASP 2   
3 1 Y 1 A ASP 132 ? A ASP 87  
4 1 Y 1 A ASP 133 ? A ASP 88  
5 1 Y 1 A SER 134 ? A SER 89  
6 1 Y 1 A LYS 135 ? A LYS 90  
7 1 Y 1 A ALA 162 ? A ALA 117 
8 1 Y 1 A LYS 163 ? A LYS 118 
# 
loop_
_chem_comp_atom.comp_id 
_chem_comp_atom.atom_id 
_chem_comp_atom.type_symbol 
_chem_comp_atom.pdbx_aromatic_flag 
_chem_comp_atom.pdbx_stereo_config 
_chem_comp_atom.pdbx_ordinal 
ALA N    N  N N 1   
ALA CA   C  N S 2   
ALA C    C  N N 3   
ALA O    O  N N 4   
ALA CB   C  N N 5   
ALA OXT  O  N N 6   
ALA H    H  N N 7   
ALA H2   H  N N 8   
ALA HA   H  N N 9   
ALA HB1  H  N N 10  
ALA HB2  H  N N 11  
ALA HB3  H  N N 12  
ALA HXT  H  N N 13  
ARG N    N  N N 14  
ARG CA   C  N S 15  
ARG C    C  N N 16  
ARG O    O  N N 17  
ARG CB   C  N N 18  
ARG CG   C  N N 19  
ARG CD   C  N N 20  
ARG NE   N  N N 21  
ARG CZ   C  N N 22  
ARG NH1  N  N N 23  
ARG NH2  N  N N 24  
ARG OXT  O  N N 25  
ARG H    H  N N 26  
ARG H2   H  N N 27  
ARG HA   H  N N 28  
ARG HB2  H  N N 29  
ARG HB3  H  N N 30  
ARG HG2  H  N N 31  
ARG HG3  H  N N 32  
ARG HD2  H  N N 33  
ARG HD3  H  N N 34  
ARG HE   H  N N 35  
ARG HH11 H  N N 36  
ARG HH12 H  N N 37  
ARG HH21 H  N N 38  
ARG HH22 H  N N 39  
ARG HXT  H  N N 40  
ASN N    N  N N 41  
ASN CA   C  N S 42  
ASN C    C  N N 43  
ASN O    O  N N 44  
ASN CB   C  N N 45  
ASN CG   C  N N 46  
ASN OD1  O  N N 47  
ASN ND2  N  N N 48  
ASN OXT  O  N N 49  
ASN H    H  N N 50  
ASN H2   H  N N 51  
ASN HA   H  N N 52  
ASN HB2  H  N N 53  
ASN HB3  H  N N 54  
ASN HD21 H  N N 55  
ASN HD22 H  N N 56  
ASN HXT  H  N N 57  
ASP N    N  N N 58  
ASP CA   C  N S 59  
ASP C    C  N N 60  
ASP O    O  N N 61  
ASP CB   C  N N 62  
ASP CG   C  N N 63  
ASP OD1  O  N N 64  
ASP OD2  O  N N 65  
ASP OXT  O  N N 66  
ASP H    H  N N 67  
ASP H2   H  N N 68  
ASP HA   H  N N 69  
ASP HB2  H  N N 70  
ASP HB3  H  N N 71  
ASP HD2  H  N N 72  
ASP HXT  H  N N 73  
CA  CA   CA N N 74  
CYS N    N  N N 75  
CYS CA   C  N R 76  
CYS C    C  N N 77  
CYS O    O  N N 78  
CYS CB   C  N N 79  
CYS SG   S  N N 80  
CYS OXT  O  N N 81  
CYS H    H  N N 82  
CYS H2   H  N N 83  
CYS HA   H  N N 84  
CYS HB2  H  N N 85  
CYS HB3  H  N N 86  
CYS HG   H  N N 87  
CYS HXT  H  N N 88  
GLN N    N  N N 89  
GLN CA   C  N S 90  
GLN C    C  N N 91  
GLN O    O  N N 92  
GLN CB   C  N N 93  
GLN CG   C  N N 94  
GLN CD   C  N N 95  
GLN OE1  O  N N 96  
GLN NE2  N  N N 97  
GLN OXT  O  N N 98  
GLN H    H  N N 99  
GLN H2   H  N N 100 
GLN HA   H  N N 101 
GLN HB2  H  N N 102 
GLN HB3  H  N N 103 
GLN HG2  H  N N 104 
GLN HG3  H  N N 105 
GLN HE21 H  N N 106 
GLN HE22 H  N N 107 
GLN HXT  H  N N 108 
GLU N    N  N N 109 
GLU CA   C  N S 110 
GLU C    C  N N 111 
GLU O    O  N N 112 
GLU CB   C  N N 113 
GLU CG   C  N N 114 
GLU CD   C  N N 115 
GLU OE1  O  N N 116 
GLU OE2  O  N N 117 
GLU OXT  O  N N 118 
GLU H    H  N N 119 
GLU H2   H  N N 120 
GLU HA   H  N N 121 
GLU HB2  H  N N 122 
GLU HB3  H  N N 123 
GLU HG2  H  N N 124 
GLU HG3  H  N N 125 
GLU HE2  H  N N 126 
GLU HXT  H  N N 127 
GLY N    N  N N 128 
GLY CA   C  N N 129 
GLY C    C  N N 130 
GLY O    O  N N 131 
GLY OXT  O  N N 132 
GLY H    H  N N 133 
GLY H2   H  N N 134 
GLY HA2  H  N N 135 
GLY HA3  H  N N 136 
GLY HXT  H  N N 137 
HOH O    O  N N 138 
HOH H1   H  N N 139 
HOH H2   H  N N 140 
ILE N    N  N N 141 
ILE CA   C  N S 142 
ILE C    C  N N 143 
ILE O    O  N N 144 
ILE CB   C  N S 145 
ILE CG1  C  N N 146 
ILE CG2  C  N N 147 
ILE CD1  C  N N 148 
ILE OXT  O  N N 149 
ILE H    H  N N 150 
ILE H2   H  N N 151 
ILE HA   H  N N 152 
ILE HB   H  N N 153 
ILE HG12 H  N N 154 
ILE HG13 H  N N 155 
ILE HG21 H  N N 156 
ILE HG22 H  N N 157 
ILE HG23 H  N N 158 
ILE HD11 H  N N 159 
ILE HD12 H  N N 160 
ILE HD13 H  N N 161 
ILE HXT  H  N N 162 
LEU N    N  N N 163 
LEU CA   C  N S 164 
LEU C    C  N N 165 
LEU O    O  N N 166 
LEU CB   C  N N 167 
LEU CG   C  N N 168 
LEU CD1  C  N N 169 
LEU CD2  C  N N 170 
LEU OXT  O  N N 171 
LEU H    H  N N 172 
LEU H2   H  N N 173 
LEU HA   H  N N 174 
LEU HB2  H  N N 175 
LEU HB3  H  N N 176 
LEU HG   H  N N 177 
LEU HD11 H  N N 178 
LEU HD12 H  N N 179 
LEU HD13 H  N N 180 
LEU HD21 H  N N 181 
LEU HD22 H  N N 182 
LEU HD23 H  N N 183 
LEU HXT  H  N N 184 
LYS N    N  N N 185 
LYS CA   C  N S 186 
LYS C    C  N N 187 
LYS O    O  N N 188 
LYS CB   C  N N 189 
LYS CG   C  N N 190 
LYS CD   C  N N 191 
LYS CE   C  N N 192 
LYS NZ   N  N N 193 
LYS OXT  O  N N 194 
LYS H    H  N N 195 
LYS H2   H  N N 196 
LYS HA   H  N N 197 
LYS HB2  H  N N 198 
LYS HB3  H  N N 199 
LYS HG2  H  N N 200 
LYS HG3  H  N N 201 
LYS HD2  H  N N 202 
LYS HD3  H  N N 203 
LYS HE2  H  N N 204 
LYS HE3  H  N N 205 
LYS HZ1  H  N N 206 
LYS HZ2  H  N N 207 
LYS HZ3  H  N N 208 
LYS HXT  H  N N 209 
MET N    N  N N 210 
MET CA   C  N S 211 
MET C    C  N N 212 
MET O    O  N N 213 
MET CB   C  N N 214 
MET CG   C  N N 215 
MET SD   S  N N 216 
MET CE   C  N N 217 
MET OXT  O  N N 218 
MET H    H  N N 219 
MET H2   H  N N 220 
MET HA   H  N N 221 
MET HB2  H  N N 222 
MET HB3  H  N N 223 
MET HG2  H  N N 224 
MET HG3  H  N N 225 
MET HE1  H  N N 226 
MET HE2  H  N N 227 
MET HE3  H  N N 228 
MET HXT  H  N N 229 
PHE N    N  N N 230 
PHE CA   C  N S 231 
PHE C    C  N N 232 
PHE O    O  N N 233 
PHE CB   C  N N 234 
PHE CG   C  Y N 235 
PHE CD1  C  Y N 236 
PHE CD2  C  Y N 237 
PHE CE1  C  Y N 238 
PHE CE2  C  Y N 239 
PHE CZ   C  Y N 240 
PHE OXT  O  N N 241 
PHE H    H  N N 242 
PHE H2   H  N N 243 
PHE HA   H  N N 244 
PHE HB2  H  N N 245 
PHE HB3  H  N N 246 
PHE HD1  H  N N 247 
PHE HD2  H  N N 248 
PHE HE1  H  N N 249 
PHE HE2  H  N N 250 
PHE HZ   H  N N 251 
PHE HXT  H  N N 252 
PRO N    N  N N 253 
PRO CA   C  N S 254 
PRO C    C  N N 255 
PRO O    O  N N 256 
PRO CB   C  N N 257 
PRO CG   C  N N 258 
PRO CD   C  N N 259 
PRO OXT  O  N N 260 
PRO H    H  N N 261 
PRO HA   H  N N 262 
PRO HB2  H  N N 263 
PRO HB3  H  N N 264 
PRO HG2  H  N N 265 
PRO HG3  H  N N 266 
PRO HD2  H  N N 267 
PRO HD3  H  N N 268 
PRO HXT  H  N N 269 
SER N    N  N N 270 
SER CA   C  N S 271 
SER C    C  N N 272 
SER O    O  N N 273 
SER CB   C  N N 274 
SER OG   O  N N 275 
SER OXT  O  N N 276 
SER H    H  N N 277 
SER H2   H  N N 278 
SER HA   H  N N 279 
SER HB2  H  N N 280 
SER HB3  H  N N 281 
SER HG   H  N N 282 
SER HXT  H  N N 283 
THR N    N  N N 284 
THR CA   C  N S 285 
THR C    C  N N 286 
THR O    O  N N 287 
THR CB   C  N R 288 
THR OG1  O  N N 289 
THR CG2  C  N N 290 
THR OXT  O  N N 291 
THR H    H  N N 292 
THR H2   H  N N 293 
THR HA   H  N N 294 
THR HB   H  N N 295 
THR HG1  H  N N 296 
THR HG21 H  N N 297 
THR HG22 H  N N 298 
THR HG23 H  N N 299 
THR HXT  H  N N 300 
TYR N    N  N N 301 
TYR CA   C  N S 302 
TYR C    C  N N 303 
TYR O    O  N N 304 
TYR CB   C  N N 305 
TYR CG   C  Y N 306 
TYR CD1  C  Y N 307 
TYR CD2  C  Y N 308 
TYR CE1  C  Y N 309 
TYR CE2  C  Y N 310 
TYR CZ   C  Y N 311 
TYR OH   O  N N 312 
TYR OXT  O  N N 313 
TYR H    H  N N 314 
TYR H2   H  N N 315 
TYR HA   H  N N 316 
TYR HB2  H  N N 317 
TYR HB3  H  N N 318 
TYR HD1  H  N N 319 
TYR HD2  H  N N 320 
TYR HE1  H  N N 321 
TYR HE2  H  N N 322 
TYR HH   H  N N 323 
TYR HXT  H  N N 324 
VAL N    N  N N 325 
VAL CA   C  N S 326 
VAL C    C  N N 327 
VAL O    O  N N 328 
VAL CB   C  N N 329 
VAL CG1  C  N N 330 
VAL CG2  C  N N 331 
VAL OXT  O  N N 332 
VAL H    H  N N 333 
VAL H2   H  N N 334 
VAL HA   H  N N 335 
VAL HB   H  N N 336 
VAL HG11 H  N N 337 
VAL HG12 H  N N 338 
VAL HG13 H  N N 339 
VAL HG21 H  N N 340 
VAL HG22 H  N N 341 
VAL HG23 H  N N 342 
VAL HXT  H  N N 343 
# 
loop_
_chem_comp_bond.comp_id 
_chem_comp_bond.atom_id_1 
_chem_comp_bond.atom_id_2 
_chem_comp_bond.value_order 
_chem_comp_bond.pdbx_aromatic_flag 
_chem_comp_bond.pdbx_stereo_config 
_chem_comp_bond.pdbx_ordinal 
ALA N   CA   sing N N 1   
ALA N   H    sing N N 2   
ALA N   H2   sing N N 3   
ALA CA  C    sing N N 4   
ALA CA  CB   sing N N 5   
ALA CA  HA   sing N N 6   
ALA C   O    doub N N 7   
ALA C   OXT  sing N N 8   
ALA CB  HB1  sing N N 9   
ALA CB  HB2  sing N N 10  
ALA CB  HB3  sing N N 11  
ALA OXT HXT  sing N N 12  
ARG N   CA   sing N N 13  
ARG N   H    sing N N 14  
ARG N   H2   sing N N 15  
ARG CA  C    sing N N 16  
ARG CA  CB   sing N N 17  
ARG CA  HA   sing N N 18  
ARG C   O    doub N N 19  
ARG C   OXT  sing N N 20  
ARG CB  CG   sing N N 21  
ARG CB  HB2  sing N N 22  
ARG CB  HB3  sing N N 23  
ARG CG  CD   sing N N 24  
ARG CG  HG2  sing N N 25  
ARG CG  HG3  sing N N 26  
ARG CD  NE   sing N N 27  
ARG CD  HD2  sing N N 28  
ARG CD  HD3  sing N N 29  
ARG NE  CZ   sing N N 30  
ARG NE  HE   sing N N 31  
ARG CZ  NH1  sing N N 32  
ARG CZ  NH2  doub N N 33  
ARG NH1 HH11 sing N N 34  
ARG NH1 HH12 sing N N 35  
ARG NH2 HH21 sing N N 36  
ARG NH2 HH22 sing N N 37  
ARG OXT HXT  sing N N 38  
ASN N   CA   sing N N 39  
ASN N   H    sing N N 40  
ASN N   H2   sing N N 41  
ASN CA  C    sing N N 42  
ASN CA  CB   sing N N 43  
ASN CA  HA   sing N N 44  
ASN C   O    doub N N 45  
ASN C   OXT  sing N N 46  
ASN CB  CG   sing N N 47  
ASN CB  HB2  sing N N 48  
ASN CB  HB3  sing N N 49  
ASN CG  OD1  doub N N 50  
ASN CG  ND2  sing N N 51  
ASN ND2 HD21 sing N N 52  
ASN ND2 HD22 sing N N 53  
ASN OXT HXT  sing N N 54  
ASP N   CA   sing N N 55  
ASP N   H    sing N N 56  
ASP N   H2   sing N N 57  
ASP CA  C    sing N N 58  
ASP CA  CB   sing N N 59  
ASP CA  HA   sing N N 60  
ASP C   O    doub N N 61  
ASP C   OXT  sing N N 62  
ASP CB  CG   sing N N 63  
ASP CB  HB2  sing N N 64  
ASP CB  HB3  sing N N 65  
ASP CG  OD1  doub N N 66  
ASP CG  OD2  sing N N 67  
ASP OD2 HD2  sing N N 68  
ASP OXT HXT  sing N N 69  
CYS N   CA   sing N N 70  
CYS N   H    sing N N 71  
CYS N   H2   sing N N 72  
CYS CA  C    sing N N 73  
CYS CA  CB   sing N N 74  
CYS CA  HA   sing N N 75  
CYS C   O    doub N N 76  
CYS C   OXT  sing N N 77  
CYS CB  SG   sing N N 78  
CYS CB  HB2  sing N N 79  
CYS CB  HB3  sing N N 80  
CYS SG  HG   sing N N 81  
CYS OXT HXT  sing N N 82  
GLN N   CA   sing N N 83  
GLN N   H    sing N N 84  
GLN N   H2   sing N N 85  
GLN CA  C    sing N N 86  
GLN CA  CB   sing N N 87  
GLN CA  HA   sing N N 88  
GLN C   O    doub N N 89  
GLN C   OXT  sing N N 90  
GLN CB  CG   sing N N 91  
GLN CB  HB2  sing N N 92  
GLN CB  HB3  sing N N 93  
GLN CG  CD   sing N N 94  
GLN CG  HG2  sing N N 95  
GLN CG  HG3  sing N N 96  
GLN CD  OE1  doub N N 97  
GLN CD  NE2  sing N N 98  
GLN NE2 HE21 sing N N 99  
GLN NE2 HE22 sing N N 100 
GLN OXT HXT  sing N N 101 
GLU N   CA   sing N N 102 
GLU N   H    sing N N 103 
GLU N   H2   sing N N 104 
GLU CA  C    sing N N 105 
GLU CA  CB   sing N N 106 
GLU CA  HA   sing N N 107 
GLU C   O    doub N N 108 
GLU C   OXT  sing N N 109 
GLU CB  CG   sing N N 110 
GLU CB  HB2  sing N N 111 
GLU CB  HB3  sing N N 112 
GLU CG  CD   sing N N 113 
GLU CG  HG2  sing N N 114 
GLU CG  HG3  sing N N 115 
GLU CD  OE1  doub N N 116 
GLU CD  OE2  sing N N 117 
GLU OE2 HE2  sing N N 118 
GLU OXT HXT  sing N N 119 
GLY N   CA   sing N N 120 
GLY N   H    sing N N 121 
GLY N   H2   sing N N 122 
GLY CA  C    sing N N 123 
GLY CA  HA2  sing N N 124 
GLY CA  HA3  sing N N 125 
GLY C   O    doub N N 126 
GLY C   OXT  sing N N 127 
GLY OXT HXT  sing N N 128 
HOH O   H1   sing N N 129 
HOH O   H2   sing N N 130 
ILE N   CA   sing N N 131 
ILE N   H    sing N N 132 
ILE N   H2   sing N N 133 
ILE CA  C    sing N N 134 
ILE CA  CB   sing N N 135 
ILE CA  HA   sing N N 136 
ILE C   O    doub N N 137 
ILE C   OXT  sing N N 138 
ILE CB  CG1  sing N N 139 
ILE CB  CG2  sing N N 140 
ILE CB  HB   sing N N 141 
ILE CG1 CD1  sing N N 142 
ILE CG1 HG12 sing N N 143 
ILE CG1 HG13 sing N N 144 
ILE CG2 HG21 sing N N 145 
ILE CG2 HG22 sing N N 146 
ILE CG2 HG23 sing N N 147 
ILE CD1 HD11 sing N N 148 
ILE CD1 HD12 sing N N 149 
ILE CD1 HD13 sing N N 150 
ILE OXT HXT  sing N N 151 
LEU N   CA   sing N N 152 
LEU N   H    sing N N 153 
LEU N   H2   sing N N 154 
LEU CA  C    sing N N 155 
LEU CA  CB   sing N N 156 
LEU CA  HA   sing N N 157 
LEU C   O    doub N N 158 
LEU C   OXT  sing N N 159 
LEU CB  CG   sing N N 160 
LEU CB  HB2  sing N N 161 
LEU CB  HB3  sing N N 162 
LEU CG  CD1  sing N N 163 
LEU CG  CD2  sing N N 164 
LEU CG  HG   sing N N 165 
LEU CD1 HD11 sing N N 166 
LEU CD1 HD12 sing N N 167 
LEU CD1 HD13 sing N N 168 
LEU CD2 HD21 sing N N 169 
LEU CD2 HD22 sing N N 170 
LEU CD2 HD23 sing N N 171 
LEU OXT HXT  sing N N 172 
LYS N   CA   sing N N 173 
LYS N   H    sing N N 174 
LYS N   H2   sing N N 175 
LYS CA  C    sing N N 176 
LYS CA  CB   sing N N 177 
LYS CA  HA   sing N N 178 
LYS C   O    doub N N 179 
LYS C   OXT  sing N N 180 
LYS CB  CG   sing N N 181 
LYS CB  HB2  sing N N 182 
LYS CB  HB3  sing N N 183 
LYS CG  CD   sing N N 184 
LYS CG  HG2  sing N N 185 
LYS CG  HG3  sing N N 186 
LYS CD  CE   sing N N 187 
LYS CD  HD2  sing N N 188 
LYS CD  HD3  sing N N 189 
LYS CE  NZ   sing N N 190 
LYS CE  HE2  sing N N 191 
LYS CE  HE3  sing N N 192 
LYS NZ  HZ1  sing N N 193 
LYS NZ  HZ2  sing N N 194 
LYS NZ  HZ3  sing N N 195 
LYS OXT HXT  sing N N 196 
MET N   CA   sing N N 197 
MET N   H    sing N N 198 
MET N   H2   sing N N 199 
MET CA  C    sing N N 200 
MET CA  CB   sing N N 201 
MET CA  HA   sing N N 202 
MET C   O    doub N N 203 
MET C   OXT  sing N N 204 
MET CB  CG   sing N N 205 
MET CB  HB2  sing N N 206 
MET CB  HB3  sing N N 207 
MET CG  SD   sing N N 208 
MET CG  HG2  sing N N 209 
MET CG  HG3  sing N N 210 
MET SD  CE   sing N N 211 
MET CE  HE1  sing N N 212 
MET CE  HE2  sing N N 213 
MET CE  HE3  sing N N 214 
MET OXT HXT  sing N N 215 
PHE N   CA   sing N N 216 
PHE N   H    sing N N 217 
PHE N   H2   sing N N 218 
PHE CA  C    sing N N 219 
PHE CA  CB   sing N N 220 
PHE CA  HA   sing N N 221 
PHE C   O    doub N N 222 
PHE C   OXT  sing N N 223 
PHE CB  CG   sing N N 224 
PHE CB  HB2  sing N N 225 
PHE CB  HB3  sing N N 226 
PHE CG  CD1  doub Y N 227 
PHE CG  CD2  sing Y N 228 
PHE CD1 CE1  sing Y N 229 
PHE CD1 HD1  sing N N 230 
PHE CD2 CE2  doub Y N 231 
PHE CD2 HD2  sing N N 232 
PHE CE1 CZ   doub Y N 233 
PHE CE1 HE1  sing N N 234 
PHE CE2 CZ   sing Y N 235 
PHE CE2 HE2  sing N N 236 
PHE CZ  HZ   sing N N 237 
PHE OXT HXT  sing N N 238 
PRO N   CA   sing N N 239 
PRO N   CD   sing N N 240 
PRO N   H    sing N N 241 
PRO CA  C    sing N N 242 
PRO CA  CB   sing N N 243 
PRO CA  HA   sing N N 244 
PRO C   O    doub N N 245 
PRO C   OXT  sing N N 246 
PRO CB  CG   sing N N 247 
PRO CB  HB2  sing N N 248 
PRO CB  HB3  sing N N 249 
PRO CG  CD   sing N N 250 
PRO CG  HG2  sing N N 251 
PRO CG  HG3  sing N N 252 
PRO CD  HD2  sing N N 253 
PRO CD  HD3  sing N N 254 
PRO OXT HXT  sing N N 255 
SER N   CA   sing N N 256 
SER N   H    sing N N 257 
SER N   H2   sing N N 258 
SER CA  C    sing N N 259 
SER CA  CB   sing N N 260 
SER CA  HA   sing N N 261 
SER C   O    doub N N 262 
SER C   OXT  sing N N 263 
SER CB  OG   sing N N 264 
SER CB  HB2  sing N N 265 
SER CB  HB3  sing N N 266 
SER OG  HG   sing N N 267 
SER OXT HXT  sing N N 268 
THR N   CA   sing N N 269 
THR N   H    sing N N 270 
THR N   H2   sing N N 271 
THR CA  C    sing N N 272 
THR CA  CB   sing N N 273 
THR CA  HA   sing N N 274 
THR C   O    doub N N 275 
THR C   OXT  sing N N 276 
THR CB  OG1  sing N N 277 
THR CB  CG2  sing N N 278 
THR CB  HB   sing N N 279 
THR OG1 HG1  sing N N 280 
THR CG2 HG21 sing N N 281 
THR CG2 HG22 sing N N 282 
THR CG2 HG23 sing N N 283 
THR OXT HXT  sing N N 284 
TYR N   CA   sing N N 285 
TYR N   H    sing N N 286 
TYR N   H2   sing N N 287 
TYR CA  C    sing N N 288 
TYR CA  CB   sing N N 289 
TYR CA  HA   sing N N 290 
TYR C   O    doub N N 291 
TYR C   OXT  sing N N 292 
TYR CB  CG   sing N N 293 
TYR CB  HB2  sing N N 294 
TYR CB  HB3  sing N N 295 
TYR CG  CD1  doub Y N 296 
TYR CG  CD2  sing Y N 297 
TYR CD1 CE1  sing Y N 298 
TYR CD1 HD1  sing N N 299 
TYR CD2 CE2  doub Y N 300 
TYR CD2 HD2  sing N N 301 
TYR CE1 CZ   doub Y N 302 
TYR CE1 HE1  sing N N 303 
TYR CE2 CZ   sing Y N 304 
TYR CE2 HE2  sing N N 305 
TYR CZ  OH   sing N N 306 
TYR OH  HH   sing N N 307 
TYR OXT HXT  sing N N 308 
VAL N   CA   sing N N 309 
VAL N   H    sing N N 310 
VAL N   H2   sing N N 311 
VAL CA  C    sing N N 312 
VAL CA  CB   sing N N 313 
VAL CA  HA   sing N N 314 
VAL C   O    doub N N 315 
VAL C   OXT  sing N N 316 
VAL CB  CG1  sing N N 317 
VAL CB  CG2  sing N N 318 
VAL CB  HB   sing N N 319 
VAL CG1 HG11 sing N N 320 
VAL CG1 HG12 sing N N 321 
VAL CG1 HG13 sing N N 322 
VAL CG2 HG21 sing N N 323 
VAL CG2 HG22 sing N N 324 
VAL CG2 HG23 sing N N 325 
VAL OXT HXT  sing N N 326 
# 
_pdbx_audit_support.funding_organization   'Not funded' 
_pdbx_audit_support.country                ? 
_pdbx_audit_support.grant_number           ? 
_pdbx_audit_support.ordinal                1 
# 
_atom_sites.entry_id                    7SC2 
_atom_sites.Cartn_transf_matrix[1][1]   ? 
_atom_sites.Cartn_transf_matrix[1][2]   ? 
_atom_sites.Cartn_transf_matrix[1][3]   ? 
_atom_sites.Cartn_transf_matrix[2][1]   ? 
_atom_sites.Cartn_transf_matrix[2][2]   ? 
_atom_sites.Cartn_transf_matrix[2][3]   ? 
_atom_sites.Cartn_transf_matrix[3][1]   ? 
_atom_sites.Cartn_transf_matrix[3][2]   ? 
_atom_sites.Cartn_transf_matrix[3][3]   ? 
_atom_sites.Cartn_transf_vector[1]      ? 
_atom_sites.Cartn_transf_vector[2]      ? 
_atom_sites.Cartn_transf_vector[3]      ? 
_atom_sites.fract_transf_matrix[1][1]   -0.00572363 
_atom_sites.fract_transf_matrix[1][2]   0.02278229 
_atom_sites.fract_transf_matrix[1][3]   0.00670697 
_atom_sites.fract_transf_matrix[2][1]   0.00333247 
_atom_sites.fract_transf_matrix[2][2]   -0.00606030 
_atom_sites.fract_transf_matrix[2][3]   0.02342954 
_atom_sites.fract_transf_matrix[3][1]   0.00746551 
_atom_sites.fract_transf_matrix[3][2]   0.00203334 
_atom_sites.fract_transf_matrix[3][3]   -0.00053590 
_atom_sites.fract_transf_vector[1]      0.003528 
_atom_sites.fract_transf_vector[2]      0.579527 
_atom_sites.fract_transf_vector[3]      0.155936 
_atom_sites.solution_primary            ? 
_atom_sites.solution_secondary          ? 
_atom_sites.solution_hydrogens          ? 
_atom_sites.special_details             ? 
# 
loop_
_atom_type.symbol 
C  
CA 
N  
O  
S  
# 
loop_
_atom_site.group_PDB 
_atom_site.id 
_atom_site.type_symbol 
_atom_site.label_atom_id 
_atom_site.label_alt_id 
_atom_site.label_comp_id 
_atom_site.label_asym_id 
_atom_site.label_entity_id 
_atom_site.label_seq_id 
_atom_site.pdbx_PDB_ins_code 
_atom_site.Cartn_x 
_atom_site.Cartn_y 
_atom_site.Cartn_z 
_atom_site.occupancy 
_atom_site.B_iso_or_equiv 
_atom_site.pdbx_formal_charge 
_atom_site.auth_seq_id 
_atom_site.auth_comp_id 
_atom_site.auth_asym_id 
_atom_site.auth_atom_id 
_atom_site.pdbx_PDB_model_num 
ATOM   1   N  N   . ASP A 1 3   ? -9.658  -8.907  9.076   1.00 82.63 ? 3   ASP A N   1 
ATOM   2   C  CA  . ASP A 1 3   ? -8.951  -7.999  9.981   1.00 83.04 ? 3   ASP A CA  1 
ATOM   3   C  C   . ASP A 1 3   ? -7.416  -8.095  9.881   1.00 83.10 ? 3   ASP A C   1 
ATOM   4   O  O   . ASP A 1 3   ? -6.719  -7.187  10.330  1.00 83.09 ? 3   ASP A O   1 
ATOM   5   C  CB  . ASP A 1 3   ? -9.416  -8.208  11.428  1.00 84.69 ? 3   ASP A CB  1 
ATOM   6   N  N   . ILE A 1 4   ? -6.896  -9.178  9.278   1.00 82.89 ? 4   ILE A N   1 
ATOM   7   C  CA  . ILE A 1 4   ? -5.459  -9.422  9.092   1.00 83.13 ? 4   ILE A CA  1 
ATOM   8   C  C   . ILE A 1 4   ? -4.777  -8.308  8.265   1.00 83.01 ? 4   ILE A C   1 
ATOM   9   O  O   . ILE A 1 4   ? -3.631  -7.949  8.531   1.00 82.93 ? 4   ILE A O   1 
ATOM   10  C  CB  . ILE A 1 4   ? -5.240  -10.848 8.504   1.00 83.81 ? 4   ILE A CB  1 
ATOM   11  C  CG1 . ILE A 1 4   ? -3.761  -11.134 8.199   1.00 84.59 ? 4   ILE A CG1 1 
ATOM   12  C  CG2 . ILE A 1 4   ? -6.139  -11.109 7.277   1.00 84.55 ? 4   ILE A CG2 1 
ATOM   13  C  CD1 . ILE A 1 4   ? -3.483  -12.558 7.841   1.00 85.81 ? 4   ILE A CD1 1 
ATOM   14  N  N   . TYR A 1 5   ? -5.500  -7.733  7.292   1.00 82.75 ? 5   TYR A N   1 
ATOM   15  C  CA  . TYR A 1 5   ? -4.967  -6.643  6.468   1.00 82.84 ? 5   TYR A CA  1 
ATOM   16  C  C   . TYR A 1 5   ? -4.899  -5.318  7.256   1.00 83.01 ? 5   TYR A C   1 
ATOM   17  O  O   . TYR A 1 5   ? -4.042  -4.487  6.974   1.00 83.00 ? 5   TYR A O   1 
ATOM   18  C  CB  . TYR A 1 5   ? -5.764  -6.494  5.162   1.00 82.59 ? 5   TYR A CB  1 
ATOM   19  C  CG  . TYR A 1 5   ? -5.910  -7.793  4.397   1.00 82.98 ? 5   TYR A CG  1 
ATOM   20  C  CD1 . TYR A 1 5   ? -4.811  -8.400  3.808   1.00 83.82 ? 5   TYR A CD1 1 
ATOM   21  C  CD2 . TYR A 1 5   ? -7.099  -8.505  4.422   1.00 83.71 ? 5   TYR A CD2 1 
ATOM   22  N  N   . LYS A 1 6   ? -5.761  -5.150  8.277   1.00 83.06 ? 6   LYS A N   1 
ATOM   23  C  CA  . LYS A 1 6   ? -5.771  -3.968  9.141   1.00 83.56 ? 6   LYS A CA  1 
ATOM   24  C  C   . LYS A 1 6   ? -4.570  -3.932  10.103  1.00 83.68 ? 6   LYS A C   1 
ATOM   25  O  O   . LYS A 1 6   ? -4.190  -2.858  10.564  1.00 84.11 ? 6   LYS A O   1 
ATOM   26  C  CB  . LYS A 1 6   ? -7.089  -3.875  9.922   1.00 85.43 ? 6   LYS A CB  1 
ATOM   27  N  N   . ALA A 1 7   ? -3.978  -5.095  10.413  1.00 83.10 ? 7   ALA A N   1 
ATOM   28  C  CA  . ALA A 1 7   ? -2.806  -5.153  11.279  1.00 83.03 ? 7   ALA A CA  1 
ATOM   29  C  C   . ALA A 1 7   ? -1.580  -4.594  10.543  1.00 82.64 ? 7   ALA A C   1 
ATOM   30  O  O   . ALA A 1 7   ? -0.763  -3.899  11.147  1.00 82.69 ? 7   ALA A O   1 
ATOM   31  N  N   . ALA A 1 8   ? -1.464  -4.872  9.234   1.00 81.98 ? 8   ALA A N   1 
ATOM   32  C  CA  . ALA A 1 8   ? -0.350  -4.365  8.437   1.00 81.93 ? 8   ALA A CA  1 
ATOM   33  C  C   . ALA A 1 8   ? -0.460  -2.864  8.087   1.00 81.67 ? 8   ALA A C   1 
ATOM   34  O  O   . ALA A 1 8   ? 0.517   -2.288  7.609   1.00 81.82 ? 8   ALA A O   1 
ATOM   35  C  CB  . ALA A 1 8   ? -0.181  -5.197  7.180   1.00 82.02 ? 8   ALA A CB  1 
ATOM   36  N  N   . VAL A 1 9   ? -1.627  -2.230  8.346   1.00 81.19 ? 9   VAL A N   1 
ATOM   37  C  CA  . VAL A 1 9   ? -1.857  -0.799  8.113   1.00 81.27 ? 9   VAL A CA  1 
ATOM   38  C  C   . VAL A 1 9   ? -1.075  0.011   9.162   1.00 81.58 ? 9   VAL A C   1 
ATOM   39  O  O   . VAL A 1 9   ? -0.399  0.983   8.821   1.00 81.42 ? 9   VAL A O   1 
ATOM   40  C  CB  . VAL A 1 9   ? -3.373  -0.453  8.118   1.00 81.67 ? 9   VAL A CB  1 
ATOM   41  C  CG1 . VAL A 1 9   ? -3.602  1.055   8.165   1.00 82.08 ? 9   VAL A CG1 1 
ATOM   42  C  CG2 . VAL A 1 9   ? -4.083  -1.067  6.914   1.00 81.94 ? 9   VAL A CG2 1 
ATOM   43  N  N   . GLU A 1 10  ? -1.117  -0.434  10.433  1.00 81.69 ? 10  GLU A N   1 
ATOM   44  C  CA  . GLU A 1 10  ? -0.366  0.208   11.516  1.00 81.97 ? 10  GLU A CA  1 
ATOM   45  C  C   . GLU A 1 10  ? 1.160   0.066   11.337  1.00 82.05 ? 10  GLU A C   1 
ATOM   46  O  O   . GLU A 1 10  ? 1.914   0.893   11.848  1.00 82.37 ? 10  GLU A O   1 
ATOM   47  C  CB  . GLU A 1 10  ? -0.812  -0.325  12.884  1.00 83.93 ? 10  GLU A CB  1 
ATOM   48  C  CG  . GLU A 1 10  ? -2.242  0.049   13.234  1.00 88.08 ? 10  GLU A CG  1 
ATOM   49  N  N   . GLN A 1 11  ? 1.612   -0.950  10.582  1.00 81.54 ? 11  GLN A N   1 
ATOM   50  C  CA  . GLN A 1 11  ? 3.028   -1.156  10.290  1.00 81.71 ? 11  GLN A CA  1 
ATOM   51  C  C   . GLN A 1 11  ? 3.582   -0.130  9.284   1.00 81.45 ? 11  GLN A C   1 
ATOM   52  O  O   . GLN A 1 11  ? 4.798   0.060   9.225   1.00 81.64 ? 11  GLN A O   1 
ATOM   53  C  CB  . GLN A 1 11  ? 3.272   -2.582  9.769   1.00 83.43 ? 11  GLN A CB  1 
ATOM   54  N  N   . LEU A 1 12  ? 2.698   0.508   8.476   1.00 80.66 ? 12  LEU A N   1 
ATOM   55  C  CA  . LEU A 1 12  ? 3.100   1.508   7.483   1.00 80.07 ? 12  LEU A CA  1 
ATOM   56  C  C   . LEU A 1 12  ? 3.718   2.722   8.169   1.00 79.15 ? 12  LEU A C   1 
ATOM   57  O  O   . LEU A 1 12  ? 3.258   3.124   9.241   1.00 79.31 ? 12  LEU A O   1 
ATOM   58  C  CB  . LEU A 1 12  ? 1.892   1.969   6.643   1.00 80.28 ? 12  LEU A CB  1 
ATOM   59  C  CG  . LEU A 1 12  ? 1.271   0.943   5.702   1.00 81.66 ? 12  LEU A CG  1 
ATOM   60  C  CD1 . LEU A 1 12  ? -0.093  1.402   5.221   1.00 82.07 ? 12  LEU A CD1 1 
ATOM   61  C  CD2 . LEU A 1 12  ? 2.169   0.677   4.521   1.00 82.20 ? 12  LEU A CD2 1 
ATOM   62  N  N   . THR A 1 13  ? 4.741   3.320   7.541   1.00 78.07 ? 13  THR A N   1 
ATOM   63  C  CA  . THR A 1 13  ? 5.411   4.509   8.075   1.00 77.63 ? 13  THR A CA  1 
ATOM   64  C  C   . THR A 1 13  ? 4.547   5.782   7.868   1.00 76.69 ? 13  THR A C   1 
ATOM   65  O  O   . THR A 1 13  ? 3.531   5.734   7.165   1.00 76.81 ? 13  THR A O   1 
ATOM   66  C  CB  . THR A 1 13  ? 6.821   4.650   7.442   1.00 79.06 ? 13  THR A CB  1 
ATOM   67  O  OG1 . THR A 1 13  ? 6.699   5.085   6.086   1.00 80.15 ? 13  THR A OG1 1 
ATOM   68  C  CG2 . THR A 1 13  ? 7.634   3.364   7.510   1.00 79.25 ? 13  THR A CG2 1 
ATOM   69  N  N   . GLU A 1 14  ? 4.943   6.915   8.481   1.00 75.27 ? 14  GLU A N   1 
ATOM   70  C  CA  . GLU A 1 14  ? 4.234   8.182   8.307   1.00 74.21 ? 14  GLU A CA  1 
ATOM   71  C  C   . GLU A 1 14  ? 4.373   8.686   6.858   1.00 72.92 ? 14  GLU A C   1 
ATOM   72  O  O   . GLU A 1 14  ? 3.441   9.282   6.318   1.00 73.20 ? 14  GLU A O   1 
ATOM   73  C  CB  . GLU A 1 14  ? 4.764   9.237   9.290   1.00 76.15 ? 14  GLU A CB  1 
ATOM   74  N  N   . GLU A 1 15  ? 5.532   8.430   6.228   1.00 71.16 ? 15  GLU A N   1 
ATOM   75  C  CA  . GLU A 1 15  ? 5.800   8.826   4.850   1.00 69.89 ? 15  GLU A CA  1 
ATOM   76  C  C   . GLU A 1 15  ? 4.963   8.006   3.857   1.00 68.18 ? 15  GLU A C   1 
ATOM   77  O  O   . GLU A 1 15  ? 4.617   8.515   2.789   1.00 68.40 ? 15  GLU A O   1 
ATOM   78  C  CB  . GLU A 1 15  ? 7.294   8.668   4.531   1.00 71.71 ? 15  GLU A CB  1 
ATOM   79  N  N   . GLN A 1 16  ? 4.674   6.734   4.184   1.00 66.01 ? 16  GLN A N   1 
ATOM   80  C  CA  . GLN A 1 16  ? 3.885   5.887   3.298   1.00 64.42 ? 16  GLN A CA  1 
ATOM   81  C  C   . GLN A 1 16  ? 2.417   6.304   3.367   1.00 61.86 ? 16  GLN A C   1 
ATOM   82  O  O   . GLN A 1 16  ? 1.786   6.463   2.329   1.00 61.55 ? 16  GLN A O   1 
ATOM   83  C  CB  . GLN A 1 16  ? 4.045   4.409   3.667   1.00 66.26 ? 16  GLN A CB  1 
ATOM   84  C  CG  . GLN A 1 16  ? 5.368   3.805   3.241   1.00 69.97 ? 16  GLN A CG  1 
ATOM   85  C  CD  . GLN A 1 16  ? 5.462   2.395   3.755   1.00 74.66 ? 16  GLN A CD  1 
ATOM   86  O  OE1 . GLN A 1 16  ? 5.311   2.141   4.958   1.00 76.82 ? 16  GLN A OE1 1 
ATOM   87  N  NE2 . GLN A 1 16  ? 5.695   1.448   2.855   1.00 74.34 ? 16  GLN A NE2 1 
ATOM   88  N  N   . LYS A 1 17  ? 1.899   6.530   4.581   1.00 59.89 ? 17  LYS A N   1 
ATOM   89  C  CA  . LYS A 1 17  ? 0.526   6.982   4.788   1.00 58.65 ? 17  LYS A CA  1 
ATOM   90  C  C   . LYS A 1 17  ? 0.286   8.345   4.115   1.00 56.74 ? 17  LYS A C   1 
ATOM   91  O  O   . LYS A 1 17  ? -0.755  8.533   3.491   1.00 56.26 ? 17  LYS A O   1 
ATOM   92  C  CB  . LYS A 1 17  ? 0.188   7.042   6.284   1.00 60.24 ? 17  LYS A CB  1 
ATOM   93  C  CG  . LYS A 1 17  ? 0.090   5.677   6.941   1.00 64.03 ? 17  LYS A CG  1 
ATOM   94  N  N   . ASN A 1 18  ? 1.262   9.269   4.198   1.00 55.52 ? 18  ASN A N   1 
ATOM   95  C  CA  . ASN A 1 18  ? 1.157   10.589  3.566   1.00 54.87 ? 18  ASN A CA  1 
ATOM   96  C  C   . ASN A 1 18  ? 1.216   10.494  2.043   1.00 53.67 ? 18  ASN A C   1 
ATOM   97  O  O   . ASN A 1 18  ? 0.571   11.289  1.346   1.00 53.47 ? 18  ASN A O   1 
ATOM   98  C  CB  . ASN A 1 18  ? 2.247   11.542  4.077   1.00 56.35 ? 18  ASN A CB  1 
ATOM   99  N  N   . GLU A 1 19  ? 1.996   9.533   1.521   1.00 52.56 ? 19  GLU A N   1 
ATOM   100 C  CA  . GLU A 1 19  ? 2.100   9.303   0.082   1.00 51.62 ? 19  GLU A CA  1 
ATOM   101 C  C   . GLU A 1 19  ? 0.777   8.761   -0.441  1.00 50.06 ? 19  GLU A C   1 
ATOM   102 O  O   . GLU A 1 19  ? 0.323   9.196   -1.495  1.00 50.79 ? 19  GLU A O   1 
ATOM   103 C  CB  . GLU A 1 19  ? 3.227   8.301   -0.235  1.00 53.99 ? 19  GLU A CB  1 
ATOM   104 N  N   . PHE A 1 20  ? 0.165   7.808   0.289   1.00 48.14 ? 20  PHE A N   1 
ATOM   105 C  CA  . PHE A 1 20  ? -1.114  7.203   -0.099  1.00 46.55 ? 20  PHE A CA  1 
ATOM   106 C  C   . PHE A 1 20  ? -2.251  8.206   0.025   1.00 43.68 ? 20  PHE A C   1 
ATOM   107 O  O   . PHE A 1 20  ? -3.164  8.190   -0.796  1.00 42.33 ? 20  PHE A O   1 
ATOM   108 C  CB  . PHE A 1 20  ? -1.424  5.945   0.731   1.00 46.94 ? 20  PHE A CB  1 
ATOM   109 C  CG  . PHE A 1 20  ? -0.509  4.765   0.480   1.00 48.49 ? 20  PHE A CG  1 
ATOM   110 C  CD1 . PHE A 1 20  ? 0.137   4.613   -0.729  1.00 49.70 ? 20  PHE A CD1 1 
ATOM   111 C  CD2 . PHE A 1 20  ? -0.301  3.808   1.460   1.00 50.05 ? 20  PHE A CD2 1 
ATOM   112 C  CE1 . PHE A 1 20  ? 0.973   3.521   -0.962  1.00 50.89 ? 20  PHE A CE1 1 
ATOM   113 C  CE2 . PHE A 1 20  ? 0.538   2.718   1.228   1.00 50.86 ? 20  PHE A CE2 1 
ATOM   114 C  CZ  . PHE A 1 20  ? 1.175   2.587   0.022   1.00 50.68 ? 20  PHE A CZ  1 
ATOM   115 N  N   . LYS A 1 21  ? -2.182  9.102   1.026   1.00 42.75 ? 21  LYS A N   1 
ATOM   116 C  CA  . LYS A 1 21  ? -3.182  10.149  1.204   1.00 42.25 ? 21  LYS A CA  1 
ATOM   117 C  C   . LYS A 1 21  ? -3.193  11.102  0.030   1.00 41.97 ? 21  LYS A C   1 
ATOM   118 O  O   . LYS A 1 21  ? -4.264  11.437  -0.467  1.00 42.18 ? 21  LYS A O   1 
ATOM   119 C  CB  . LYS A 1 21  ? -3.006  10.909  2.530   1.00 43.23 ? 21  LYS A CB  1 
ATOM   120 C  CG  . LYS A 1 21  ? -4.149  11.900  2.811   1.00 45.83 ? 21  LYS A CG  1 
ATOM   121 C  CD  . LYS A 1 21  ? -5.530  11.210  2.818   1.00 48.67 ? 21  LYS A CD  1 
ATOM   122 C  CE  . LYS A 1 21  ? -6.519  11.879  3.743   1.00 51.90 ? 21  LYS A CE  1 
ATOM   123 N  NZ  . LYS A 1 21  ? -6.817  13.260  3.295   1.00 53.27 ? 21  LYS A NZ  1 
ATOM   124 N  N   . ALA A 1 22  ? -2.014  11.476  -0.458  1.00 41.72 ? 22  ALA A N   1 
ATOM   125 C  CA  . ALA A 1 22  ? -1.864  12.349  -1.616  1.00 41.93 ? 22  ALA A CA  1 
ATOM   126 C  C   . ALA A 1 22  ? -2.487  11.722  -2.856  1.00 41.11 ? 22  ALA A C   1 
ATOM   127 O  O   . ALA A 1 22  ? -3.124  12.426  -3.644  1.00 41.51 ? 22  ALA A O   1 
ATOM   128 C  CB  . ALA A 1 22  ? -0.391  12.632  -1.867  1.00 42.54 ? 22  ALA A CB  1 
ATOM   129 N  N   . ALA A 1 23  ? -2.303  10.401  -3.046  1.00 39.72 ? 23  ALA A N   1 
ATOM   130 C  CA  . ALA A 1 23  ? -2.893  9.715   -4.190  1.00 38.43 ? 23  ALA A CA  1 
ATOM   131 C  C   . ALA A 1 23  ? -4.431  9.689   -4.034  1.00 36.91 ? 23  ALA A C   1 
ATOM   132 O  O   . ALA A 1 23  ? -5.143  10.001  -4.979  1.00 36.80 ? 23  ALA A O   1 
ATOM   133 C  CB  . ALA A 1 23  ? -2.334  8.284   -4.311  1.00 37.99 ? 23  ALA A CB  1 
ATOM   134 N  N   . PHE A 1 24  ? -4.930  9.330   -2.850  1.00 36.68 ? 24  PHE A N   1 
ATOM   135 C  CA  . PHE A 1 24  ? -6.354  9.269   -2.532  1.00 36.80 ? 24  PHE A CA  1 
ATOM   136 C  C   . PHE A 1 24  ? -7.023  10.627  -2.810  1.00 36.92 ? 24  PHE A C   1 
ATOM   137 O  O   . PHE A 1 24  ? -8.110  10.685  -3.384  1.00 36.91 ? 24  PHE A O   1 
ATOM   138 C  CB  . PHE A 1 24  ? -6.545  8.885   -1.057  1.00 36.64 ? 24  PHE A CB  1 
ATOM   139 C  CG  . PHE A 1 24  ? -7.993  8.796   -0.632  1.00 38.01 ? 24  PHE A CG  1 
ATOM   140 C  CD1 . PHE A 1 24  ? -8.745  7.668   -0.909  1.00 38.85 ? 24  PHE A CD1 1 
ATOM   141 C  CD2 . PHE A 1 24  ? -8.621  9.870   -0.010  1.00 39.51 ? 24  PHE A CD2 1 
ATOM   142 C  CE1 . PHE A 1 24  ? -10.083 7.599   -0.545  1.00 39.54 ? 24  PHE A CE1 1 
ATOM   143 C  CE2 . PHE A 1 24  ? -9.952  9.785   0.387   1.00 39.82 ? 24  PHE A CE2 1 
ATOM   144 C  CZ  . PHE A 1 24  ? -10.677 8.660   0.100   1.00 39.38 ? 24  PHE A CZ  1 
ATOM   145 N  N   . ASP A 1 25  ? -6.352  11.709  -2.436  1.00 37.03 ? 25  ASP A N   1 
ATOM   146 C  CA  . ASP A 1 25  ? -6.873  13.057  -2.656  1.00 37.58 ? 25  ASP A CA  1 
ATOM   147 C  C   . ASP A 1 25  ? -7.118  13.354  -4.126  1.00 37.85 ? 25  ASP A C   1 
ATOM   148 O  O   . ASP A 1 25  ? -8.052  14.086  -4.430  1.00 38.39 ? 25  ASP A O   1 
ATOM   149 C  CB  . ASP A 1 25  ? -5.954  14.105  -2.025  1.00 38.91 ? 25  ASP A CB  1 
ATOM   150 C  CG  . ASP A 1 25  ? -6.015  14.155  -0.500  1.00 45.06 ? 25  ASP A CG  1 
ATOM   151 O  OD1 . ASP A 1 25  ? -6.869  13.440  0.094   1.00 46.23 ? 25  ASP A OD1 1 
ATOM   152 O  OD2 . ASP A 1 25  ? -5.218  14.906  0.099   1.00 46.73 ? 25  ASP A OD2 1 
ATOM   153 N  N   . ILE A 1 26  ? -6.285  12.825  -5.038  1.00 37.54 ? 26  ILE A N   1 
ATOM   154 C  CA  . ILE A 1 26  ? -6.499  13.027  -6.462  1.00 37.67 ? 26  ILE A CA  1 
ATOM   155 C  C   . ILE A 1 26  ? -7.764  12.281  -6.898  1.00 37.47 ? 26  ILE A C   1 
ATOM   156 O  O   . ILE A 1 26  ? -8.575  12.833  -7.631  1.00 36.82 ? 26  ILE A O   1 
ATOM   157 C  CB  . ILE A 1 26  ? -5.262  12.647  -7.310  1.00 38.95 ? 26  ILE A CB  1 
ATOM   158 C  CG1 . ILE A 1 26  ? -4.017  13.468  -6.880  1.00 40.60 ? 26  ILE A CG1 1 
ATOM   159 C  CG2 . ILE A 1 26  ? -5.543  12.811  -8.807  1.00 38.97 ? 26  ILE A CG2 1 
ATOM   160 C  CD1 . ILE A 1 26  ? -4.180  14.966  -7.011  1.00 41.33 ? 26  ILE A CD1 1 
ATOM   161 N  N   . PHE A 1 27  ? -7.968  11.050  -6.394  1.00 37.74 ? 27  PHE A N   1 
ATOM   162 C  CA  . PHE A 1 27  ? -9.169  10.289  -6.731  1.00 38.38 ? 27  PHE A CA  1 
ATOM   163 C  C   . PHE A 1 27  ? -10.432 10.988  -6.251  1.00 38.50 ? 27  PHE A C   1 
ATOM   164 O  O   . PHE A 1 27  ? -11.448 10.904  -6.929  1.00 38.78 ? 27  PHE A O   1 
ATOM   165 C  CB  . PHE A 1 27  ? -9.126  8.916   -6.069  1.00 38.49 ? 27  PHE A CB  1 
ATOM   166 C  CG  . PHE A 1 27  ? -8.350  7.877   -6.829  1.00 39.04 ? 27  PHE A CG  1 
ATOM   167 C  CD1 . PHE A 1 27  ? -6.991  7.728   -6.631  1.00 39.57 ? 27  PHE A CD1 1 
ATOM   168 C  CD2 . PHE A 1 27  ? -8.989  7.020   -7.711  1.00 40.54 ? 27  PHE A CD2 1 
ATOM   169 C  CE1 . PHE A 1 27  ? -6.278  6.754   -7.316  1.00 40.26 ? 27  PHE A CE1 1 
ATOM   170 C  CE2 . PHE A 1 27  ? -8.276  6.025   -8.382  1.00 41.02 ? 27  PHE A CE2 1 
ATOM   171 C  CZ  . PHE A 1 27  ? -6.925  5.905   -8.183  1.00 40.42 ? 27  PHE A CZ  1 
ATOM   172 N  N   . VAL A 1 28  ? -10.391 11.642  -5.073  1.00 38.02 ? 28  VAL A N   1 
ATOM   173 C  CA  . VAL A 1 28  ? -11.615 12.271  -4.543  1.00 38.07 ? 28  VAL A CA  1 
ATOM   174 C  C   . VAL A 1 28  ? -11.714 13.765  -4.804  1.00 38.38 ? 28  VAL A C   1 
ATOM   175 O  O   . VAL A 1 28  ? -12.638 14.380  -4.270  1.00 39.32 ? 28  VAL A O   1 
ATOM   176 C  CB  . VAL A 1 28  ? -11.832 11.966  -3.046  1.00 37.78 ? 28  VAL A CB  1 
ATOM   177 C  CG1 . VAL A 1 28  ? -11.893 10.467  -2.813  1.00 38.89 ? 28  VAL A CG1 1 
ATOM   178 C  CG2 . VAL A 1 28  ? -10.734 12.590  -2.192  1.00 37.70 ? 28  VAL A CG2 1 
ATOM   179 N  N   . LEU A 1 29  ? -10.848 14.344  -5.646  1.00 38.00 ? 29  LEU A N   1 
ATOM   180 C  CA  . LEU A 1 29  ? -10.960 15.775  -5.952  1.00 38.66 ? 29  LEU A CA  1 
ATOM   181 C  C   . LEU A 1 29  ? -12.355 16.170  -6.549  1.00 40.00 ? 29  LEU A C   1 
ATOM   182 O  O   . LEU A 1 29  ? -12.911 17.198  -6.169  1.00 40.77 ? 29  LEU A O   1 
ATOM   183 C  CB  . LEU A 1 29  ? -9.818  16.237  -6.852  1.00 38.51 ? 29  LEU A CB  1 
ATOM   184 C  CG  . LEU A 1 29  ? -9.869  17.699  -7.306  1.00 38.83 ? 29  LEU A CG  1 
ATOM   185 C  CD1 . LEU A 1 29  ? -9.787  18.653  -6.131  1.00 39.30 ? 29  LEU A CD1 1 
ATOM   186 C  CD2 . LEU A 1 29  ? -8.784  17.972  -8.294  1.00 39.13 ? 29  LEU A CD2 1 
ATOM   187 N  N   . GLY A 1 30  ? -12.938 15.327  -7.388  1.00 39.81 ? 30  GLY A N   1 
ATOM   188 C  CA  . GLY A 1 30  ? -14.258 15.593  -7.948  1.00 40.50 ? 30  GLY A CA  1 
ATOM   189 C  C   . GLY A 1 30  ? -15.425 15.110  -7.108  1.00 41.45 ? 30  GLY A C   1 
ATOM   190 O  O   . GLY A 1 30  ? -16.580 15.277  -7.503  1.00 42.29 ? 30  GLY A O   1 
ATOM   191 N  N   . ALA A 1 31  ? -15.156 14.507  -5.952  1.00 41.47 ? 31  ALA A N   1 
ATOM   192 C  CA  . ALA A 1 31  ? -16.202 13.968  -5.100  1.00 42.98 ? 31  ALA A CA  1 
ATOM   193 C  C   . ALA A 1 31  ? -16.628 14.967  -4.042  1.00 45.06 ? 31  ALA A C   1 
ATOM   194 O  O   . ALA A 1 31  ? -15.781 15.484  -3.325  1.00 45.35 ? 31  ALA A O   1 
ATOM   195 C  CB  . ALA A 1 31  ? -15.705 12.704  -4.419  1.00 43.14 ? 31  ALA A CB  1 
ATOM   196 N  N   . GLU A 1 32  ? -17.933 15.177  -3.887  1.00 46.14 ? 32  GLU A N   1 
ATOM   197 C  CA  . GLU A 1 32  ? -18.443 16.070  -2.843  1.00 47.69 ? 32  GLU A CA  1 
ATOM   198 C  C   . GLU A 1 32  ? -18.345 15.426  -1.432  1.00 48.49 ? 32  GLU A C   1 
ATOM   199 O  O   . GLU A 1 32  ? -18.159 16.155  -0.453  1.00 49.00 ? 32  GLU A O   1 
ATOM   200 C  CB  . GLU A 1 32  ? -19.887 16.483  -3.153  1.00 49.49 ? 32  GLU A CB  1 
ATOM   201 N  N   . ASP A 1 33  ? -18.402 14.068  -1.323  1.00 48.13 ? 33  ASP A N   1 
ATOM   202 C  CA  . ASP A 1 33  ? -18.372 13.434  0.003   1.00 48.43 ? 33  ASP A CA  1 
ATOM   203 C  C   . ASP A 1 33  ? -16.996 12.881  0.484   1.00 47.67 ? 33  ASP A C   1 
ATOM   204 O  O   . ASP A 1 33  ? -16.952 12.187  1.501   1.00 48.52 ? 33  ASP A O   1 
ATOM   205 C  CB  . ASP A 1 33  ? -19.445 12.333  0.115   1.00 51.16 ? 33  ASP A CB  1 
ATOM   206 C  CG  . ASP A 1 33  ? -19.258 11.150  -0.815  1.00 56.72 ? 33  ASP A CG  1 
ATOM   207 O  OD1 . ASP A 1 33  ? -18.168 11.030  -1.414  1.00 56.91 ? 33  ASP A OD1 1 
ATOM   208 O  OD2 . ASP A 1 33  ? -20.202 10.339  -0.943  1.00 60.24 ? 33  ASP A OD2 1 
ATOM   209 N  N   . GLY A 1 34  ? -15.917 13.168  -0.237  1.00 45.93 ? 34  GLY A N   1 
ATOM   210 C  CA  . GLY A 1 34  ? -14.579 12.745  0.160   1.00 44.85 ? 34  GLY A CA  1 
ATOM   211 C  C   . GLY A 1 34  ? -14.264 11.262  0.017   1.00 43.91 ? 34  GLY A C   1 
ATOM   212 O  O   . GLY A 1 34  ? -13.351 10.756  0.679   1.00 44.59 ? 34  GLY A O   1 
ATOM   213 N  N   . SER A 1 35  ? -15.038 10.544  -0.787  1.00 42.07 ? 35  SER A N   1 
ATOM   214 C  CA  . SER A 1 35  ? -14.812 9.116   -1.012  1.00 41.95 ? 35  SER A CA  1 
ATOM   215 C  C   . SER A 1 35  ? -14.834 8.805   -2.513  1.00 40.49 ? 35  SER A C   1 
ATOM   216 O  O   . SER A 1 35  ? -15.313 9.620   -3.303  1.00 39.88 ? 35  SER A O   1 
ATOM   217 C  CB  . SER A 1 35  ? -15.849 8.280   -0.277  1.00 44.59 ? 35  SER A CB  1 
ATOM   218 O  OG  . SER A 1 35  ? -17.116 8.625   -0.802  1.00 48.33 ? 35  SER A OG  1 
ATOM   219 N  N   . ILE A 1 36  ? -14.247 7.659   -2.922  1.00 39.66 ? 36  ILE A N   1 
ATOM   220 C  CA  . ILE A 1 36  ? -14.188 7.317   -4.345  1.00 39.94 ? 36  ILE A CA  1 
ATOM   221 C  C   . ILE A 1 36  ? -15.433 6.563   -4.769  1.00 40.09 ? 36  ILE A C   1 
ATOM   222 O  O   . ILE A 1 36  ? -15.684 5.485   -4.267  1.00 39.76 ? 36  ILE A O   1 
ATOM   223 C  CB  . ILE A 1 36  ? -12.922 6.477   -4.696  1.00 39.91 ? 36  ILE A CB  1 
ATOM   224 C  CG1 . ILE A 1 36  ? -11.632 7.048   -4.046  1.00 39.99 ? 36  ILE A CG1 1 
ATOM   225 C  CG2 . ILE A 1 36  ? -12.789 6.308   -6.200  1.00 40.66 ? 36  ILE A CG2 1 
ATOM   226 C  CD1 . ILE A 1 36  ? -10.411 6.071   -4.113  1.00 40.55 ? 36  ILE A CD1 1 
ATOM   227 N  N   . SER A 1 37  ? -16.194 7.110   -5.705  1.00 40.08 ? 37  SER A N   1 
ATOM   228 C  CA  . SER A 1 37  ? -17.351 6.423   -6.259  1.00 39.80 ? 37  SER A CA  1 
ATOM   229 C  C   . SER A 1 37  ? -16.960 5.956   -7.663  1.00 39.94 ? 37  SER A C   1 
ATOM   230 O  O   . SER A 1 37  ? -15.850 6.241   -8.100  1.00 39.48 ? 37  SER A O   1 
ATOM   231 C  CB  . SER A 1 37  ? -18.561 7.360   -6.311  1.00 40.55 ? 37  SER A CB  1 
ATOM   232 O  OG  . SER A 1 37  ? -18.472 8.269   -7.395  1.00 42.69 ? 37  SER A OG  1 
ATOM   233 N  N   . THR A 1 38  ? -17.867 5.274   -8.397  1.00 40.52 ? 38  THR A N   1 
ATOM   234 C  CA  . THR A 1 38  ? -17.582 4.854   -9.769  1.00 41.29 ? 38  THR A CA  1 
ATOM   235 C  C   . THR A 1 38  ? -17.344 6.036   -10.699 1.00 40.72 ? 38  THR A C   1 
ATOM   236 O  O   . THR A 1 38  ? -16.614 5.910   -11.681 1.00 40.71 ? 38  THR A O   1 
ATOM   237 C  CB  . THR A 1 38  ? -18.690 3.921   -10.282 1.00 43.79 ? 38  THR A CB  1 
ATOM   238 O  OG1 . THR A 1 38  ? -19.922 4.651   -10.321 1.00 44.90 ? 38  THR A OG1 1 
ATOM   239 C  CG2 . THR A 1 38  ? -18.847 2.681   -9.398  1.00 43.97 ? 38  THR A CG2 1 
ATOM   240 N  N   . LYS A 1 39  ? -17.945 7.197   -10.400 1.00 40.13 ? 39  LYS A N   1 
ATOM   241 C  CA  . LYS A 1 39  ? -17.743 8.395   -11.218 1.00 39.98 ? 39  LYS A CA  1 
ATOM   242 C  C   . LYS A 1 39  ? -16.295 8.860   -11.140 1.00 38.92 ? 39  LYS A C   1 
ATOM   243 O  O   . LYS A 1 39  ? -15.695 9.131   -12.171 1.00 39.78 ? 39  LYS A O   1 
ATOM   244 C  CB  . LYS A 1 39  ? -18.701 9.528   -10.789 1.00 41.74 ? 39  LYS A CB  1 
ATOM   245 C  CG  . LYS A 1 39  ? -18.532 10.796  -11.615 1.00 46.52 ? 39  LYS A CG  1 
ATOM   246 N  N   . GLU A 1 40  ? -15.722 8.916   -9.937  1.00 38.33 ? 40  GLU A N   1 
ATOM   247 C  CA  . GLU A 1 40  ? -14.332 9.333   -9.764  1.00 38.12 ? 40  GLU A CA  1 
ATOM   248 C  C   . GLU A 1 40  ? -13.380 8.273   -10.340 1.00 36.85 ? 40  GLU A C   1 
ATOM   249 O  O   . GLU A 1 40  ? -12.444 8.606   -11.055 1.00 36.34 ? 40  GLU A O   1 
ATOM   250 C  CB  . GLU A 1 40  ? -14.040 9.562   -8.281  1.00 40.76 ? 40  GLU A CB  1 
ATOM   251 C  CG  . GLU A 1 40  ? -14.595 10.886  -7.793  1.00 44.42 ? 40  GLU A CG  1 
ATOM   252 C  CD  . GLU A 1 40  ? -16.077 10.842  -7.521  1.00 50.07 ? 40  GLU A CD  1 
ATOM   253 O  OE1 . GLU A 1 40  ? -16.797 11.782  -7.932  1.00 53.12 ? 40  GLU A OE1 1 
ATOM   254 O  OE2 . GLU A 1 40  ? -16.522 9.856   -6.893  1.00 50.30 ? 40  GLU A OE2 1 
ATOM   255 N  N   . LEU A 1 41  ? -13.660 7.007   -10.055 1.00 36.34 ? 41  LEU A N   1 
ATOM   256 C  CA  . LEU A 1 41  ? -12.840 5.903   -10.547 1.00 35.87 ? 41  LEU A CA  1 
ATOM   257 C  C   . LEU A 1 41  ? -12.805 5.869   -12.094 1.00 35.60 ? 41  LEU A C   1 
ATOM   258 O  O   . LEU A 1 41  ? -11.722 5.769   -12.668 1.00 35.72 ? 41  LEU A O   1 
ATOM   259 C  CB  . LEU A 1 41  ? -13.350 4.588   -9.943  1.00 35.76 ? 41  LEU A CB  1 
ATOM   260 C  CG  . LEU A 1 41  ? -12.534 3.334   -10.314 1.00 36.79 ? 41  LEU A CG  1 
ATOM   261 C  CD1 . LEU A 1 41  ? -11.088 3.457   -9.830  1.00 37.18 ? 41  LEU A CD1 1 
ATOM   262 C  CD2 . LEU A 1 41  ? -13.188 2.090   -9.766  1.00 36.64 ? 41  LEU A CD2 1 
ATOM   263 N  N   . GLY A 1 42  ? -13.965 6.027   -12.744 1.00 35.09 ? 42  GLY A N   1 
ATOM   264 C  CA  . GLY A 1 42  ? -14.080 6.063   -14.201 1.00 35.82 ? 42  GLY A CA  1 
ATOM   265 C  C   . GLY A 1 42  ? -13.264 7.171   -14.826 1.00 36.80 ? 42  GLY A C   1 
ATOM   266 O  O   . GLY A 1 42  ? -12.548 6.936   -15.794 1.00 37.17 ? 42  GLY A O   1 
ATOM   267 N  N   . LYS A 1 43  ? -13.327 8.390   -14.253 1.00 37.30 ? 43  LYS A N   1 
ATOM   268 C  CA  . LYS A 1 43  ? -12.510 9.496   -14.738 1.00 38.00 ? 43  LYS A CA  1 
ATOM   269 C  C   . LYS A 1 43  ? -11.001 9.190   -14.617 1.00 36.77 ? 43  LYS A C   1 
ATOM   270 O  O   . LYS A 1 43  ? -10.261 9.427   -15.562 1.00 36.43 ? 43  LYS A O   1 
ATOM   271 C  CB  . LYS A 1 43  ? -12.877 10.809  -14.018 1.00 41.01 ? 43  LYS A CB  1 
ATOM   272 C  CG  . LYS A 1 43  ? -14.260 11.328  -14.433 1.00 46.85 ? 43  LYS A CG  1 
ATOM   273 C  CD  . LYS A 1 43  ? -14.532 12.767  -13.912 1.00 52.03 ? 43  LYS A CD  1 
ATOM   274 C  CE  . LYS A 1 43  ? -14.736 12.815  -12.420 1.00 56.03 ? 43  LYS A CE  1 
ATOM   275 N  N   . VAL A 1 44  ? -10.560 8.651   -13.477 1.00 36.36 ? 44  VAL A N   1 
ATOM   276 C  CA  . VAL A 1 44  ? -9.141  8.338   -13.265 1.00 36.81 ? 44  VAL A CA  1 
ATOM   277 C  C   . VAL A 1 44  ? -8.717  7.254   -14.259 1.00 36.82 ? 44  VAL A C   1 
ATOM   278 O  O   . VAL A 1 44  ? -7.702  7.414   -14.928 1.00 36.67 ? 44  VAL A O   1 
ATOM   279 C  CB  . VAL A 1 44  ? -8.832  7.936   -11.797 1.00 38.02 ? 44  VAL A CB  1 
ATOM   280 C  CG1 . VAL A 1 44  ? -7.441  7.315   -11.675 1.00 38.34 ? 44  VAL A CG1 1 
ATOM   281 C  CG2 . VAL A 1 44  ? -8.973  9.131   -10.848 1.00 39.13 ? 44  VAL A CG2 1 
ATOM   282 N  N   . MET A 1 45  ? -9.562  6.215   -14.429 1.00 36.67 ? 45  MET A N   1 
ATOM   283 C  CA  . MET A 1 45  ? -9.295  5.095   -15.340 1.00 36.88 ? 45  MET A CA  1 
ATOM   284 C  C   . MET A 1 45  ? -9.191  5.582   -16.762 1.00 37.81 ? 45  MET A C   1 
ATOM   285 O  O   . MET A 1 45  ? -8.273  5.177   -17.458 1.00 37.83 ? 45  MET A O   1 
ATOM   286 C  CB  . MET A 1 45  ? -10.362 3.996   -15.179 1.00 37.06 ? 45  MET A CB  1 
ATOM   287 C  CG  . MET A 1 45  ? -10.220 3.192   -13.879 1.00 38.87 ? 45  MET A CG  1 
ATOM   288 S  SD  . MET A 1 45  ? -8.853  1.987   -13.906 1.00 42.41 ? 45  MET A SD  1 
ATOM   289 C  CE  . MET A 1 45  ? -9.663  0.592   -14.794 1.00 36.58 ? 45  MET A CE  1 
ATOM   290 N  N   . ARG A 1 46  ? -10.056 6.536   -17.174 1.00 38.20 ? 46  ARG A N   1 
ATOM   291 C  CA  . ARG A 1 46  ? -9.975  7.111   -18.532 1.00 39.50 ? 46  ARG A CA  1 
ATOM   292 C  C   . ARG A 1 46  ? -8.752  8.010   -18.724 1.00 40.29 ? 46  ARG A C   1 
ATOM   293 O  O   . ARG A 1 46  ? -8.154  8.026   -19.800 1.00 40.29 ? 46  ARG A O   1 
ATOM   294 C  CB  . ARG A 1 46  ? -11.264 7.828   -18.918 1.00 41.43 ? 46  ARG A CB  1 
ATOM   295 C  CG  . ARG A 1 46  ? -12.305 6.839   -19.412 1.00 45.90 ? 46  ARG A CG  1 
ATOM   296 C  CD  . ARG A 1 46  ? -13.588 7.523   -19.837 1.00 51.82 ? 46  ARG A CD  1 
ATOM   297 N  NE  . ARG A 1 46  ? -14.516 7.635   -18.710 1.00 56.64 ? 46  ARG A NE  1 
ATOM   298 C  CZ  . ARG A 1 46  ? -14.724 8.744   -18.017 1.00 60.79 ? 46  ARG A CZ  1 
ATOM   299 N  NH1 . ARG A 1 46  ? -15.584 8.748   -17.013 1.00 59.21 ? 46  ARG A NH1 1 
ATOM   300 N  NH2 . ARG A 1 46  ? -14.086 9.868   -18.334 1.00 63.22 ? 46  ARG A NH2 1 
ATOM   301 N  N   . MET A 1 47  ? -8.330  8.691   -17.660 1.00 41.31 ? 47  MET A N   1 
ATOM   302 C  CA  . MET A 1 47  ? -7.135  9.523   -17.719 1.00 42.83 ? 47  MET A CA  1 
ATOM   303 C  C   . MET A 1 47  ? -5.879  8.626   -17.906 1.00 42.76 ? 47  MET A C   1 
ATOM   304 O  O   . MET A 1 47  ? -4.968  8.986   -18.642 1.00 43.38 ? 47  MET A O   1 
ATOM   305 C  CB  . MET A 1 47  ? -7.059  10.374  -16.457 1.00 45.34 ? 47  MET A CB  1 
ATOM   306 C  CG  . MET A 1 47  ? -5.755  11.115  -16.280 1.00 51.90 ? 47  MET A CG  1 
ATOM   307 S  SD  . MET A 1 47  ? -5.938  12.115  -14.796 1.00 68.35 ? 47  MET A SD  1 
ATOM   308 C  CE  . MET A 1 47  ? -5.872  10.815  -13.544 1.00 66.03 ? 47  MET A CE  1 
ATOM   309 N  N   . LEU A 1 48  ? -5.876  7.427   -17.305 1.00 41.87 ? 48  LEU A N   1 
ATOM   310 C  CA  . LEU A 1 48  ? -4.781  6.473   -17.430 1.00 41.16 ? 48  LEU A CA  1 
ATOM   311 C  C   . LEU A 1 48  ? -4.779  5.696   -18.787 1.00 41.57 ? 48  LEU A C   1 
ATOM   312 O  O   . LEU A 1 48  ? -3.898  4.860   -19.018 1.00 41.54 ? 48  LEU A O   1 
ATOM   313 C  CB  . LEU A 1 48  ? -4.849  5.486   -16.255 1.00 40.50 ? 48  LEU A CB  1 
ATOM   314 C  CG  . LEU A 1 48  ? -4.664  6.065   -14.863 1.00 40.39 ? 48  LEU A CG  1 
ATOM   315 C  CD1 . LEU A 1 48  ? -4.897  4.997   -13.783 1.00 40.25 ? 48  LEU A CD1 1 
ATOM   316 C  CD2 . LEU A 1 48  ? -3.295  6.678   -14.713 1.00 40.12 ? 48  LEU A CD2 1 
ATOM   317 N  N   . GLY A 1 49  ? -5.765  5.947   -19.650 1.00 41.72 ? 49  GLY A N   1 
ATOM   318 C  CA  . GLY A 1 49  ? -5.851  5.310   -20.961 1.00 41.95 ? 49  GLY A CA  1 
ATOM   319 C  C   . GLY A 1 49  ? -6.752  4.094   -21.048 1.00 42.26 ? 49  GLY A C   1 
ATOM   320 O  O   . GLY A 1 49  ? -6.778  3.410   -22.078 1.00 42.41 ? 49  GLY A O   1 
ATOM   321 N  N   . GLN A 1 50  ? -7.501  3.811   -19.980 1.00 41.88 ? 50  GLN A N   1 
ATOM   322 C  CA  . GLN A 1 50  ? -8.416  2.676   -19.958 1.00 41.96 ? 50  GLN A CA  1 
ATOM   323 C  C   . GLN A 1 50  ? -9.809  3.063   -20.489 1.00 43.44 ? 50  GLN A C   1 
ATOM   324 O  O   . GLN A 1 50  ? -10.137 4.247   -20.600 1.00 43.87 ? 50  GLN A O   1 
ATOM   325 C  CB  . GLN A 1 50  ? -8.510  2.097   -18.529 1.00 41.17 ? 50  GLN A CB  1 
ATOM   326 C  CG  . GLN A 1 50  ? -7.160  1.688   -17.946 1.00 39.75 ? 50  GLN A CG  1 
ATOM   327 C  CD  . GLN A 1 50  ? -6.799  0.252   -18.276 1.00 40.55 ? 50  GLN A CD  1 
ATOM   328 O  OE1 . GLN A 1 50  ? -7.595  -0.674  -18.102 1.00 39.82 ? 50  GLN A OE1 1 
ATOM   329 N  NE2 . GLN A 1 50  ? -5.580  0.043   -18.740 1.00 39.03 ? 50  GLN A NE2 1 
ATOM   330 N  N   . ASN A 1 51  ? -10.635 2.069   -20.812 1.00 44.00 ? 51  ASN A N   1 
ATOM   331 C  CA  . ASN A 1 51  ? -11.992 2.309   -21.303 1.00 45.27 ? 51  ASN A CA  1 
ATOM   332 C  C   . ASN A 1 51  ? -12.898 1.389   -20.494 1.00 45.39 ? 51  ASN A C   1 
ATOM   333 O  O   . ASN A 1 51  ? -13.384 0.381   -21.018 1.00 46.40 ? 51  ASN A O   1 
ATOM   334 C  CB  . ASN A 1 51  ? -12.062 1.983   -22.809 1.00 47.64 ? 51  ASN A CB  1 
ATOM   335 C  CG  . ASN A 1 51  ? -13.362 2.384   -23.456 1.00 53.67 ? 51  ASN A CG  1 
ATOM   336 O  OD1 . ASN A 1 51  ? -14.068 3.285   -22.982 1.00 56.25 ? 51  ASN A OD1 1 
ATOM   337 N  ND2 . ASN A 1 51  ? -13.702 1.735   -24.563 1.00 54.59 ? 51  ASN A ND2 1 
ATOM   338 N  N   . PRO A 1 52  ? -13.083 1.663   -19.188 1.00 44.05 ? 52  PRO A N   1 
ATOM   339 C  CA  . PRO A 1 52  ? -13.853 0.730   -18.365 1.00 43.67 ? 52  PRO A CA  1 
ATOM   340 C  C   . PRO A 1 52  ? -15.342 0.747   -18.631 1.00 44.06 ? 52  PRO A C   1 
ATOM   341 O  O   . PRO A 1 52  ? -15.875 1.726   -19.129 1.00 43.29 ? 52  PRO A O   1 
ATOM   342 C  CB  . PRO A 1 52  ? -13.523 1.149   -16.929 1.00 44.04 ? 52  PRO A CB  1 
ATOM   343 C  CG  . PRO A 1 52  ? -13.216 2.597   -17.032 1.00 44.34 ? 52  PRO A CG  1 
ATOM   344 C  CD  . PRO A 1 52  ? -12.603 2.817   -18.398 1.00 42.93 ? 52  PRO A CD  1 
ATOM   345 N  N   . THR A 1 53  ? -15.987 -0.388  -18.363 1.00 43.91 ? 53  THR A N   1 
ATOM   346 C  CA  . THR A 1 53  ? -17.423 -0.523  -18.480 1.00 44.29 ? 53  THR A CA  1 
ATOM   347 C  C   . THR A 1 53  ? -17.987 -0.133  -17.112 1.00 45.60 ? 53  THR A C   1 
ATOM   348 O  O   . THR A 1 53  ? -17.280 -0.217  -16.102 1.00 45.86 ? 53  THR A O   1 
ATOM   349 C  CB  . THR A 1 53  ? -17.805 -1.998  -18.787 1.00 43.90 ? 53  THR A CB  1 
ATOM   350 O  OG1 . THR A 1 53  ? -17.423 -2.818  -17.684 1.00 43.83 ? 53  THR A OG1 1 
ATOM   351 C  CG2 . THR A 1 53  ? -17.201 -2.511  -20.084 1.00 44.29 ? 53  THR A CG2 1 
ATOM   352 N  N   . PRO A 1 54  ? -19.283 0.201   -17.028 1.00 46.49 ? 54  PRO A N   1 
ATOM   353 C  CA  . PRO A 1 54  ? -19.861 0.538   -15.718 1.00 46.25 ? 54  PRO A CA  1 
ATOM   354 C  C   . PRO A 1 54  ? -19.790 -0.616  -14.719 1.00 45.69 ? 54  PRO A C   1 
ATOM   355 O  O   . PRO A 1 54  ? -19.630 -0.377  -13.525 1.00 45.87 ? 54  PRO A O   1 
ATOM   356 C  CB  . PRO A 1 54  ? -21.317 0.894   -16.065 1.00 47.17 ? 54  PRO A CB  1 
ATOM   357 C  CG  . PRO A 1 54  ? -21.247 1.350   -17.485 1.00 47.81 ? 54  PRO A CG  1 
ATOM   358 C  CD  . PRO A 1 54  ? -20.266 0.401   -18.113 1.00 46.09 ? 54  PRO A CD  1 
ATOM   359 N  N   . GLU A 1 55  ? -19.953 -1.867  -15.192 1.00 45.07 ? 55  GLU A N   1 
ATOM   360 C  CA  . GLU A 1 55  ? -19.912 -3.064  -14.337 1.00 44.06 ? 55  GLU A CA  1 
ATOM   361 C  C   . GLU A 1 55  ? -18.512 -3.229  -13.758 1.00 41.69 ? 55  GLU A C   1 
ATOM   362 O  O   . GLU A 1 55  ? -18.368 -3.548  -12.578 1.00 41.31 ? 55  GLU A O   1 
ATOM   363 C  CB  . GLU A 1 55  ? -20.296 -4.328  -15.142 1.00 47.86 ? 55  GLU A CB  1 
ATOM   364 C  CG  . GLU A 1 55  ? -21.728 -4.334  -15.658 1.00 55.79 ? 55  GLU A CG  1 
ATOM   365 C  CD  . GLU A 1 55  ? -22.032 -3.358  -16.780 1.00 63.16 ? 55  GLU A CD  1 
ATOM   366 O  OE1 . GLU A 1 55  ? -21.142 -3.139  -17.634 1.00 64.09 ? 55  GLU A OE1 1 
ATOM   367 O  OE2 . GLU A 1 55  ? -23.153 -2.792  -16.791 1.00 65.52 ? 55  GLU A OE2 1 
ATOM   368 N  N   . GLU A 1 56  ? -17.474 -3.007  -14.593 1.00 40.27 ? 56  GLU A N   1 
ATOM   369 C  CA  . GLU A 1 56  ? -16.073 -3.064  -14.162 1.00 39.63 ? 56  GLU A CA  1 
ATOM   370 C  C   . GLU A 1 56  ? -15.822 -2.070  -13.001 1.00 39.17 ? 56  GLU A C   1 
ATOM   371 O  O   . GLU A 1 56  ? -15.235 -2.434  -11.981 1.00 38.12 ? 56  GLU A O   1 
ATOM   372 C  CB  . GLU A 1 56  ? -15.178 -2.715  -15.353 1.00 41.11 ? 56  GLU A CB  1 
ATOM   373 C  CG  . GLU A 1 56  ? -13.710 -2.522  -15.024 1.00 42.43 ? 56  GLU A CG  1 
ATOM   374 C  CD  . GLU A 1 56  ? -12.852 -2.241  -16.238 1.00 43.26 ? 56  GLU A CD  1 
ATOM   375 O  OE1 . GLU A 1 56  ? -13.364 -2.306  -17.381 1.00 41.14 ? 56  GLU A OE1 1 
ATOM   376 O  OE2 . GLU A 1 56  ? -11.651 -1.951  -16.044 1.00 45.15 ? 56  GLU A OE2 1 
ATOM   377 N  N   . LEU A 1 57  ? -16.311 -0.823  -13.150 1.00 39.18 ? 57  LEU A N   1 
ATOM   378 C  CA  . LEU A 1 57  ? -16.135 0.186   -12.109 1.00 39.58 ? 57  LEU A CA  1 
ATOM   379 C  C   . LEU A 1 57  ? -16.816 -0.209  -10.829 1.00 40.77 ? 57  LEU A C   1 
ATOM   380 O  O   . LEU A 1 57  ? -16.212 -0.121  -9.763  1.00 41.71 ? 57  LEU A O   1 
ATOM   381 C  CB  . LEU A 1 57  ? -16.603 1.572   -12.587 1.00 39.39 ? 57  LEU A CB  1 
ATOM   382 C  CG  . LEU A 1 57  ? -15.840 2.106   -13.803 1.00 40.54 ? 57  LEU A CG  1 
ATOM   383 C  CD1 . LEU A 1 57  ? -16.522 3.364   -14.390 1.00 41.05 ? 57  LEU A CD1 1 
ATOM   384 C  CD2 . LEU A 1 57  ? -14.383 2.372   -13.452 1.00 40.26 ? 57  LEU A CD2 1 
ATOM   385 N  N   . GLN A 1 58  ? -18.042 -0.720  -10.923 1.00 41.47 ? 58  GLN A N   1 
ATOM   386 C  CA  . GLN A 1 58  ? -18.794 -1.138  -9.745  1.00 41.69 ? 58  GLN A CA  1 
ATOM   387 C  C   . GLN A 1 58  ? -18.165 -2.298  -9.016  1.00 40.69 ? 58  GLN A C   1 
ATOM   388 O  O   . GLN A 1 58  ? -18.059 -2.261  -7.787  1.00 40.36 ? 58  GLN A O   1 
ATOM   389 C  CB  . GLN A 1 58  ? -20.256 -1.442  -10.084 1.00 44.71 ? 58  GLN A CB  1 
ATOM   390 C  CG  . GLN A 1 58  ? -21.121 -1.546  -8.824  1.00 50.41 ? 58  GLN A CG  1 
ATOM   391 C  CD  . GLN A 1 58  ? -21.210 -0.207  -8.105  1.00 57.39 ? 58  GLN A CD  1 
ATOM   392 O  OE1 . GLN A 1 58  ? -20.795 -0.047  -6.938  1.00 59.07 ? 58  GLN A OE1 1 
ATOM   393 N  NE2 . GLN A 1 58  ? -21.739 0.789   -8.805  1.00 58.46 ? 58  GLN A NE2 1 
ATOM   394 N  N   . GLU A 1 59  ? -17.721 -3.324  -9.759  1.00 39.80 ? 59  GLU A N   1 
ATOM   395 C  CA  . GLU A 1 59  ? -17.064 -4.464  -9.128  1.00 39.40 ? 59  GLU A CA  1 
ATOM   396 C  C   . GLU A 1 59  ? -15.745 -4.048  -8.464  1.00 38.89 ? 59  GLU A C   1 
ATOM   397 O  O   . GLU A 1 59  ? -15.449 -4.538  -7.381  1.00 38.68 ? 59  GLU A O   1 
ATOM   398 C  CB  . GLU A 1 59  ? -16.858 -5.589  -10.142 1.00 40.64 ? 59  GLU A CB  1 
ATOM   399 C  CG  . GLU A 1 59  ? -18.181 -6.144  -10.643 1.00 43.31 ? 59  GLU A CG  1 
ATOM   400 C  CD  . GLU A 1 59  ? -18.037 -7.219  -11.698 1.00 49.62 ? 59  GLU A CD  1 
ATOM   401 O  OE1 . GLU A 1 59  ? -18.833 -7.222  -12.668 1.00 51.25 ? 59  GLU A OE1 1 
ATOM   402 O  OE2 . GLU A 1 59  ? -17.101 -8.041  -11.572 1.00 51.30 ? 59  GLU A OE2 1 
ATOM   403 N  N   . MET A 1 60  ? -14.986 -3.101  -9.071  1.00 38.56 ? 60  MET A N   1 
ATOM   404 C  CA  . MET A 1 60  ? -13.734 -2.632  -8.459  1.00 38.88 ? 60  MET A CA  1 
ATOM   405 C  C   . MET A 1 60  ? -14.009 -1.984  -7.102  1.00 40.11 ? 60  MET A C   1 
ATOM   406 O  O   . MET A 1 60  ? -13.359 -2.317  -6.107  1.00 40.04 ? 60  MET A O   1 
ATOM   407 C  CB  . MET A 1 60  ? -12.980 -1.649  -9.385  1.00 38.35 ? 60  MET A CB  1 
ATOM   408 C  CG  . MET A 1 60  ? -12.270 -2.319  -10.539 1.00 38.87 ? 60  MET A CG  1 
ATOM   409 S  SD  . MET A 1 60  ? -11.612 -1.170  -11.758 1.00 40.75 ? 60  MET A SD  1 
ATOM   410 C  CE  . MET A 1 60  ? -10.073 -0.628  -10.946 1.00 37.28 ? 60  MET A CE  1 
ATOM   411 N  N   . ILE A 1 61  ? -14.993 -1.064  -7.052  1.00 40.91 ? 61  ILE A N   1 
ATOM   412 C  CA  . ILE A 1 61  ? -15.344 -0.392  -5.809  1.00 41.95 ? 61  ILE A CA  1 
ATOM   413 C  C   . ILE A 1 61  ? -15.849 -1.412  -4.779  1.00 43.74 ? 61  ILE A C   1 
ATOM   414 O  O   . ILE A 1 61  ? -15.369 -1.413  -3.648  1.00 43.75 ? 61  ILE A O   1 
ATOM   415 C  CB  . ILE A 1 61  ? -16.414 0.720   -6.042  1.00 41.65 ? 61  ILE A CB  1 
ATOM   416 C  CG1 . ILE A 1 61  ? -15.926 1.844   -6.999  1.00 42.08 ? 61  ILE A CG1 1 
ATOM   417 C  CG2 . ILE A 1 61  ? -16.923 1.275   -4.716  1.00 41.79 ? 61  ILE A CG2 1 
ATOM   418 C  CD1 . ILE A 1 61  ? -14.867 2.788   -6.450  1.00 43.78 ? 61  ILE A CD1 1 
ATOM   419 N  N   . ASP A 1 62  ? -16.820 -2.273  -5.175  1.00 45.03 ? 62  ASP A N   1 
ATOM   420 C  CA  . ASP A 1 62  ? -17.445 -3.256  -4.287  1.00 46.81 ? 62  ASP A CA  1 
ATOM   421 C  C   . ASP A 1 62  ? -16.446 -4.149  -3.567  1.00 48.31 ? 62  ASP A C   1 
ATOM   422 O  O   . ASP A 1 62  ? -16.623 -4.413  -2.380  1.00 49.19 ? 62  ASP A O   1 
ATOM   423 C  CB  . ASP A 1 62  ? -18.507 -4.100  -5.026  1.00 49.24 ? 62  ASP A CB  1 
ATOM   424 C  CG  . ASP A 1 62  ? -19.776 -3.340  -5.421  1.00 56.15 ? 62  ASP A CG  1 
ATOM   425 O  OD1 . ASP A 1 62  ? -19.851 -2.124  -5.144  1.00 57.98 ? 62  ASP A OD1 1 
ATOM   426 O  OD2 . ASP A 1 62  ? -20.684 -3.961  -6.033  1.00 58.71 ? 62  ASP A OD2 1 
ATOM   427 N  N   . GLU A 1 63  ? -15.388 -4.598  -4.260  1.00 48.29 ? 63  GLU A N   1 
ATOM   428 C  CA  . GLU A 1 63  ? -14.391 -5.467  -3.637  1.00 48.36 ? 63  GLU A CA  1 
ATOM   429 C  C   . GLU A 1 63  ? -13.623 -4.794  -2.483  1.00 48.45 ? 63  GLU A C   1 
ATOM   430 O  O   . GLU A 1 63  ? -13.411 -5.428  -1.443  1.00 49.02 ? 63  GLU A O   1 
ATOM   431 C  CB  . GLU A 1 63  ? -13.440 -6.046  -4.702  1.00 50.36 ? 63  GLU A CB  1 
ATOM   432 C  CG  . GLU A 1 63  ? -12.291 -6.879  -4.148  1.00 55.46 ? 63  GLU A CG  1 
ATOM   433 C  CD  . GLU A 1 63  ? -12.697 -8.111  -3.353  1.00 61.83 ? 63  GLU A CD  1 
ATOM   434 O  OE1 . GLU A 1 63  ? -13.767 -8.694  -3.649  1.00 63.77 ? 63  GLU A OE1 1 
ATOM   435 O  OE2 . GLU A 1 63  ? -11.939 -8.493  -2.432  1.00 63.61 ? 63  GLU A OE2 1 
ATOM   436 N  N   . VAL A 1 64  ? -13.222 -3.517  -2.644  1.00 47.55 ? 64  VAL A N   1 
ATOM   437 C  CA  . VAL A 1 64  ? -12.483 -2.832  -1.585  1.00 47.94 ? 64  VAL A CA  1 
ATOM   438 C  C   . VAL A 1 64  ? -13.400 -2.055  -0.607  1.00 48.73 ? 64  VAL A C   1 
ATOM   439 O  O   . VAL A 1 64  ? -12.927 -1.563  0.415   1.00 48.31 ? 64  VAL A O   1 
ATOM   440 C  CB  . VAL A 1 64  ? -11.342 -1.951  -2.162  1.00 48.74 ? 64  VAL A CB  1 
ATOM   441 C  CG1 . VAL A 1 64  ? -10.350 -2.818  -2.950  1.00 49.21 ? 64  VAL A CG1 1 
ATOM   442 C  CG2 . VAL A 1 64  ? -11.891 -0.840  -3.042  1.00 48.63 ? 64  VAL A CG2 1 
ATOM   443 N  N   . ASP A 1 65  ? -14.712 -1.983  -0.896  1.00 49.54 ? 65  ASP A N   1 
ATOM   444 C  CA  . ASP A 1 65  ? -15.689 -1.310  -0.059  1.00 51.03 ? 65  ASP A CA  1 
ATOM   445 C  C   . ASP A 1 65  ? -16.155 -2.263  1.043   1.00 53.35 ? 65  ASP A C   1 
ATOM   446 O  O   . ASP A 1 65  ? -17.005 -3.116  0.788   1.00 54.00 ? 65  ASP A O   1 
ATOM   447 C  CB  . ASP A 1 65  ? -16.878 -0.903  -0.933  1.00 51.66 ? 65  ASP A CB  1 
ATOM   448 C  CG  . ASP A 1 65  ? -18.002 -0.224  -0.199  1.00 52.36 ? 65  ASP A CG  1 
ATOM   449 O  OD1 . ASP A 1 65  ? -17.732 0.444   0.813   1.00 52.07 ? 65  ASP A OD1 1 
ATOM   450 O  OD2 . ASP A 1 65  ? -19.150 -0.336  -0.654  1.00 52.83 ? 65  ASP A OD2 1 
ATOM   451 N  N   . GLU A 1 66  ? -15.599 -2.134  2.254   1.00 54.45 ? 66  GLU A N   1 
ATOM   452 C  CA  . GLU A 1 66  ? -15.954 -3.015  3.369   1.00 56.29 ? 66  GLU A CA  1 
ATOM   453 C  C   . GLU A 1 66  ? -17.352 -2.768  3.977   1.00 57.36 ? 66  GLU A C   1 
ATOM   454 O  O   . GLU A 1 66  ? -18.037 -3.731  4.325   1.00 58.56 ? 66  GLU A O   1 
ATOM   455 C  CB  . GLU A 1 66  ? -14.884 -2.959  4.470   1.00 58.99 ? 66  GLU A CB  1 
ATOM   456 C  CG  . GLU A 1 66  ? -13.506 -3.399  4.011   1.00 64.05 ? 66  GLU A CG  1 
ATOM   457 N  N   . ASP A 1 67  ? -17.772 -1.504  4.107   1.00 56.55 ? 67  ASP A N   1 
ATOM   458 C  CA  . ASP A 1 67  ? -19.042 -1.160  4.743   1.00 56.22 ? 67  ASP A CA  1 
ATOM   459 C  C   . ASP A 1 67  ? -20.260 -1.030  3.819   1.00 55.42 ? 67  ASP A C   1 
ATOM   460 O  O   . ASP A 1 67  ? -21.245 -0.420  4.219   1.00 55.75 ? 67  ASP A O   1 
ATOM   461 C  CB  . ASP A 1 67  ? -18.876 0.136   5.553   1.00 58.14 ? 67  ASP A CB  1 
ATOM   462 C  CG  . ASP A 1 67  ? -18.586 1.382   4.734   1.00 62.80 ? 67  ASP A CG  1 
ATOM   463 O  OD1 . ASP A 1 67  ? -18.536 1.281   3.487   1.00 63.36 ? 67  ASP A OD1 1 
ATOM   464 O  OD2 . ASP A 1 67  ? -18.411 2.458   5.339   1.00 65.27 ? 67  ASP A OD2 1 
ATOM   465 N  N   . GLY A 1 68  ? -20.180 -1.539  2.597   1.00 54.40 ? 68  GLY A N   1 
ATOM   466 C  CA  . GLY A 1 68  ? -21.284 -1.460  1.646   1.00 53.95 ? 68  GLY A CA  1 
ATOM   467 C  C   . GLY A 1 68  ? -21.810 -0.073  1.289   1.00 53.34 ? 68  GLY A C   1 
ATOM   468 O  O   . GLY A 1 68  ? -22.934 0.041   0.788   1.00 53.65 ? 68  GLY A O   1 
ATOM   469 N  N   . SER A 1 69  ? -21.005 1.001   1.515   1.00 51.86 ? 69  SER A N   1 
ATOM   470 C  CA  . SER A 1 69  ? -21.406 2.371   1.189   1.00 51.56 ? 69  SER A CA  1 
ATOM   471 C  C   . SER A 1 69  ? -21.483 2.665   -0.318  1.00 50.82 ? 69  SER A C   1 
ATOM   472 O  O   . SER A 1 69  ? -22.020 3.696   -0.720  1.00 50.98 ? 69  SER A O   1 
ATOM   473 C  CB  . SER A 1 69  ? -20.464 3.380   1.848   1.00 53.30 ? 69  SER A CB  1 
ATOM   474 O  OG  . SER A 1 69  ? -19.207 3.478   1.192   1.00 54.95 ? 69  SER A OG  1 
ATOM   475 N  N   . GLY A 1 70  ? -20.910 1.792   -1.133  1.00 49.72 ? 70  GLY A N   1 
ATOM   476 C  CA  . GLY A 1 70  ? -20.846 1.989   -2.577  1.00 49.16 ? 70  GLY A CA  1 
ATOM   477 C  C   . GLY A 1 70  ? -19.729 2.931   -3.002  1.00 47.82 ? 70  GLY A C   1 
ATOM   478 O  O   . GLY A 1 70  ? -19.655 3.307   -4.173  1.00 48.02 ? 70  GLY A O   1 
ATOM   479 N  N   . THR A 1 71  ? -18.866 3.339   -2.045  1.00 46.62 ? 71  THR A N   1 
ATOM   480 C  CA  . THR A 1 71  ? -17.742 4.256   -2.235  1.00 46.21 ? 71  THR A CA  1 
ATOM   481 C  C   . THR A 1 71  ? -16.525 3.786   -1.425  1.00 45.62 ? 71  THR A C   1 
ATOM   482 O  O   . THR A 1 71  ? -16.673 3.027   -0.477  1.00 45.87 ? 71  THR A O   1 
ATOM   483 C  CB  . THR A 1 71  ? -18.122 5.679   -1.785  1.00 47.00 ? 71  THR A CB  1 
ATOM   484 O  OG1 . THR A 1 71  ? -18.471 5.647   -0.405  1.00 47.41 ? 71  THR A OG1 1 
ATOM   485 C  CG2 . THR A 1 71  ? -19.225 6.318   -2.630  1.00 47.31 ? 71  THR A CG2 1 
ATOM   486 N  N   . VAL A 1 72  ? -15.327 4.287   -1.751  1.00 44.38 ? 72  VAL A N   1 
ATOM   487 C  CA  . VAL A 1 72  ? -14.118 3.913   -1.028  1.00 43.42 ? 72  VAL A CA  1 
ATOM   488 C  C   . VAL A 1 72  ? -13.581 5.068   -0.202  1.00 43.28 ? 72  VAL A C   1 
ATOM   489 O  O   . VAL A 1 72  ? -13.207 6.085   -0.775  1.00 43.44 ? 72  VAL A O   1 
ATOM   490 C  CB  . VAL A 1 72  ? -13.042 3.416   -2.015  1.00 43.33 ? 72  VAL A CB  1 
ATOM   491 C  CG1 . VAL A 1 72  ? -11.785 2.988   -1.278  1.00 43.38 ? 72  VAL A CG1 1 
ATOM   492 C  CG2 . VAL A 1 72  ? -13.583 2.306   -2.920  1.00 43.43 ? 72  VAL A CG2 1 
ATOM   493 N  N   . ASP A 1 73  ? -13.488 4.904   1.130   1.00 42.86 ? 73  ASP A N   1 
ATOM   494 C  CA  . ASP A 1 73  ? -12.908 5.939   1.981   1.00 43.41 ? 73  ASP A CA  1 
ATOM   495 C  C   . ASP A 1 73  ? -11.390 5.719   2.125   1.00 43.64 ? 73  ASP A C   1 
ATOM   496 O  O   . ASP A 1 73  ? -10.882 4.706   1.625   1.00 43.41 ? 73  ASP A O   1 
ATOM   497 C  CB  . ASP A 1 73  ? -13.625 6.032   3.346   1.00 45.40 ? 73  ASP A CB  1 
ATOM   498 C  CG  . ASP A 1 73  ? -13.590 4.805   4.234   1.00 50.32 ? 73  ASP A CG  1 
ATOM   499 O  OD1 . ASP A 1 73  ? -12.541 4.137   4.284   1.00 51.32 ? 73  ASP A OD1 1 
ATOM   500 O  OD2 . ASP A 1 73  ? -14.610 4.537   4.917   1.00 52.78 ? 73  ASP A OD2 1 
ATOM   501 N  N   . PHE A 1 74  ? -10.670 6.636   2.807   1.00 43.36 ? 74  PHE A N   1 
ATOM   502 C  CA  . PHE A 1 74  ? -9.223  6.503   2.970   1.00 44.22 ? 74  PHE A CA  1 
ATOM   503 C  C   . PHE A 1 74  ? -8.785  5.270   3.775   1.00 44.73 ? 74  PHE A C   1 
ATOM   504 O  O   . PHE A 1 74  ? -7.757  4.665   3.448   1.00 44.36 ? 74  PHE A O   1 
ATOM   505 C  CB  . PHE A 1 74  ? -8.596  7.774   3.551   1.00 44.25 ? 74  PHE A CB  1 
ATOM   506 C  CG  . PHE A 1 74  ? -7.089  7.703   3.559   1.00 44.35 ? 74  PHE A CG  1 
ATOM   507 C  CD1 . PHE A 1 74  ? -6.385  7.489   2.388   1.00 44.46 ? 74  PHE A CD1 1 
ATOM   508 C  CD2 . PHE A 1 74  ? -6.380  7.821   4.741   1.00 45.05 ? 74  PHE A CD2 1 
ATOM   509 C  CE1 . PHE A 1 74  ? -5.002  7.371   2.401   1.00 45.22 ? 74  PHE A CE1 1 
ATOM   510 C  CE2 . PHE A 1 74  ? -4.993  7.743   4.744   1.00 45.73 ? 74  PHE A CE2 1 
ATOM   511 C  CZ  . PHE A 1 74  ? -4.312  7.518   3.574   1.00 45.13 ? 74  PHE A CZ  1 
ATOM   512 N  N   . ASP A 1 75  ? -9.552  4.885   4.809   1.00 44.99 ? 75  ASP A N   1 
ATOM   513 C  CA  . ASP A 1 75  ? -9.207  3.705   5.589   1.00 45.31 ? 75  ASP A CA  1 
ATOM   514 C  C   . ASP A 1 75  ? -9.322  2.428   4.739   1.00 44.46 ? 75  ASP A C   1 
ATOM   515 O  O   . ASP A 1 75  ? -8.427  1.586   4.788   1.00 44.65 ? 75  ASP A O   1 
ATOM   516 C  CB  . ASP A 1 75  ? -9.999  3.639   6.909   1.00 48.03 ? 75  ASP A CB  1 
ATOM   517 C  CG  . ASP A 1 75  ? -9.428  4.564   7.975   1.00 52.20 ? 75  ASP A CG  1 
ATOM   518 N  N   . GLU A 1 76  ? -10.359 2.339   3.879   1.00 43.32 ? 76  GLU A N   1 
ATOM   519 C  CA  . GLU A 1 76  ? -10.533 1.216   2.940   1.00 42.28 ? 76  GLU A CA  1 
ATOM   520 C  C   . GLU A 1 76  ? -9.457  1.238   1.830   1.00 41.43 ? 76  GLU A C   1 
ATOM   521 O  O   . GLU A 1 76  ? -9.059  0.183   1.319   1.00 41.72 ? 76  GLU A O   1 
ATOM   522 C  CB  . GLU A 1 76  ? -11.939 1.245   2.308   1.00 43.56 ? 76  GLU A CB  1 
ATOM   523 C  CG  . GLU A 1 76  ? -13.074 1.013   3.291   1.00 47.96 ? 76  GLU A CG  1 
ATOM   524 C  CD  . GLU A 1 76  ? -14.450 1.338   2.740   1.00 54.21 ? 76  GLU A CD  1 
ATOM   525 O  OE1 . GLU A 1 76  ? -14.528 2.162   1.804   1.00 55.29 ? 76  GLU A OE1 1 
ATOM   526 O  OE2 . GLU A 1 76  ? -15.448 0.764   3.232   1.00 55.86 ? 76  GLU A OE2 1 
ATOM   527 N  N   . PHE A 1 77  ? -9.014  2.444   1.438   1.00 40.48 ? 77  PHE A N   1 
ATOM   528 C  CA  . PHE A 1 77  ? -7.982  2.651   0.425   1.00 39.96 ? 77  PHE A CA  1 
ATOM   529 C  C   . PHE A 1 77  ? -6.635  2.103   0.949   1.00 41.71 ? 77  PHE A C   1 
ATOM   530 O  O   . PHE A 1 77  ? -5.880  1.485   0.193   1.00 41.59 ? 77  PHE A O   1 
ATOM   531 C  CB  . PHE A 1 77  ? -7.868  4.162   0.128   1.00 38.29 ? 77  PHE A CB  1 
ATOM   532 C  CG  . PHE A 1 77  ? -6.953  4.540   -1.007  1.00 37.15 ? 77  PHE A CG  1 
ATOM   533 C  CD1 . PHE A 1 77  ? -7.422  4.572   -2.315  1.00 37.06 ? 77  PHE A CD1 1 
ATOM   534 C  CD2 . PHE A 1 77  ? -5.641  4.926   -0.767  1.00 36.91 ? 77  PHE A CD2 1 
ATOM   535 C  CE1 . PHE A 1 77  ? -6.593  4.990   -3.363  1.00 36.85 ? 77  PHE A CE1 1 
ATOM   536 C  CE2 . PHE A 1 77  ? -4.818  5.363   -1.813  1.00 36.68 ? 77  PHE A CE2 1 
ATOM   537 C  CZ  . PHE A 1 77  ? -5.300  5.380   -3.102  1.00 36.27 ? 77  PHE A CZ  1 
ATOM   538 N  N   . LEU A 1 78  ? -6.334  2.364   2.235   1.00 42.95 ? 78  LEU A N   1 
ATOM   539 C  CA  . LEU A 1 78  ? -5.120  1.882   2.903   1.00 44.70 ? 78  LEU A CA  1 
ATOM   540 C  C   . LEU A 1 78  ? -5.094  0.362   2.989   1.00 45.30 ? 78  LEU A C   1 
ATOM   541 O  O   . LEU A 1 78  ? -4.052  -0.244  2.732   1.00 46.03 ? 78  LEU A O   1 
ATOM   542 C  CB  . LEU A 1 78  ? -5.000  2.474   4.301   1.00 45.49 ? 78  LEU A CB  1 
ATOM   543 C  CG  . LEU A 1 78  ? -4.548  3.926   4.382   1.00 47.19 ? 78  LEU A CG  1 
ATOM   544 C  CD1 . LEU A 1 78  ? -4.433  4.354   5.824   1.00 48.51 ? 78  LEU A CD1 1 
ATOM   545 C  CD2 . LEU A 1 78  ? -3.196  4.132   3.687   1.00 47.43 ? 78  LEU A CD2 1 
ATOM   546 N  N   . VAL A 1 79  ? -6.244  -0.268  3.277   1.00 44.99 ? 79  VAL A N   1 
ATOM   547 C  CA  . VAL A 1 79  ? -6.347  -1.732  3.311   1.00 45.64 ? 79  VAL A CA  1 
ATOM   548 C  C   . VAL A 1 79  ? -6.044  -2.289  1.921   1.00 45.71 ? 79  VAL A C   1 
ATOM   549 O  O   . VAL A 1 79  ? -5.236  -3.211  1.805   1.00 46.43 ? 79  VAL A O   1 
ATOM   550 C  CB  . VAL A 1 79  ? -7.722  -2.213  3.858   1.00 46.91 ? 79  VAL A CB  1 
ATOM   551 C  CG1 . VAL A 1 79  ? -7.948  -3.703  3.588   1.00 47.41 ? 79  VAL A CG1 1 
ATOM   552 C  CG2 . VAL A 1 79  ? -7.860  -1.897  5.351   1.00 47.43 ? 79  VAL A CG2 1 
ATOM   553 N  N   . MET A 1 80  ? -6.599  -1.649  0.867   1.00 44.49 ? 80  MET A N   1 
ATOM   554 C  CA  . MET A 1 80  ? -6.362  -2.010  -0.529  1.00 44.41 ? 80  MET A CA  1 
ATOM   555 C  C   . MET A 1 80  ? -4.859  -1.927  -0.882  1.00 44.81 ? 80  MET A C   1 
ATOM   556 O  O   . MET A 1 80  ? -4.332  -2.832  -1.536  1.00 44.44 ? 80  MET A O   1 
ATOM   557 C  CB  . MET A 1 80  ? -7.190  -1.096  -1.458  1.00 44.65 ? 80  MET A CB  1 
ATOM   558 C  CG  . MET A 1 80  ? -6.881  -1.259  -2.924  1.00 46.14 ? 80  MET A CG  1 
ATOM   559 S  SD  . MET A 1 80  ? -7.698  0.055   -3.850  1.00 50.87 ? 80  MET A SD  1 
ATOM   560 C  CE  . MET A 1 80  ? -6.473  1.360   -3.735  1.00 44.98 ? 80  MET A CE  1 
ATOM   561 N  N   . MET A 1 81  ? -4.169  -0.857  -0.439  1.00 45.43 ? 81  MET A N   1 
ATOM   562 C  CA  . MET A 1 81  ? -2.740  -0.715  -0.713  1.00 46.91 ? 81  MET A CA  1 
ATOM   563 C  C   . MET A 1 81  ? -1.906  -1.822  -0.044  1.00 50.01 ? 81  MET A C   1 
ATOM   564 O  O   . MET A 1 81  ? -1.092  -2.455  -0.711  1.00 50.34 ? 81  MET A O   1 
ATOM   565 C  CB  . MET A 1 81  ? -2.223  0.686   -0.358  1.00 45.97 ? 81  MET A CB  1 
ATOM   566 C  CG  . MET A 1 81  ? -2.826  1.796   -1.215  1.00 46.55 ? 81  MET A CG  1 
ATOM   567 S  SD  . MET A 1 81  ? -2.775  1.453   -2.997  1.00 45.74 ? 81  MET A SD  1 
ATOM   568 C  CE  . MET A 1 81  ? -1.005  1.451   -3.278  1.00 45.19 ? 81  MET A CE  1 
ATOM   569 N  N   . VAL A 1 82  ? -2.166  -2.086  1.239   1.00 51.88 ? 82  VAL A N   1 
ATOM   570 C  CA  . VAL A 1 82  ? -1.528  -3.152  2.015   1.00 54.59 ? 82  VAL A CA  1 
ATOM   571 C  C   . VAL A 1 82  ? -1.780  -4.517  1.352   1.00 56.62 ? 82  VAL A C   1 
ATOM   572 O  O   . VAL A 1 82  ? -0.864  -5.335  1.283   1.00 57.60 ? 82  VAL A O   1 
ATOM   573 C  CB  . VAL A 1 82  ? -2.055  -3.089  3.475   1.00 56.21 ? 82  VAL A CB  1 
ATOM   574 C  CG1 . VAL A 1 82  ? -1.956  -4.434  4.196   1.00 57.25 ? 82  VAL A CG1 1 
ATOM   575 C  CG2 . VAL A 1 82  ? -1.355  -1.985  4.256   1.00 56.79 ? 82  VAL A CG2 1 
ATOM   576 N  N   . ARG A 1 83  ? -3.000  -4.756  0.837   1.00 57.29 ? 83  ARG A N   1 
ATOM   577 C  CA  . ARG A 1 83  ? -3.331  -6.017  0.163   1.00 58.31 ? 83  ARG A CA  1 
ATOM   578 C  C   . ARG A 1 83  ? -2.474  -6.248  -1.093  1.00 59.72 ? 83  ARG A C   1 
ATOM   579 O  O   . ARG A 1 83  ? -2.175  -7.398  -1.434  1.00 59.86 ? 83  ARG A O   1 
ATOM   580 C  CB  . ARG A 1 83  ? -4.828  -6.080  -0.194  1.00 59.19 ? 83  ARG A CB  1 
ATOM   581 C  CG  . ARG A 1 83  ? -5.751  -6.393  0.985   1.00 61.57 ? 83  ARG A CG  1 
ATOM   582 C  CD  . ARG A 1 83  ? -7.231  -6.373  0.604   1.00 63.65 ? 83  ARG A CD  1 
ATOM   583 N  NE  . ARG A 1 83  ? -7.540  -7.316  -0.473  1.00 65.27 ? 83  ARG A NE  1 
ATOM   584 C  CZ  . ARG A 1 83  ? -8.723  -7.417  -1.071  1.00 66.08 ? 83  ARG A CZ  1 
ATOM   585 N  NH1 . ARG A 1 83  ? -9.727  -6.629  -0.711  1.00 65.07 ? 83  ARG A NH1 1 
ATOM   586 N  NH2 . ARG A 1 83  ? -8.907  -8.297  -2.046  1.00 65.44 ? 83  ARG A NH2 1 
ATOM   587 N  N   . SER A 1 84  ? -2.086  -5.169  -1.791  1.00 60.37 ? 84  SER A N   1 
ATOM   588 C  CA  . SER A 1 84  ? -1.257  -5.281  -2.993  1.00 62.01 ? 84  SER A CA  1 
ATOM   589 C  C   . SER A 1 84  ? 0.248   -5.410  -2.699  1.00 64.16 ? 84  SER A C   1 
ATOM   590 O  O   . SER A 1 84  ? 1.023   -5.699  -3.608  1.00 64.52 ? 84  SER A O   1 
ATOM   591 C  CB  . SER A 1 84  ? -1.487  -4.091  -3.916  1.00 62.94 ? 84  SER A CB  1 
ATOM   592 O  OG  . SER A 1 84  ? -1.065  -2.890  -3.293  1.00 65.14 ? 84  SER A OG  1 
ATOM   593 N  N   . MET A 1 85  ? 0.667   -5.165  -1.457  1.00 65.59 ? 85  MET A N   1 
ATOM   594 C  CA  . MET A 1 85  ? 2.074   -5.252  -1.074  1.00 67.54 ? 85  MET A CA  1 
ATOM   595 C  C   . MET A 1 85  ? 2.434   -6.625  -0.468  1.00 69.48 ? 85  MET A C   1 
ATOM   596 O  O   . MET A 1 85  ? 3.409   -6.730  0.276   1.00 70.05 ? 85  MET A O   1 
ATOM   597 C  CB  . MET A 1 85  ? 2.420   -4.111  -0.101  1.00 67.86 ? 85  MET A CB  1 
ATOM   598 C  CG  . MET A 1 85  ? 2.372   -2.744  -0.751  1.00 69.94 ? 85  MET A CG  1 
ATOM   599 S  SD  . MET A 1 85  ? 2.319   -1.372  0.433   1.00 74.54 ? 85  MET A SD  1 
ATOM   600 N  N   . LYS A 1 86  ? 1.662   -7.678  -0.794  1.00 70.25 ? 86  LYS A N   1 
ATOM   601 C  CA  . LYS A 1 86  ? 1.904   -9.020  -0.268  1.00 71.43 ? 86  LYS A CA  1 
ATOM   602 C  C   . LYS A 1 86  ? 2.875   -9.796  -1.151  1.00 72.19 ? 86  LYS A C   1 
ATOM   603 O  O   . LYS A 1 86  ? 3.934   -9.281  -1.508  1.00 72.62 ? 86  LYS A O   1 
ATOM   604 C  CB  . LYS A 1 86  ? 0.579   -9.789  -0.116  1.00 73.46 ? 86  LYS A CB  1 
ATOM   605 N  N   . GLY A 1 91  ? 12.146  -5.954  2.501   1.00 70.72 ? 136 GLY A N   1 
ATOM   606 C  CA  . GLY A 1 91  ? 13.498  -5.996  1.953   1.00 68.46 ? 136 GLY A CA  1 
ATOM   607 C  C   . GLY A 1 91  ? 14.131  -7.372  1.950   1.00 65.40 ? 136 GLY A C   1 
ATOM   608 O  O   . GLY A 1 91  ? 14.915  -7.701  2.844   1.00 65.67 ? 136 GLY A O   1 
ATOM   609 N  N   . LYS A 1 92  ? 13.830  -8.173  0.917   1.00 62.19 ? 137 LYS A N   1 
ATOM   610 C  CA  . LYS A 1 92  ? 14.370  -9.521  0.765   1.00 59.47 ? 137 LYS A CA  1 
ATOM   611 C  C   . LYS A 1 92  ? 15.902  -9.531  0.705   1.00 55.78 ? 137 LYS A C   1 
ATOM   612 O  O   . LYS A 1 92  ? 16.520  -10.502 1.129   1.00 55.39 ? 137 LYS A O   1 
ATOM   613 C  CB  . LYS A 1 92  ? 13.794  -10.192 -0.495  1.00 61.43 ? 137 LYS A CB  1 
ATOM   614 C  CG  . LYS A 1 92  ? 12.661  -11.167 -0.216  1.00 65.49 ? 137 LYS A CG  1 
ATOM   615 N  N   . PHE A 1 93  ? 16.509  -8.465  0.163   1.00 53.02 ? 138 PHE A N   1 
ATOM   616 C  CA  . PHE A 1 93  ? 17.966  -8.348  0.057   1.00 50.39 ? 138 PHE A CA  1 
ATOM   617 C  C   . PHE A 1 93  ? 18.629  -7.602  1.238   1.00 48.14 ? 138 PHE A C   1 
ATOM   618 O  O   . PHE A 1 93  ? 19.557  -8.133  1.829   1.00 48.44 ? 138 PHE A O   1 
ATOM   619 C  CB  . PHE A 1 93  ? 18.392  -7.695  -1.290  1.00 49.10 ? 138 PHE A CB  1 
ATOM   620 C  CG  . PHE A 1 93  ? 19.869  -7.331  -1.362  1.00 47.76 ? 138 PHE A CG  1 
ATOM   621 C  CD1 . PHE A 1 93  ? 20.825  -8.300  -1.587  1.00 47.76 ? 138 PHE A CD1 1 
ATOM   622 C  CD2 . PHE A 1 93  ? 20.290  -6.029  -1.159  1.00 47.69 ? 138 PHE A CD2 1 
ATOM   623 C  CE1 . PHE A 1 93  ? 22.175  -7.969  -1.631  1.00 48.00 ? 138 PHE A CE1 1 
ATOM   624 C  CE2 . PHE A 1 93  ? 21.640  -5.704  -1.190  1.00 47.90 ? 138 PHE A CE2 1 
ATOM   625 C  CZ  . PHE A 1 93  ? 22.571  -6.675  -1.438  1.00 47.76 ? 138 PHE A CZ  1 
ATOM   626 N  N   . LYS A 1 94  ? 18.206  -6.371  1.511   1.00 46.49 ? 139 LYS A N   1 
ATOM   627 C  CA  . LYS A 1 94  ? 18.833  -5.467  2.474   1.00 46.50 ? 139 LYS A CA  1 
ATOM   628 C  C   . LYS A 1 94  ? 19.034  -6.003  3.903   1.00 46.68 ? 139 LYS A C   1 
ATOM   629 O  O   . LYS A 1 94  ? 20.167  -5.968  4.375   1.00 46.43 ? 139 LYS A O   1 
ATOM   630 C  CB  . LYS A 1 94  ? 18.102  -4.128  2.537   1.00 47.87 ? 139 LYS A CB  1 
ATOM   631 C  CG  . LYS A 1 94  ? 18.916  -3.044  3.237   1.00 51.79 ? 139 LYS A CG  1 
ATOM   632 C  CD  . LYS A 1 94  ? 18.320  -2.625  4.560   1.00 55.74 ? 139 LYS A CD  1 
ATOM   633 C  CE  . LYS A 1 94  ? 18.157  -1.129  4.644   1.00 59.91 ? 139 LYS A CE  1 
ATOM   634 N  NZ  . LYS A 1 94  ? 19.195  -0.521  5.505   1.00 62.27 ? 139 LYS A NZ  1 
ATOM   635 N  N   . ARG A 1 95  ? 17.971  -6.434  4.606   1.00 46.65 ? 140 ARG A N   1 
ATOM   636 C  CA  . ARG A 1 95  ? 18.117  -6.891  6.003   1.00 46.83 ? 140 ARG A CA  1 
ATOM   637 C  C   . ARG A 1 95  ? 18.950  -8.176  6.137   1.00 45.52 ? 140 ARG A C   1 
ATOM   638 O  O   . ARG A 1 95  ? 19.899  -8.158  6.914   1.00 45.75 ? 140 ARG A O   1 
ATOM   639 C  CB  . ARG A 1 95  ? 16.760  -7.010  6.734   1.00 48.99 ? 140 ARG A CB  1 
ATOM   640 N  N   . PRO A 1 96  ? 18.695  -9.258  5.373   1.00 44.53 ? 141 PRO A N   1 
ATOM   641 C  CA  . PRO A 1 96  ? 19.553  -10.445 5.492   1.00 44.27 ? 141 PRO A CA  1 
ATOM   642 C  C   . PRO A 1 96  ? 20.997  -10.209 5.047   1.00 43.69 ? 141 PRO A C   1 
ATOM   643 O  O   . PRO A 1 96  ? 21.893  -10.860 5.589   1.00 43.08 ? 141 PRO A O   1 
ATOM   644 C  CB  . PRO A 1 96  ? 18.856  -11.498 4.626   1.00 45.11 ? 141 PRO A CB  1 
ATOM   645 C  CG  . PRO A 1 96  ? 17.504  -10.951 4.353   1.00 45.95 ? 141 PRO A CG  1 
ATOM   646 C  CD  . PRO A 1 96  ? 17.612  -9.479  4.397   1.00 44.53 ? 141 PRO A CD  1 
ATOM   647 N  N   . THR A 1 97  ? 21.238  -9.278  4.085   1.00 43.26 ? 142 THR A N   1 
ATOM   648 C  CA  . THR A 1 97  ? 22.613  -9.012  3.652   1.00 43.39 ? 142 THR A CA  1 
ATOM   649 C  C   . THR A 1 97  ? 23.380  -8.258  4.721   1.00 42.19 ? 142 THR A C   1 
ATOM   650 O  O   . THR A 1 97  ? 24.514  -8.606  5.007   1.00 41.26 ? 142 THR A O   1 
ATOM   651 C  CB  . THR A 1 97  ? 22.672  -8.336  2.278   1.00 45.92 ? 142 THR A CB  1 
ATOM   652 O  OG1 . THR A 1 97  ? 22.231  -9.294  1.309   1.00 47.63 ? 142 THR A OG1 1 
ATOM   653 C  CG2 . THR A 1 97  ? 24.074  -7.878  1.926   1.00 46.43 ? 142 THR A CG2 1 
ATOM   654 N  N   . LEU A 1 98  ? 22.747  -7.271  5.345   1.00 42.27 ? 143 LEU A N   1 
ATOM   655 C  CA  . LEU A 1 98  ? 23.361  -6.517  6.424   1.00 43.50 ? 143 LEU A CA  1 
ATOM   656 C  C   . LEU A 1 98  ? 23.684  -7.467  7.625   1.00 43.69 ? 143 LEU A C   1 
ATOM   657 O  O   . LEU A 1 98  ? 24.722  -7.314  8.265   1.00 44.36 ? 143 LEU A O   1 
ATOM   658 C  CB  . LEU A 1 98  ? 22.406  -5.394  6.831   1.00 44.44 ? 143 LEU A CB  1 
ATOM   659 C  CG  . LEU A 1 98  ? 22.969  -4.179  7.536   1.00 47.82 ? 143 LEU A CG  1 
ATOM   660 C  CD1 . LEU A 1 98  ? 24.241  -3.650  6.856   1.00 48.58 ? 143 LEU A CD1 1 
ATOM   661 C  CD2 . LEU A 1 98  ? 21.917  -3.087  7.619   1.00 48.88 ? 143 LEU A CD2 1 
ATOM   662 N  N   . ARG A 1 99  ? 22.852  -8.500  7.849   1.00 42.79 ? 144 ARG A N   1 
ATOM   663 C  CA  . ARG A 1 99  ? 23.094  -9.505  8.889   1.00 42.51 ? 144 ARG A CA  1 
ATOM   664 C  C   . ARG A 1 99  ? 24.299  -10.360 8.551   1.00 41.86 ? 144 ARG A C   1 
ATOM   665 O  O   . ARG A 1 99  ? 25.146  -10.601 9.421   1.00 41.28 ? 144 ARG A O   1 
ATOM   666 C  CB  . ARG A 1 99  ? 21.875  -10.422 9.066   1.00 44.54 ? 144 ARG A CB  1 
ATOM   667 C  CG  . ARG A 1 99  ? 20.748  -9.736  9.779   1.00 50.85 ? 144 ARG A CG  1 
ATOM   668 C  CD  . ARG A 1 99  ? 19.599  -10.672 10.090  1.00 56.10 ? 144 ARG A CD  1 
ATOM   669 N  NE  . ARG A 1 99  ? 18.397  -9.877  10.342  1.00 60.90 ? 144 ARG A NE  1 
ATOM   670 C  CZ  . ARG A 1 99  ? 17.369  -9.786  9.504   1.00 64.40 ? 144 ARG A CZ  1 
ATOM   671 N  NH1 . ARG A 1 99  ? 17.342  -10.518 8.394   1.00 64.06 ? 144 ARG A NH1 1 
ATOM   672 N  NH2 . ARG A 1 99  ? 16.328  -9.022  9.805   1.00 65.61 ? 144 ARG A NH2 1 
ATOM   673 N  N   . ARG A 1 100 ? 24.375  -10.852 7.295   1.00 40.89 ? 145 ARG A N   1 
ATOM   674 C  CA  . ARG A 1 100 ? 25.482  -11.710 6.872   1.00 41.01 ? 145 ARG A CA  1 
ATOM   675 C  C   . ARG A 1 100 ? 26.805  -10.972 6.842   1.00 38.58 ? 145 ARG A C   1 
ATOM   676 O  O   . ARG A 1 100 ? 27.839  -11.562 7.156   1.00 38.47 ? 145 ARG A O   1 
ATOM   677 C  CB  . ARG A 1 100 ? 25.205  -12.362 5.516   1.00 44.49 ? 145 ARG A CB  1 
ATOM   678 C  CG  . ARG A 1 100 ? 24.157  -13.458 5.597   1.00 50.56 ? 145 ARG A CG  1 
ATOM   679 C  CD  . ARG A 1 100 ? 24.082  -14.221 4.293   1.00 56.64 ? 145 ARG A CD  1 
ATOM   680 N  NE  . ARG A 1 100 ? 23.578  -13.391 3.194   1.00 62.39 ? 145 ARG A NE  1 
ATOM   681 C  CZ  . ARG A 1 100 ? 22.325  -13.429 2.740   1.00 66.35 ? 145 ARG A CZ  1 
ATOM   682 N  NH1 . ARG A 1 100 ? 21.436  -14.251 3.289   1.00 66.45 ? 145 ARG A NH1 1 
ATOM   683 N  NH2 . ARG A 1 100 ? 21.951  -12.644 1.737   1.00 66.73 ? 145 ARG A NH2 1 
ATOM   684 N  N   . VAL A 1 101 ? 26.773  -9.695  6.480   1.00 36.86 ? 146 VAL A N   1 
ATOM   685 C  CA  . VAL A 1 101 ? 27.973  -8.874  6.492   1.00 36.29 ? 146 VAL A CA  1 
ATOM   686 C  C   . VAL A 1 101 ? 28.429  -8.657  7.944   1.00 35.10 ? 146 VAL A C   1 
ATOM   687 O  O   . VAL A 1 101 ? 29.615  -8.817  8.232   1.00 35.48 ? 146 VAL A O   1 
ATOM   688 C  CB  . VAL A 1 101 ? 27.740  -7.585  5.702   1.00 37.79 ? 146 VAL A CB  1 
ATOM   689 C  CG1 . VAL A 1 101 ? 28.779  -6.532  6.038   1.00 38.53 ? 146 VAL A CG1 1 
ATOM   690 C  CG2 . VAL A 1 101 ? 27.749  -7.905  4.204   1.00 38.03 ? 146 VAL A CG2 1 
ATOM   691 N  N   . ARG A 1 102 ? 27.494  -8.412  8.862   1.00 33.74 ? 147 ARG A N   1 
ATOM   692 C  CA  . ARG A 1 102 ? 27.845  -8.275  10.294  1.00 33.82 ? 147 ARG A CA  1 
ATOM   693 C  C   . ARG A 1 102 ? 28.416  -9.593  10.847  1.00 35.26 ? 147 ARG A C   1 
ATOM   694 O  O   . ARG A 1 102 ? 29.401  -9.578  11.583  1.00 36.43 ? 147 ARG A O   1 
ATOM   695 C  CB  . ARG A 1 102 ? 26.628  -7.810  11.101  1.00 33.94 ? 147 ARG A CB  1 
ATOM   696 C  CG  . ARG A 1 102 ? 26.913  -7.524  12.585  1.00 34.06 ? 147 ARG A CG  1 
ATOM   697 C  CD  . ARG A 1 102 ? 25.709  -6.929  13.311  1.00 34.94 ? 147 ARG A CD  1 
ATOM   698 N  NE  . ARG A 1 102 ? 25.388  -5.537  12.961  1.00 36.71 ? 147 ARG A NE  1 
ATOM   699 C  CZ  . ARG A 1 102 ? 26.116  -4.475  13.308  1.00 40.10 ? 147 ARG A CZ  1 
ATOM   700 N  NH1 . ARG A 1 102 ? 27.242  -4.628  13.997  1.00 38.79 ? 147 ARG A NH1 1 
ATOM   701 N  NH2 . ARG A 1 102 ? 25.722  -3.253  12.968  1.00 40.23 ? 147 ARG A NH2 1 
ATOM   702 N  N   . ILE A 1 103 ? 27.842  -10.738 10.463  1.00 35.38 ? 148 ILE A N   1 
ATOM   703 C  CA  . ILE A 1 103 ? 28.337  -12.051 10.925  1.00 36.34 ? 148 ILE A CA  1 
ATOM   704 C  C   . ILE A 1 103 ? 29.763  -12.277 10.410  1.00 36.20 ? 148 ILE A C   1 
ATOM   705 O  O   . ILE A 1 103 ? 30.599  -12.803 11.145  1.00 36.07 ? 148 ILE A O   1 
ATOM   706 C  CB  . ILE A 1 103 ? 27.365  -13.211 10.522  1.00 37.03 ? 148 ILE A CB  1 
ATOM   707 C  CG1 . ILE A 1 103 ? 26.091  -13.177 11.379  1.00 38.22 ? 148 ILE A CG1 1 
ATOM   708 C  CG2 . ILE A 1 103 ? 28.027  -14.605 10.575  1.00 37.88 ? 148 ILE A CG2 1 
ATOM   709 C  CD1 . ILE A 1 103 ? 24.911  -13.946 10.757  1.00 39.09 ? 148 ILE A CD1 1 
ATOM   710 N  N   . SER A 1 104 ? 30.055  -11.842 9.177   1.00 35.66 ? 149 SER A N   1 
ATOM   711 C  CA  . SER A 1 104 ? 31.390  -11.960 8.566   1.00 35.56 ? 149 SER A CA  1 
ATOM   712 C  C   . SER A 1 104 ? 32.407  -11.099 9.278   1.00 34.29 ? 149 SER A C   1 
ATOM   713 O  O   . SER A 1 104 ? 33.502  -11.569 9.520   1.00 35.06 ? 149 SER A O   1 
ATOM   714 C  CB  . SER A 1 104 ? 31.348  -11.551 7.092   1.00 37.50 ? 149 SER A CB  1 
ATOM   715 O  OG  . SER A 1 104 ? 30.391  -12.319 6.393   1.00 41.58 ? 149 SER A OG  1 
ATOM   716 N  N   . ALA A 1 105 ? 32.066  -9.847  9.602   1.00 33.44 ? 150 ALA A N   1 
ATOM   717 C  CA  . ALA A 1 105 ? 32.964  -8.938  10.305  1.00 33.46 ? 150 ALA A CA  1 
ATOM   718 C  C   . ALA A 1 105 ? 33.244  -9.490  11.728  1.00 34.59 ? 150 ALA A C   1 
ATOM   719 O  O   . ALA A 1 105 ? 34.388  -9.471  12.193  1.00 34.05 ? 150 ALA A O   1 
ATOM   720 C  CB  . ALA A 1 105 ? 32.334  -7.562  10.405  1.00 33.30 ? 150 ALA A CB  1 
ATOM   721 N  N   . ASP A 1 106 ? 32.199  -10.018 12.379  1.00 35.43 ? 151 ASP A N   1 
ATOM   722 C  CA  . ASP A 1 106 ? 32.293  -10.619 13.699  1.00 36.36 ? 151 ASP A CA  1 
ATOM   723 C  C   . ASP A 1 106 ? 33.185  -11.854 13.643  1.00 36.87 ? 151 ASP A C   1 
ATOM   724 O  O   . ASP A 1 106 ? 34.022  -12.033 14.521  1.00 37.47 ? 151 ASP A O   1 
ATOM   725 C  CB  . ASP A 1 106 ? 30.896  -10.980 14.210  1.00 37.99 ? 151 ASP A CB  1 
ATOM   726 C  CG  . ASP A 1 106 ? 30.853  -11.189 15.709  1.00 44.33 ? 151 ASP A CG  1 
ATOM   727 O  OD1 . ASP A 1 106 ? 31.681  -10.571 16.425  1.00 46.02 ? 151 ASP A OD1 1 
ATOM   728 O  OD2 . ASP A 1 106 ? 29.981  -11.928 16.167  1.00 46.84 ? 151 ASP A OD2 1 
ATOM   729 N  N   . ALA A 1 107 ? 33.035  -12.687 12.618  1.00 36.27 ? 152 ALA A N   1 
ATOM   730 C  CA  . ALA A 1 107 ? 33.873  -13.875 12.433  1.00 37.35 ? 152 ALA A CA  1 
ATOM   731 C  C   . ALA A 1 107 ? 35.340  -13.497 12.224  1.00 38.40 ? 152 ALA A C   1 
ATOM   732 O  O   . ALA A 1 107 ? 36.222  -14.203 12.704  1.00 38.51 ? 152 ALA A O   1 
ATOM   733 C  CB  . ALA A 1 107 ? 33.375  -14.711 11.260  1.00 37.92 ? 152 ALA A CB  1 
ATOM   734 N  N   . MET A 1 108 ? 35.612  -12.342 11.583  1.00 38.97 ? 153 MET A N   1 
ATOM   735 C  CA  . MET A 1 108 ? 36.991  -11.874 11.380  1.00 39.06 ? 153 MET A CA  1 
ATOM   736 C  C   . MET A 1 108 ? 37.595  -11.390 12.704  1.00 38.32 ? 153 MET A C   1 
ATOM   737 O  O   . MET A 1 108 ? 38.753  -11.683 13.009  1.00 38.16 ? 153 MET A O   1 
ATOM   738 C  CB  . MET A 1 108 ? 37.058  -10.761 10.317  1.00 39.73 ? 153 MET A CB  1 
ATOM   739 C  CG  . MET A 1 108 ? 38.446  -10.582 9.785   1.00 43.43 ? 153 MET A CG  1 
ATOM   740 S  SD  . MET A 1 108 ? 38.582  -9.321  8.488   1.00 49.93 ? 153 MET A SD  1 
ATOM   741 C  CE  . MET A 1 108 ? 37.560  -10.080 7.218   1.00 48.45 ? 153 MET A CE  1 
ATOM   742 N  N   . MET A 1 109 ? 36.808  -10.676 13.486  1.00 38.15 ? 154 MET A N   1 
ATOM   743 C  CA  . MET A 1 109 ? 37.239  -10.197 14.797  1.00 39.20 ? 154 MET A CA  1 
ATOM   744 C  C   . MET A 1 109 ? 37.457  -11.386 15.752  1.00 40.73 ? 154 MET A C   1 
ATOM   745 O  O   . MET A 1 109 ? 38.376  -11.334 16.567  1.00 41.61 ? 154 MET A O   1 
ATOM   746 C  CB  . MET A 1 109 ? 36.221  -9.228  15.405  1.00 38.78 ? 154 MET A CB  1 
ATOM   747 C  CG  . MET A 1 109 ? 36.663  -8.650  16.749  1.00 40.45 ? 154 MET A CG  1 
ATOM   748 S  SD  . MET A 1 109 ? 38.127  -7.551  16.641  1.00 44.33 ? 154 MET A SD  1 
ATOM   749 C  CE  . MET A 1 109 ? 37.458  -6.221  15.707  1.00 44.84 ? 154 MET A CE  1 
ATOM   750 N  N   . GLN A 1 110 ? 36.634  -12.443 15.643  1.00 40.84 ? 155 GLN A N   1 
ATOM   751 C  CA  . GLN A 1 110 ? 36.755  -13.652 16.474  1.00 41.80 ? 155 GLN A CA  1 
ATOM   752 C  C   . GLN A 1 110 ? 38.033  -14.402 16.128  1.00 41.90 ? 155 GLN A C   1 
ATOM   753 O  O   . GLN A 1 110 ? 38.738  -14.872 17.025  1.00 42.46 ? 155 GLN A O   1 
ATOM   754 C  CB  . GLN A 1 110 ? 35.540  -14.580 16.291  1.00 44.13 ? 155 GLN A CB  1 
ATOM   755 C  CG  . GLN A 1 110 ? 34.276  -14.109 17.010  1.00 50.10 ? 155 GLN A CG  1 
ATOM   756 C  CD  . GLN A 1 110 ? 33.068  -14.950 16.631  1.00 58.88 ? 155 GLN A CD  1 
ATOM   757 O  OE1 . GLN A 1 110 ? 32.079  -14.463 16.052  1.00 61.06 ? 155 GLN A OE1 1 
ATOM   758 N  NE2 . GLN A 1 110 ? 33.122  -16.239 16.933  1.00 60.49 ? 155 GLN A NE2 1 
ATOM   759 N  N   . ALA A 1 111 ? 38.366  -14.485 14.836  1.00 41.13 ? 156 ALA A N   1 
ATOM   760 C  CA  . ALA A 1 111 ? 39.593  -15.140 14.403  1.00 41.76 ? 156 ALA A CA  1 
ATOM   761 C  C   . ALA A 1 111 ? 40.823  -14.405 14.973  1.00 42.61 ? 156 ALA A C   1 
ATOM   762 O  O   . ALA A 1 111 ? 41.789  -15.053 15.389  1.00 42.77 ? 156 ALA A O   1 
ATOM   763 C  CB  . ALA A 1 111 ? 39.656  -15.192 12.885  1.00 41.52 ? 156 ALA A CB  1 
ATOM   764 N  N   . LEU A 1 112 ? 40.749  -13.063 15.063  1.00 42.48 ? 157 LEU A N   1 
ATOM   765 C  CA  . LEU A 1 112 ? 41.838  -12.262 15.577  1.00 43.01 ? 157 LEU A CA  1 
ATOM   766 C  C   . LEU A 1 112 ? 41.990  -12.400 17.097  1.00 44.58 ? 157 LEU A C   1 
ATOM   767 O  O   . LEU A 1 112 ? 43.066  -12.751 17.563  1.00 44.99 ? 157 LEU A O   1 
ATOM   768 C  CB  . LEU A 1 112 ? 41.701  -10.784 15.160  1.00 42.44 ? 157 LEU A CB  1 
ATOM   769 C  CG  . LEU A 1 112 ? 42.754  -9.845  15.750  1.00 42.69 ? 157 LEU A CG  1 
ATOM   770 C  CD1 . LEU A 1 112 ? 44.153  -10.241 15.297  1.00 43.17 ? 157 LEU A CD1 1 
ATOM   771 C  CD2 . LEU A 1 112 ? 42.449  -8.411  15.452  1.00 42.41 ? 157 LEU A CD2 1 
ATOM   772 N  N   . LEU A 1 113 ? 40.952  -12.069 17.858  1.00 45.35 ? 158 LEU A N   1 
ATOM   773 C  CA  . LEU A 1 113 ? 41.016  -12.119 19.304  1.00 47.18 ? 158 LEU A CA  1 
ATOM   774 C  C   . LEU A 1 113 ? 41.204  -13.538 19.846  1.00 50.12 ? 158 LEU A C   1 
ATOM   775 O  O   . LEU A 1 113 ? 41.868  -13.701 20.870  1.00 50.69 ? 158 LEU A O   1 
ATOM   776 C  CB  . LEU A 1 113 ? 39.803  -11.418 19.917  1.00 46.66 ? 158 LEU A CB  1 
ATOM   777 C  CG  . LEU A 1 113 ? 39.610  -9.969  19.491  1.00 46.82 ? 158 LEU A CG  1 
ATOM   778 C  CD1 . LEU A 1 113 ? 38.354  -9.410  20.080  1.00 47.05 ? 158 LEU A CD1 1 
ATOM   779 C  CD2 . LEU A 1 113 ? 40.816  -9.105  19.867  1.00 47.00 ? 158 LEU A CD2 1 
ATOM   780 N  N   . GLY A 1 114 ? 40.707  -14.539 19.124  1.00 51.73 ? 159 GLY A N   1 
ATOM   781 C  CA  . GLY A 1 114 ? 40.830  -15.934 19.525  1.00 54.75 ? 159 GLY A CA  1 
ATOM   782 C  C   . GLY A 1 114 ? 42.117  -16.630 19.109  1.00 58.23 ? 159 GLY A C   1 
ATOM   783 O  O   . GLY A 1 114 ? 42.320  -17.797 19.456  1.00 59.22 ? 159 GLY A O   1 
ATOM   784 N  N   . ALA A 1 115 ? 43.002  -15.945 18.361  1.00 59.62 ? 160 ALA A N   1 
ATOM   785 C  CA  . ALA A 1 115 ? 44.262  -16.559 17.921  1.00 61.52 ? 160 ALA A CA  1 
ATOM   786 C  C   . ALA A 1 115 ? 45.249  -16.762 19.091  1.00 63.88 ? 160 ALA A C   1 
ATOM   787 O  O   . ALA A 1 115 ? 45.479  -15.844 19.885  1.00 63.84 ? 160 ALA A O   1 
ATOM   788 C  CB  . ALA A 1 115 ? 44.905  -15.733 16.827  1.00 61.31 ? 160 ALA A CB  1 
ATOM   789 N  N   . ARG A 1 116 ? 45.819  -17.976 19.198  1.00 65.54 ? 161 ARG A N   1 
ATOM   790 C  CA  . ARG A 1 116 ? 46.755  -18.320 20.276  1.00 67.27 ? 161 ARG A CA  1 
ATOM   791 C  C   . ARG A 1 116 ? 48.122  -17.658 20.084  1.00 68.45 ? 161 ARG A C   1 
ATOM   792 O  O   . ARG A 1 116 ? 48.686  -17.712 18.990  1.00 69.10 ? 161 ARG A O   1 
ATOM   793 C  CB  . ARG A 1 116 ? 46.906  -19.844 20.396  1.00 68.82 ? 161 ARG A CB  1 
HETATM 794 CA CA  . CA  B 2 .   ? -17.026 2.343   1.782   1.00 49.93 2 201 CA  A CA  1 
HETATM 795 O  O   . HOH C 3 .   ? -20.033 4.219   -6.366  1.00 51.46 ? 301 HOH A O   1 
HETATM 796 O  O   . HOH C 3 .   ? -10.119 -1.550  -18.057 1.00 48.13 ? 302 HOH A O   1 
HETATM 797 O  O   . HOH C 3 .   ? -11.365 -4.011  -6.102  1.00 51.71 ? 303 HOH A O   1 
HETATM 798 O  O   . HOH C 3 .   ? 36.572  -16.806 12.604  1.00 50.14 ? 304 HOH A O   1 
HETATM 799 O  O   . HOH C 3 .   ? -4.108  16.933  -1.202  1.00 43.06 ? 305 HOH A O   1 
HETATM 800 O  O   . HOH C 3 .   ? -3.787  2.211   -19.287 1.00 44.29 ? 306 HOH A O   1 
HETATM 801 O  O   . HOH C 3 .   ? -8.178  1.536   -23.420 1.00 66.23 ? 307 HOH A O   1 
HETATM 802 O  O   . HOH C 3 .   ? -16.909 8.536   -14.673 1.00 51.39 ? 308 HOH A O   1 
HETATM 803 O  O   . HOH C 3 .   ? 51.346  -18.170 18.889  1.00 72.24 ? 309 HOH A O   1 
HETATM 804 O  O   . HOH C 3 .   ? -18.083 9.954   -3.904  1.00 57.10 ? 310 HOH A O   1 
HETATM 805 O  O   . HOH C 3 .   ? -10.520 -4.575  0.959   1.00 60.67 ? 311 HOH A O   1 
HETATM 806 O  O   . HOH C 3 .   ? -10.532 -2.164  1.675   1.00 49.40 ? 312 HOH A O   1 
HETATM 807 O  O   . HOH C 3 .   ? 35.035  -18.236 17.246  1.00 66.81 ? 313 HOH A O   1 
HETATM 808 O  O   . HOH C 3 .   ? -17.242 17.483  -9.067  1.00 50.87 ? 314 HOH A O   1 
HETATM 809 O  O   . HOH C 3 .   ? -20.739 2.001   -12.581 1.00 58.66 ? 315 HOH A O   1 
HETATM 810 O  O   . HOH C 3 .   ? -5.048  15.293  4.045   1.00 67.17 ? 316 HOH A O   1 
HETATM 811 O  O   . HOH C 3 .   ? -16.803 4.208   3.210   1.00 55.54 ? 317 HOH A O   1 
HETATM 812 O  O   . HOH C 3 .   ? -13.601 -3.899  -19.715 1.00 53.85 ? 318 HOH A O   1 
HETATM 813 O  O   . HOH C 3 .   ? -19.257 11.453  -6.536  1.00 62.45 ? 319 HOH A O   1 
HETATM 814 O  O   . HOH C 3 .   ? -12.014 13.036  -8.890  1.00 47.00 ? 320 HOH A O   1 
HETATM 815 O  O   . HOH C 3 .   ? -19.448 12.697  -3.971  1.00 59.04 ? 321 HOH A O   1 
HETATM 816 O  O   . HOH C 3 .   ? -13.202 15.434  -1.542  1.00 48.02 ? 322 HOH A O   1 
HETATM 817 O  O   . HOH C 3 .   ? -16.733 -9.192  -8.802  1.00 58.96 ? 323 HOH A O   1 
HETATM 818 O  O   . HOH C 3 .   ? -12.213 9.118   3.606   1.00 61.54 ? 324 HOH A O   1 
HETATM 819 O  O   . HOH C 3 .   ? -9.723  14.263  0.949   1.00 63.43 ? 325 HOH A O   1 
HETATM 820 O  O   . HOH C 3 .   ? -14.756 1.120   6.299   1.00 70.60 ? 326 HOH A O   1 
HETATM 821 O  O   . HOH C 3 .   ? 32.905  -10.082 19.344  1.00 76.05 ? 327 HOH A O   1 
HETATM 822 O  O   . HOH C 3 .   ? -17.689 1.004   -21.880 1.00 59.69 ? 328 HOH A O   1 
# 
